data_2N50
#
_entry.id   2N50
#
_entity_poly.entity_id   1
_entity_poly.type   'polypeptide(L)'
_entity_poly.pdbx_seq_one_letter_code
;MTREEVLQKVAKIISNHFDIEADQVTDQLNIKDDLNADSISVMEFVLELEDEFGTEISDEDAEKIETVGAAVDYIVSNS
;
_entity_poly.pdbx_strand_id   A
#
# COMPACT_ATOMS: atom_id res chain seq x y z
N MET A 1 13.21 4.28 -1.32
CA MET A 1 13.66 3.19 -2.17
C MET A 1 13.77 1.89 -1.38
N THR A 2 14.13 2.01 -0.10
CA THR A 2 14.27 0.84 0.76
C THR A 2 12.94 0.50 1.44
N ARG A 3 12.92 -0.62 2.15
CA ARG A 3 11.72 -1.06 2.85
C ARG A 3 11.28 -0.02 3.87
N GLU A 4 12.25 0.64 4.49
CA GLU A 4 11.96 1.67 5.50
C GLU A 4 11.22 2.85 4.87
N GLU A 5 11.89 3.53 3.93
CA GLU A 5 11.31 4.68 3.26
C GLU A 5 9.92 4.33 2.71
N VAL A 6 9.84 3.20 2.01
CA VAL A 6 8.57 2.76 1.43
C VAL A 6 7.52 2.52 2.51
N LEU A 7 7.86 1.68 3.48
CA LEU A 7 6.95 1.36 4.57
C LEU A 7 6.41 2.64 5.22
N GLN A 8 7.31 3.57 5.51
CA GLN A 8 6.93 4.84 6.12
C GLN A 8 5.95 5.61 5.23
N LYS A 9 6.41 5.95 4.03
CA LYS A 9 5.58 6.68 3.09
C LYS A 9 4.19 6.06 2.99
N VAL A 10 4.13 4.79 2.58
CA VAL A 10 2.87 4.09 2.45
C VAL A 10 2.01 4.24 3.70
N ALA A 11 2.63 4.03 4.86
CA ALA A 11 1.93 4.16 6.13
C ALA A 11 1.41 5.58 6.35
N LYS A 12 2.19 6.55 5.87
CA LYS A 12 1.81 7.95 6.01
C LYS A 12 0.68 8.31 5.05
N ILE A 13 0.95 8.18 3.75
CA ILE A 13 -0.05 8.49 2.73
C ILE A 13 -1.36 7.77 3.02
N ILE A 14 -1.27 6.55 3.52
CA ILE A 14 -2.45 5.75 3.83
C ILE A 14 -3.13 6.27 5.09
N SER A 15 -2.35 6.47 6.15
CA SER A 15 -2.87 6.96 7.42
C SER A 15 -3.37 8.40 7.29
N ASN A 16 -3.00 9.05 6.18
CA ASN A 16 -3.41 10.42 5.94
C ASN A 16 -4.66 10.47 5.07
N HIS A 17 -4.70 9.62 4.05
CA HIS A 17 -5.84 9.57 3.15
C HIS A 17 -7.08 9.02 3.87
N PHE A 18 -6.90 7.92 4.59
CA PHE A 18 -8.00 7.30 5.33
C PHE A 18 -7.99 7.74 6.79
N ASP A 19 -8.86 7.13 7.58
CA ASP A 19 -8.95 7.45 9.00
C ASP A 19 -8.27 6.39 9.85
N ILE A 20 -7.36 5.65 9.23
CA ILE A 20 -6.63 4.59 9.93
C ILE A 20 -5.46 5.17 10.74
N GLU A 21 -5.00 4.39 11.72
CA GLU A 21 -3.89 4.83 12.56
C GLU A 21 -2.55 4.40 11.96
N ALA A 22 -1.67 5.37 11.75
CA ALA A 22 -0.36 5.10 11.17
C ALA A 22 0.42 4.11 12.04
N ASP A 23 -0.01 3.96 13.29
CA ASP A 23 0.65 3.04 14.22
C ASP A 23 -0.07 1.70 14.25
N GLN A 24 -1.38 1.73 14.00
CA GLN A 24 -2.18 0.51 14.01
C GLN A 24 -2.02 -0.25 12.70
N VAL A 25 -1.81 0.48 11.62
CA VAL A 25 -1.63 -0.12 10.30
C VAL A 25 -0.68 -1.31 10.36
N THR A 26 -1.23 -2.52 10.28
CA THR A 26 -0.43 -3.73 10.33
C THR A 26 -0.67 -4.60 9.10
N ASP A 27 0.25 -5.53 8.86
CA ASP A 27 0.13 -6.43 7.71
C ASP A 27 -1.11 -7.30 7.83
N GLN A 28 -1.66 -7.39 9.04
CA GLN A 28 -2.84 -8.20 9.28
C GLN A 28 -4.10 -7.34 9.29
N LEU A 29 -3.97 -6.12 8.78
CA LEU A 29 -5.10 -5.18 8.72
C LEU A 29 -5.17 -4.50 7.36
N ASN A 30 -5.63 -5.23 6.36
CA ASN A 30 -5.76 -4.69 5.01
C ASN A 30 -6.60 -3.41 5.01
N ILE A 31 -6.03 -2.34 4.46
CA ILE A 31 -6.73 -1.06 4.38
C ILE A 31 -7.92 -1.13 3.45
N LYS A 32 -7.73 -1.76 2.29
CA LYS A 32 -8.79 -1.90 1.31
C LYS A 32 -10.08 -2.39 1.97
N ASP A 33 -9.95 -3.38 2.85
CA ASP A 33 -11.11 -3.94 3.55
C ASP A 33 -11.40 -3.16 4.82
N ASP A 34 -10.40 -3.07 5.71
CA ASP A 34 -10.55 -2.35 6.96
C ASP A 34 -11.21 -0.99 6.74
N LEU A 35 -10.58 -0.18 5.89
CA LEU A 35 -11.10 1.14 5.59
C LEU A 35 -12.22 1.08 4.55
N ASN A 36 -12.29 -0.04 3.84
CA ASN A 36 -13.31 -0.24 2.82
C ASN A 36 -13.12 0.74 1.66
N ALA A 37 -11.88 1.15 1.44
CA ALA A 37 -11.56 2.07 0.36
C ALA A 37 -12.20 1.63 -0.95
N ASP A 38 -12.65 2.59 -1.74
CA ASP A 38 -13.28 2.30 -3.03
C ASP A 38 -12.31 1.59 -3.96
N SER A 39 -12.81 1.15 -5.11
CA SER A 39 -11.99 0.44 -6.09
C SER A 39 -11.17 1.43 -6.92
N ILE A 40 -11.86 2.45 -7.45
CA ILE A 40 -11.20 3.46 -8.27
C ILE A 40 -9.96 4.01 -7.57
N SER A 41 -10.11 4.32 -6.29
CA SER A 41 -9.00 4.85 -5.50
C SER A 41 -7.75 3.99 -5.66
N VAL A 42 -7.95 2.68 -5.77
CA VAL A 42 -6.84 1.75 -5.91
C VAL A 42 -5.96 2.12 -7.11
N MET A 43 -6.61 2.58 -8.19
CA MET A 43 -5.88 2.98 -9.39
C MET A 43 -4.95 4.15 -9.10
N GLU A 44 -5.29 4.92 -8.07
CA GLU A 44 -4.47 6.08 -7.70
C GLU A 44 -3.35 5.67 -6.76
N PHE A 45 -3.70 4.96 -5.70
CA PHE A 45 -2.71 4.50 -4.73
C PHE A 45 -1.65 3.64 -5.38
N VAL A 46 -2.09 2.75 -6.27
CA VAL A 46 -1.17 1.86 -6.98
C VAL A 46 -0.24 2.64 -7.91
N LEU A 47 -0.67 3.85 -8.27
CA LEU A 47 0.12 4.70 -9.15
C LEU A 47 1.21 5.43 -8.37
N GLU A 48 0.80 6.17 -7.34
CA GLU A 48 1.74 6.92 -6.51
C GLU A 48 2.88 6.02 -6.04
N LEU A 49 2.53 4.84 -5.54
CA LEU A 49 3.51 3.88 -5.05
C LEU A 49 4.45 3.45 -6.18
N GLU A 50 3.89 3.27 -7.38
CA GLU A 50 4.67 2.86 -8.52
C GLU A 50 5.57 3.99 -9.02
N ASP A 51 5.14 5.23 -8.78
CA ASP A 51 5.91 6.39 -9.20
C ASP A 51 6.99 6.72 -8.17
N GLU A 52 6.56 7.02 -6.95
CA GLU A 52 7.50 7.35 -5.88
C GLU A 52 8.61 6.31 -5.77
N PHE A 53 8.21 5.07 -5.51
CA PHE A 53 9.17 3.98 -5.39
C PHE A 53 9.78 3.63 -6.74
N GLY A 54 9.03 3.88 -7.82
CA GLY A 54 9.52 3.59 -9.15
C GLY A 54 9.51 2.11 -9.46
N THR A 55 8.34 1.48 -9.33
CA THR A 55 8.21 0.06 -9.60
C THR A 55 6.93 -0.24 -10.36
N GLU A 56 6.98 -1.25 -11.22
CA GLU A 56 5.81 -1.63 -12.01
C GLU A 56 4.92 -2.60 -11.24
N ILE A 57 3.66 -2.23 -11.07
CA ILE A 57 2.70 -3.06 -10.34
C ILE A 57 1.71 -3.72 -11.30
N SER A 58 1.70 -5.05 -11.31
CA SER A 58 0.80 -5.79 -12.18
C SER A 58 -0.64 -5.37 -11.96
N ASP A 59 -1.51 -5.72 -12.90
CA ASP A 59 -2.93 -5.38 -12.81
C ASP A 59 -3.67 -6.35 -11.90
N GLU A 60 -3.17 -7.59 -11.84
CA GLU A 60 -3.79 -8.61 -11.01
C GLU A 60 -3.33 -8.48 -9.56
N ASP A 61 -2.03 -8.63 -9.34
CA ASP A 61 -1.47 -8.53 -8.00
C ASP A 61 -1.87 -7.22 -7.33
N ALA A 62 -2.10 -6.19 -8.14
CA ALA A 62 -2.50 -4.89 -7.64
C ALA A 62 -3.77 -4.98 -6.81
N GLU A 63 -4.50 -6.08 -6.98
CA GLU A 63 -5.75 -6.29 -6.25
C GLU A 63 -5.48 -6.94 -4.90
N LYS A 64 -4.34 -7.62 -4.79
CA LYS A 64 -3.96 -8.29 -3.55
C LYS A 64 -3.03 -7.42 -2.72
N ILE A 65 -2.06 -6.80 -3.39
CA ILE A 65 -1.10 -5.92 -2.71
C ILE A 65 -1.75 -4.59 -2.33
N GLU A 66 -2.78 -4.66 -1.50
CA GLU A 66 -3.48 -3.46 -1.05
C GLU A 66 -3.45 -3.34 0.46
N THR A 67 -2.58 -4.12 1.10
CA THR A 67 -2.45 -4.10 2.56
C THR A 67 -1.09 -3.56 2.98
N VAL A 68 -0.99 -3.18 4.25
CA VAL A 68 0.26 -2.64 4.79
C VAL A 68 1.44 -3.54 4.44
N GLY A 69 1.28 -4.83 4.68
CA GLY A 69 2.33 -5.78 4.39
C GLY A 69 2.36 -6.19 2.92
N ALA A 70 1.17 -6.45 2.38
CA ALA A 70 1.06 -6.86 0.98
C ALA A 70 1.62 -5.79 0.05
N ALA A 71 1.77 -4.57 0.57
CA ALA A 71 2.30 -3.47 -0.21
C ALA A 71 3.83 -3.44 -0.16
N VAL A 72 4.36 -3.17 1.02
CA VAL A 72 5.82 -3.11 1.20
C VAL A 72 6.48 -4.40 0.74
N ASP A 73 5.85 -5.53 1.05
CA ASP A 73 6.38 -6.84 0.68
C ASP A 73 6.50 -6.95 -0.84
N TYR A 74 5.71 -6.17 -1.56
CA TYR A 74 5.73 -6.18 -3.02
C TYR A 74 6.74 -5.18 -3.56
N ILE A 75 6.63 -3.93 -3.12
CA ILE A 75 7.53 -2.88 -3.56
C ILE A 75 8.98 -3.24 -3.24
N VAL A 76 9.20 -3.78 -2.04
CA VAL A 76 10.54 -4.16 -1.62
C VAL A 76 11.04 -5.37 -2.40
N SER A 77 10.31 -6.49 -2.28
CA SER A 77 10.68 -7.71 -2.97
C SER A 77 10.90 -7.46 -4.46
N ASN A 78 10.18 -6.47 -4.99
CA ASN A 78 10.30 -6.13 -6.40
C ASN A 78 11.50 -5.19 -6.64
N SER A 79 11.73 -4.30 -5.69
CA SER A 79 12.83 -3.34 -5.80
C SER A 79 12.65 -2.44 -7.01
N MET A 1 12.37 4.66 -1.95
CA MET A 1 13.17 3.72 -2.73
C MET A 1 13.44 2.45 -1.93
N THR A 2 13.88 2.61 -0.68
CA THR A 2 14.19 1.49 0.18
C THR A 2 12.95 1.06 0.98
N ARG A 3 13.06 -0.06 1.68
CA ARG A 3 11.96 -0.58 2.47
C ARG A 3 11.50 0.45 3.50
N GLU A 4 12.45 1.22 4.03
CA GLU A 4 12.14 2.24 5.03
C GLU A 4 11.27 3.34 4.43
N GLU A 5 11.82 4.04 3.43
CA GLU A 5 11.09 5.12 2.77
C GLU A 5 9.71 4.66 2.33
N VAL A 6 9.64 3.46 1.77
CA VAL A 6 8.38 2.90 1.30
C VAL A 6 7.41 2.70 2.46
N LEU A 7 7.85 2.00 3.50
CA LEU A 7 7.02 1.74 4.66
C LEU A 7 6.45 3.04 5.22
N GLN A 8 7.31 4.05 5.35
CA GLN A 8 6.88 5.34 5.87
C GLN A 8 5.81 5.96 4.97
N LYS A 9 6.16 6.21 3.72
CA LYS A 9 5.23 6.80 2.76
C LYS A 9 3.88 6.08 2.82
N VAL A 10 3.88 4.79 2.53
CA VAL A 10 2.66 3.99 2.55
C VAL A 10 1.87 4.23 3.84
N ALA A 11 2.58 4.20 4.96
CA ALA A 11 1.95 4.40 6.27
C ALA A 11 1.35 5.81 6.37
N LYS A 12 2.02 6.78 5.77
CA LYS A 12 1.56 8.16 5.79
C LYS A 12 0.36 8.35 4.87
N ILE A 13 0.57 8.10 3.58
CA ILE A 13 -0.48 8.23 2.59
C ILE A 13 -1.74 7.48 3.02
N ILE A 14 -1.55 6.31 3.61
CA ILE A 14 -2.67 5.50 4.07
C ILE A 14 -3.31 6.10 5.32
N SER A 15 -2.47 6.47 6.28
CA SER A 15 -2.95 7.06 7.52
C SER A 15 -3.59 8.42 7.27
N ASN A 16 -3.31 8.99 6.11
CA ASN A 16 -3.87 10.29 5.74
C ASN A 16 -5.15 10.13 4.93
N HIS A 17 -5.13 9.22 3.96
CA HIS A 17 -6.29 8.97 3.12
C HIS A 17 -7.42 8.33 3.93
N PHE A 18 -7.08 7.31 4.71
CA PHE A 18 -8.07 6.62 5.54
C PHE A 18 -8.08 7.18 6.95
N ASP A 19 -8.90 6.58 7.82
CA ASP A 19 -9.00 7.02 9.20
C ASP A 19 -8.19 6.11 10.12
N ILE A 20 -7.21 5.41 9.56
CA ILE A 20 -6.37 4.51 10.33
C ILE A 20 -5.25 5.28 11.04
N GLU A 21 -4.69 4.66 12.06
CA GLU A 21 -3.61 5.29 12.82
C GLU A 21 -2.25 4.94 12.22
N ALA A 22 -1.47 5.96 11.89
CA ALA A 22 -0.15 5.78 11.31
C ALA A 22 0.73 4.93 12.22
N ASP A 23 0.36 4.84 13.49
CA ASP A 23 1.12 4.07 14.47
C ASP A 23 0.53 2.67 14.62
N GLN A 24 -0.78 2.54 14.40
CA GLN A 24 -1.46 1.25 14.52
C GLN A 24 -1.27 0.44 13.24
N VAL A 25 -1.18 1.12 12.11
CA VAL A 25 -1.01 0.46 10.82
C VAL A 25 0.07 -0.62 10.90
N THR A 26 -0.36 -1.87 10.87
CA THR A 26 0.57 -2.99 10.95
C THR A 26 0.29 -4.01 9.84
N ASP A 27 1.23 -4.91 9.62
CA ASP A 27 1.09 -5.94 8.59
C ASP A 27 -0.07 -6.86 8.91
N GLN A 28 -0.53 -6.82 10.15
CA GLN A 28 -1.64 -7.67 10.59
C GLN A 28 -2.96 -6.90 10.55
N LEU A 29 -2.95 -5.75 9.87
CA LEU A 29 -4.14 -4.92 9.76
C LEU A 29 -4.36 -4.47 8.31
N ASN A 30 -4.84 -5.38 7.47
CA ASN A 30 -5.09 -5.07 6.07
C ASN A 30 -6.11 -3.94 5.93
N ILE A 31 -5.68 -2.83 5.34
CA ILE A 31 -6.55 -1.68 5.15
C ILE A 31 -7.75 -2.04 4.27
N LYS A 32 -7.51 -2.90 3.28
CA LYS A 32 -8.57 -3.33 2.37
C LYS A 32 -9.80 -3.79 3.15
N ASP A 33 -9.59 -4.71 4.09
CA ASP A 33 -10.69 -5.23 4.90
C ASP A 33 -10.92 -4.35 6.13
N ASP A 34 -9.88 -4.17 6.93
CA ASP A 34 -9.97 -3.36 8.13
C ASP A 34 -10.70 -2.05 7.84
N LEU A 35 -10.19 -1.29 6.88
CA LEU A 35 -10.79 -0.02 6.50
C LEU A 35 -11.95 -0.22 5.53
N ASN A 36 -12.01 -1.41 4.93
CA ASN A 36 -13.07 -1.74 3.99
C ASN A 36 -12.98 -0.87 2.74
N ALA A 37 -11.77 -0.40 2.44
CA ALA A 37 -11.54 0.44 1.28
C ALA A 37 -12.18 -0.18 0.03
N ASP A 38 -12.67 0.68 -0.86
CA ASP A 38 -13.30 0.22 -2.09
C ASP A 38 -12.29 -0.50 -2.99
N SER A 39 -12.80 -1.16 -4.02
CA SER A 39 -11.94 -1.89 -4.95
C SER A 39 -11.28 -0.94 -5.94
N ILE A 40 -12.09 -0.08 -6.56
CA ILE A 40 -11.57 0.88 -7.53
C ILE A 40 -10.39 1.66 -6.96
N SER A 41 -10.51 2.09 -5.71
CA SER A 41 -9.45 2.85 -5.05
C SER A 41 -8.11 2.13 -5.19
N VAL A 42 -8.15 0.80 -5.14
CA VAL A 42 -6.94 -0.01 -5.25
C VAL A 42 -6.17 0.36 -6.51
N MET A 43 -6.89 0.63 -7.59
CA MET A 43 -6.26 0.98 -8.86
C MET A 43 -5.45 2.28 -8.72
N GLU A 44 -5.85 3.12 -7.78
CA GLU A 44 -5.16 4.39 -7.54
C GLU A 44 -3.98 4.20 -6.59
N PHE A 45 -4.24 3.58 -5.44
CA PHE A 45 -3.20 3.34 -4.46
C PHE A 45 -2.05 2.53 -5.05
N VAL A 46 -2.39 1.59 -5.93
CA VAL A 46 -1.39 0.75 -6.57
C VAL A 46 -0.57 1.55 -7.58
N LEU A 47 -1.13 2.66 -8.04
CA LEU A 47 -0.46 3.52 -9.01
C LEU A 47 0.53 4.44 -8.32
N GLU A 48 0.08 5.12 -7.27
CA GLU A 48 0.93 6.04 -6.52
C GLU A 48 2.17 5.32 -5.98
N LEU A 49 1.95 4.11 -5.47
CA LEU A 49 3.05 3.31 -4.92
C LEU A 49 4.02 2.89 -6.02
N GLU A 50 3.51 2.20 -7.03
CA GLU A 50 4.34 1.75 -8.13
C GLU A 50 4.99 2.92 -8.85
N ASP A 51 4.42 4.10 -8.67
CA ASP A 51 4.94 5.32 -9.30
C ASP A 51 6.06 5.93 -8.46
N GLU A 52 5.72 6.35 -7.25
CA GLU A 52 6.69 6.95 -6.34
C GLU A 52 7.91 6.05 -6.18
N PHE A 53 7.67 4.81 -5.78
CA PHE A 53 8.74 3.84 -5.58
C PHE A 53 9.43 3.52 -6.91
N GLY A 54 8.69 3.65 -8.00
CA GLY A 54 9.24 3.37 -9.31
C GLY A 54 9.44 1.88 -9.55
N THR A 55 8.37 1.12 -9.43
CA THR A 55 8.42 -0.33 -9.63
C THR A 55 7.19 -0.82 -10.38
N GLU A 56 7.26 -2.06 -10.87
CA GLU A 56 6.15 -2.66 -11.61
C GLU A 56 5.34 -3.59 -10.71
N ILE A 57 4.05 -3.29 -10.58
CA ILE A 57 3.16 -4.10 -9.76
C ILE A 57 2.24 -4.97 -10.61
N SER A 58 2.40 -6.28 -10.51
CA SER A 58 1.58 -7.21 -11.28
C SER A 58 0.09 -6.95 -11.05
N ASP A 59 -0.74 -7.47 -11.95
CA ASP A 59 -2.18 -7.30 -11.84
C ASP A 59 -2.78 -8.31 -10.85
N GLU A 60 -2.03 -9.38 -10.60
CA GLU A 60 -2.49 -10.42 -9.68
C GLU A 60 -2.14 -10.06 -8.23
N ASP A 61 -0.85 -9.94 -7.96
CA ASP A 61 -0.38 -9.60 -6.63
C ASP A 61 -0.97 -8.28 -6.16
N ALA A 62 -1.37 -7.44 -7.11
CA ALA A 62 -1.95 -6.15 -6.80
C ALA A 62 -3.08 -6.28 -5.80
N GLU A 63 -3.67 -7.48 -5.72
CA GLU A 63 -4.77 -7.73 -4.80
C GLU A 63 -4.25 -8.18 -3.44
N LYS A 64 -3.10 -8.86 -3.44
CA LYS A 64 -2.49 -9.34 -2.21
C LYS A 64 -1.33 -8.45 -1.80
N ILE A 65 -1.46 -7.16 -2.06
CA ILE A 65 -0.42 -6.19 -1.70
C ILE A 65 -1.02 -4.84 -1.35
N GLU A 66 -2.19 -4.86 -0.71
CA GLU A 66 -2.86 -3.63 -0.30
C GLU A 66 -2.71 -3.39 1.19
N THR A 67 -2.10 -4.35 1.89
CA THR A 67 -1.89 -4.24 3.32
C THR A 67 -0.52 -3.65 3.64
N VAL A 68 -0.37 -3.14 4.86
CA VAL A 68 0.88 -2.55 5.29
C VAL A 68 2.06 -3.47 4.99
N GLY A 69 1.91 -4.73 5.35
CA GLY A 69 2.98 -5.70 5.11
C GLY A 69 2.97 -6.23 3.69
N ALA A 70 1.79 -6.60 3.21
CA ALA A 70 1.65 -7.13 1.85
C ALA A 70 2.14 -6.10 0.82
N ALA A 71 2.25 -4.86 1.23
CA ALA A 71 2.70 -3.80 0.35
C ALA A 71 4.23 -3.69 0.35
N VAL A 72 4.78 -3.29 1.50
CA VAL A 72 6.23 -3.15 1.63
C VAL A 72 6.94 -4.45 1.27
N ASP A 73 6.36 -5.58 1.67
CA ASP A 73 6.93 -6.89 1.38
C ASP A 73 6.98 -7.14 -0.11
N TYR A 74 6.09 -6.48 -0.85
CA TYR A 74 6.03 -6.64 -2.30
C TYR A 74 6.95 -5.64 -3.00
N ILE A 75 6.78 -4.37 -2.67
CA ILE A 75 7.60 -3.31 -3.26
C ILE A 75 9.08 -3.55 -3.02
N VAL A 76 9.41 -3.98 -1.80
CA VAL A 76 10.80 -4.25 -1.43
C VAL A 76 11.31 -5.50 -2.13
N SER A 77 10.66 -6.63 -1.85
CA SER A 77 11.05 -7.90 -2.44
C SER A 77 11.17 -7.79 -3.95
N ASN A 78 10.37 -6.91 -4.53
CA ASN A 78 10.37 -6.69 -5.98
C ASN A 78 11.47 -5.72 -6.37
N SER A 79 11.71 -4.73 -5.52
CA SER A 79 12.74 -3.73 -5.78
C SER A 79 12.47 -3.01 -7.10
N MET A 1 12.36 4.10 -1.92
CA MET A 1 12.92 3.03 -2.74
C MET A 1 13.12 1.76 -1.91
N THR A 2 13.57 1.94 -0.67
CA THR A 2 13.82 0.81 0.22
C THR A 2 12.56 0.45 1.00
N ARG A 3 12.63 -0.66 1.74
CA ARG A 3 11.50 -1.11 2.54
C ARG A 3 11.07 -0.05 3.54
N GLU A 4 12.05 0.68 4.07
CA GLU A 4 11.78 1.73 5.05
C GLU A 4 10.97 2.86 4.43
N GLU A 5 11.55 3.51 3.43
CA GLU A 5 10.87 4.62 2.75
C GLU A 5 9.46 4.20 2.32
N VAL A 6 9.36 3.01 1.73
CA VAL A 6 8.07 2.50 1.26
C VAL A 6 7.10 2.33 2.41
N LEU A 7 7.52 1.62 3.44
CA LEU A 7 6.69 1.38 4.62
C LEU A 7 6.16 2.70 5.19
N GLN A 8 7.06 3.67 5.33
CA GLN A 8 6.68 4.97 5.86
C GLN A 8 5.62 5.63 4.98
N LYS A 9 5.97 5.87 3.72
CA LYS A 9 5.05 6.50 2.78
C LYS A 9 3.67 5.84 2.84
N VAL A 10 3.63 4.54 2.56
CA VAL A 10 2.38 3.79 2.58
C VAL A 10 1.62 4.04 3.88
N ALA A 11 2.33 3.98 4.99
CA ALA A 11 1.73 4.20 6.30
C ALA A 11 1.17 5.62 6.42
N LYS A 12 1.88 6.58 5.82
CA LYS A 12 1.47 7.97 5.86
C LYS A 12 0.26 8.21 4.96
N ILE A 13 0.46 7.96 3.65
CA ILE A 13 -0.62 8.14 2.69
C ILE A 13 -1.89 7.43 3.13
N ILE A 14 -1.72 6.24 3.71
CA ILE A 14 -2.86 5.46 4.18
C ILE A 14 -3.47 6.06 5.43
N SER A 15 -2.61 6.43 6.39
CA SER A 15 -3.07 7.03 7.64
C SER A 15 -3.66 8.41 7.40
N ASN A 16 -3.37 8.97 6.22
CA ASN A 16 -3.89 10.29 5.87
C ASN A 16 -5.15 10.18 5.04
N HIS A 17 -5.14 9.27 4.07
CA HIS A 17 -6.30 9.06 3.20
C HIS A 17 -7.46 8.46 3.98
N PHE A 18 -7.17 7.42 4.77
CA PHE A 18 -8.19 6.74 5.57
C PHE A 18 -8.19 7.27 7.00
N ASP A 19 -9.02 6.67 7.84
CA ASP A 19 -9.12 7.08 9.23
C ASP A 19 -8.38 6.11 10.14
N ILE A 20 -7.43 5.38 9.56
CA ILE A 20 -6.65 4.40 10.31
C ILE A 20 -5.49 5.08 11.05
N GLU A 21 -4.96 4.40 12.06
CA GLU A 21 -3.85 4.94 12.85
C GLU A 21 -2.52 4.53 12.24
N ALA A 22 -1.67 5.52 11.97
CA ALA A 22 -0.35 5.27 11.40
C ALA A 22 0.46 4.33 12.28
N ASP A 23 0.07 4.22 13.54
CA ASP A 23 0.76 3.35 14.48
C ASP A 23 0.07 1.99 14.59
N GLN A 24 -1.24 1.98 14.34
CA GLN A 24 -2.02 0.76 14.41
C GLN A 24 -1.86 -0.06 13.13
N VAL A 25 -1.67 0.63 12.01
CA VAL A 25 -1.51 -0.02 10.72
C VAL A 25 -0.51 -1.17 10.81
N THR A 26 -1.02 -2.40 10.79
CA THR A 26 -0.19 -3.58 10.87
C THR A 26 -0.47 -4.54 9.72
N ASP A 27 0.46 -5.46 9.48
CA ASP A 27 0.31 -6.43 8.41
C ASP A 27 -0.89 -7.34 8.65
N GLN A 28 -1.38 -7.34 9.89
CA GLN A 28 -2.53 -8.16 10.25
C GLN A 28 -3.81 -7.33 10.26
N LEU A 29 -3.75 -6.15 9.63
CA LEU A 29 -4.91 -5.26 9.56
C LEU A 29 -5.07 -4.69 8.16
N ASN A 30 -5.56 -5.52 7.24
CA ASN A 30 -5.76 -5.09 5.86
C ASN A 30 -6.66 -3.86 5.80
N ILE A 31 -6.18 -2.82 5.14
CA ILE A 31 -6.95 -1.58 5.00
C ILE A 31 -8.17 -1.78 4.12
N LYS A 32 -7.98 -2.50 3.01
CA LYS A 32 -9.08 -2.76 2.07
C LYS A 32 -10.31 -3.24 2.82
N ASP A 33 -10.11 -4.15 3.77
CA ASP A 33 -11.21 -4.69 4.55
C ASP A 33 -11.50 -3.82 5.78
N ASP A 34 -10.47 -3.64 6.60
CA ASP A 34 -10.61 -2.82 7.81
C ASP A 34 -11.33 -1.50 7.50
N LEU A 35 -10.78 -0.74 6.57
CA LEU A 35 -11.36 0.54 6.18
C LEU A 35 -12.51 0.33 5.19
N ASN A 36 -12.55 -0.84 4.57
CA ASN A 36 -13.60 -1.17 3.61
C ASN A 36 -13.48 -0.28 2.37
N ALA A 37 -12.26 0.16 2.08
CA ALA A 37 -12.01 1.00 0.91
C ALA A 37 -12.66 0.42 -0.33
N ASP A 38 -13.11 1.30 -1.22
CA ASP A 38 -13.75 0.87 -2.47
C ASP A 38 -12.78 0.10 -3.35
N SER A 39 -13.32 -0.65 -4.30
CA SER A 39 -12.50 -1.43 -5.21
C SER A 39 -11.75 -0.55 -6.19
N ILE A 40 -12.49 0.35 -6.85
CA ILE A 40 -11.90 1.26 -7.82
C ILE A 40 -10.71 2.00 -7.21
N SER A 41 -10.84 2.40 -5.96
CA SER A 41 -9.78 3.12 -5.27
C SER A 41 -8.45 2.38 -5.39
N VAL A 42 -8.52 1.05 -5.37
CA VAL A 42 -7.32 0.22 -5.49
C VAL A 42 -6.51 0.60 -6.72
N MET A 43 -7.20 0.92 -7.81
CA MET A 43 -6.54 1.31 -9.05
C MET A 43 -5.70 2.56 -8.85
N GLU A 44 -6.09 3.39 -7.88
CA GLU A 44 -5.37 4.63 -7.59
C GLU A 44 -4.22 4.37 -6.62
N PHE A 45 -4.52 3.72 -5.50
CA PHE A 45 -3.51 3.42 -4.50
C PHE A 45 -2.37 2.61 -5.10
N VAL A 46 -2.71 1.73 -6.03
CA VAL A 46 -1.72 0.89 -6.69
C VAL A 46 -0.89 1.69 -7.68
N LEU A 47 -1.43 2.83 -8.12
CA LEU A 47 -0.73 3.68 -9.06
C LEU A 47 0.28 4.58 -8.35
N GLU A 48 -0.13 5.15 -7.23
CA GLU A 48 0.74 6.02 -6.45
C GLU A 48 1.95 5.25 -5.92
N LEU A 49 1.72 4.01 -5.48
CA LEU A 49 2.78 3.17 -4.95
C LEU A 49 3.72 2.72 -6.07
N GLU A 50 3.15 2.14 -7.11
CA GLU A 50 3.94 1.67 -8.24
C GLU A 50 4.69 2.82 -8.91
N ASP A 51 4.17 4.03 -8.73
CA ASP A 51 4.78 5.22 -9.31
C ASP A 51 5.90 5.75 -8.43
N GLU A 52 5.53 6.17 -7.21
CA GLU A 52 6.51 6.69 -6.26
C GLU A 52 7.70 5.76 -6.12
N PHE A 53 7.42 4.51 -5.74
CA PHE A 53 8.46 3.50 -5.56
C PHE A 53 9.13 3.18 -6.89
N GLY A 54 8.39 3.34 -7.97
CA GLY A 54 8.93 3.07 -9.29
C GLY A 54 9.08 1.58 -9.56
N THR A 55 7.98 0.84 -9.43
CA THR A 55 7.99 -0.59 -9.65
C THR A 55 6.74 -1.05 -10.40
N GLU A 56 6.79 -2.26 -10.94
CA GLU A 56 5.66 -2.81 -11.69
C GLU A 56 4.81 -3.71 -10.80
N ILE A 57 3.54 -3.35 -10.66
CA ILE A 57 2.62 -4.14 -9.85
C ILE A 57 1.69 -4.98 -10.71
N SER A 58 1.84 -6.29 -10.63
CA SER A 58 1.01 -7.21 -11.40
C SER A 58 -0.48 -6.95 -11.16
N ASP A 59 -1.32 -7.46 -12.05
CA ASP A 59 -2.75 -7.28 -11.93
C ASP A 59 -3.35 -8.29 -10.95
N GLU A 60 -2.67 -9.41 -10.78
CA GLU A 60 -3.14 -10.46 -9.87
C GLU A 60 -2.78 -10.12 -8.43
N ASP A 61 -1.48 -10.01 -8.15
CA ASP A 61 -1.02 -9.68 -6.81
C ASP A 61 -1.62 -8.36 -6.33
N ALA A 62 -2.02 -7.52 -7.28
CA ALA A 62 -2.61 -6.23 -6.95
C ALA A 62 -3.74 -6.38 -5.92
N GLU A 63 -4.31 -7.58 -5.86
CA GLU A 63 -5.40 -7.85 -4.92
C GLU A 63 -4.84 -8.30 -3.58
N LYS A 64 -3.72 -9.00 -3.60
CA LYS A 64 -3.09 -9.50 -2.39
C LYS A 64 -1.93 -8.60 -1.97
N ILE A 65 -2.08 -7.30 -2.22
CA ILE A 65 -1.05 -6.33 -1.87
C ILE A 65 -1.66 -4.98 -1.48
N GLU A 66 -2.82 -5.04 -0.83
CA GLU A 66 -3.51 -3.83 -0.41
C GLU A 66 -3.38 -3.63 1.10
N THR A 67 -2.72 -4.57 1.76
CA THR A 67 -2.52 -4.50 3.20
C THR A 67 -1.15 -3.92 3.55
N VAL A 68 -1.02 -3.45 4.78
CA VAL A 68 0.24 -2.88 5.24
C VAL A 68 1.42 -3.80 4.92
N GLY A 69 1.26 -5.08 5.25
CA GLY A 69 2.32 -6.04 4.99
C GLY A 69 2.31 -6.54 3.56
N ALA A 70 1.12 -6.85 3.05
CA ALA A 70 0.98 -7.35 1.68
C ALA A 70 1.50 -6.32 0.68
N ALA A 71 1.64 -5.09 1.13
CA ALA A 71 2.12 -4.02 0.26
C ALA A 71 3.65 -3.95 0.28
N VAL A 72 4.21 -3.61 1.43
CA VAL A 72 5.66 -3.51 1.57
C VAL A 72 6.34 -4.82 1.18
N ASP A 73 5.73 -5.94 1.57
CA ASP A 73 6.28 -7.25 1.26
C ASP A 73 6.32 -7.48 -0.25
N TYR A 74 5.46 -6.77 -0.97
CA TYR A 74 5.40 -6.90 -2.42
C TYR A 74 6.36 -5.93 -3.10
N ILE A 75 6.23 -4.65 -2.75
CA ILE A 75 7.10 -3.62 -3.33
C ILE A 75 8.57 -3.92 -3.06
N VAL A 76 8.87 -4.36 -1.85
CA VAL A 76 10.24 -4.68 -1.48
C VAL A 76 10.71 -5.95 -2.18
N SER A 77 10.03 -7.06 -1.93
CA SER A 77 10.38 -8.33 -2.54
C SER A 77 10.51 -8.20 -4.06
N ASN A 78 9.74 -7.27 -4.62
CA ASN A 78 9.77 -7.03 -6.06
C ASN A 78 10.90 -6.07 -6.44
N SER A 79 11.19 -5.14 -5.54
CA SER A 79 12.25 -4.16 -5.78
C SER A 79 13.56 -4.85 -6.14
N MET A 1 14.30 4.24 -2.10
CA MET A 1 13.32 3.23 -2.46
C MET A 1 13.47 2.00 -1.58
N THR A 2 13.88 2.21 -0.33
CA THR A 2 14.06 1.12 0.61
C THR A 2 12.77 0.81 1.36
N ARG A 3 12.79 -0.24 2.17
CA ARG A 3 11.62 -0.64 2.94
C ARG A 3 11.17 0.48 3.87
N GLU A 4 12.14 1.18 4.44
CA GLU A 4 11.84 2.28 5.36
C GLU A 4 11.09 3.40 4.64
N GLU A 5 11.73 3.99 3.65
CA GLU A 5 11.11 5.07 2.89
C GLU A 5 9.72 4.68 2.40
N VAL A 6 9.62 3.49 1.82
CA VAL A 6 8.35 2.99 1.32
C VAL A 6 7.33 2.85 2.44
N LEU A 7 7.70 2.12 3.48
CA LEU A 7 6.81 1.92 4.63
C LEU A 7 6.31 3.26 5.18
N GLN A 8 7.22 4.21 5.34
CA GLN A 8 6.88 5.52 5.84
C GLN A 8 5.85 6.21 4.94
N LYS A 9 6.22 6.42 3.69
CA LYS A 9 5.33 7.06 2.74
C LYS A 9 3.93 6.45 2.79
N VAL A 10 3.85 5.14 2.54
CA VAL A 10 2.57 4.44 2.56
C VAL A 10 1.81 4.74 3.84
N ALA A 11 2.50 4.67 4.97
CA ALA A 11 1.89 4.93 6.27
C ALA A 11 1.40 6.38 6.35
N LYS A 12 2.14 7.29 5.73
CA LYS A 12 1.78 8.69 5.73
C LYS A 12 0.60 8.96 4.81
N ILE A 13 0.77 8.69 3.53
CA ILE A 13 -0.28 8.89 2.54
C ILE A 13 -1.58 8.23 2.98
N ILE A 14 -1.45 7.06 3.61
CA ILE A 14 -2.62 6.32 4.08
C ILE A 14 -3.22 6.98 5.31
N SER A 15 -2.38 7.22 6.31
CA SER A 15 -2.84 7.84 7.55
C SER A 15 -3.37 9.24 7.29
N ASN A 16 -3.02 9.80 6.14
CA ASN A 16 -3.47 11.14 5.77
C ASN A 16 -4.73 11.07 4.90
N HIS A 17 -4.71 10.18 3.93
CA HIS A 17 -5.85 10.01 3.02
C HIS A 17 -7.05 9.43 3.77
N PHE A 18 -6.81 8.38 4.54
CA PHE A 18 -7.86 7.73 5.30
C PHE A 18 -7.92 8.27 6.73
N ASP A 19 -8.78 7.68 7.55
CA ASP A 19 -8.93 8.10 8.94
C ASP A 19 -8.24 7.12 9.88
N ILE A 20 -7.29 6.36 9.34
CA ILE A 20 -6.55 5.39 10.13
C ILE A 20 -5.41 6.05 10.91
N GLU A 21 -4.93 5.37 11.95
CA GLU A 21 -3.85 5.90 12.77
C GLU A 21 -2.49 5.47 12.21
N ALA A 22 -1.64 6.44 11.95
CA ALA A 22 -0.31 6.16 11.42
C ALA A 22 0.47 5.22 12.35
N ASP A 23 0.02 5.14 13.60
CA ASP A 23 0.68 4.28 14.58
C ASP A 23 -0.02 2.93 14.67
N GLN A 24 -1.33 2.92 14.40
CA GLN A 24 -2.11 1.70 14.45
C GLN A 24 -1.94 0.89 13.18
N VAL A 25 -1.73 1.58 12.07
CA VAL A 25 -1.54 0.92 10.77
C VAL A 25 -0.57 -0.25 10.89
N THR A 26 -1.10 -1.46 10.78
CA THR A 26 -0.27 -2.66 10.87
C THR A 26 -0.57 -3.63 9.73
N ASP A 27 0.33 -4.57 9.50
CA ASP A 27 0.16 -5.55 8.43
C ASP A 27 -1.06 -6.43 8.70
N GLN A 28 -1.54 -6.41 9.94
CA GLN A 28 -2.70 -7.21 10.32
C GLN A 28 -3.97 -6.36 10.28
N LEU A 29 -3.88 -5.20 9.63
CA LEU A 29 -5.02 -4.29 9.53
C LEU A 29 -5.14 -3.75 8.10
N ASN A 30 -5.62 -4.57 7.19
CA ASN A 30 -5.78 -4.17 5.80
C ASN A 30 -6.64 -2.92 5.70
N ILE A 31 -6.12 -1.90 5.03
CA ILE A 31 -6.84 -0.64 4.85
C ILE A 31 -8.07 -0.83 3.96
N LYS A 32 -7.88 -1.57 2.86
CA LYS A 32 -8.96 -1.83 1.92
C LYS A 32 -10.23 -2.27 2.65
N ASP A 33 -10.07 -3.16 3.63
CA ASP A 33 -11.19 -3.65 4.40
C ASP A 33 -11.46 -2.75 5.60
N ASP A 34 -10.45 -2.58 6.45
CA ASP A 34 -10.58 -1.74 7.64
C ASP A 34 -11.25 -0.42 7.29
N LEU A 35 -10.66 0.32 6.36
CA LEU A 35 -11.21 1.61 5.95
C LEU A 35 -12.34 1.42 4.95
N ASN A 36 -12.41 0.24 4.34
CA ASN A 36 -13.46 -0.06 3.37
C ASN A 36 -13.30 0.80 2.13
N ALA A 37 -12.08 1.20 1.84
CA ALA A 37 -11.79 2.03 0.66
C ALA A 37 -12.47 1.47 -0.58
N ASP A 38 -12.93 2.35 -1.46
CA ASP A 38 -13.59 1.94 -2.68
C ASP A 38 -12.63 1.19 -3.60
N SER A 39 -13.15 0.67 -4.70
CA SER A 39 -12.33 -0.06 -5.66
C SER A 39 -11.54 0.88 -6.56
N ILE A 40 -12.23 1.85 -7.14
CA ILE A 40 -11.60 2.83 -8.01
C ILE A 40 -10.37 3.45 -7.35
N SER A 41 -10.52 3.82 -6.08
CA SER A 41 -9.42 4.42 -5.33
C SER A 41 -8.16 3.59 -5.45
N VAL A 42 -8.32 2.27 -5.48
CA VAL A 42 -7.18 1.36 -5.60
C VAL A 42 -6.33 1.70 -6.81
N MET A 43 -6.99 2.07 -7.91
CA MET A 43 -6.28 2.43 -9.14
C MET A 43 -5.38 3.64 -8.92
N GLU A 44 -5.73 4.45 -7.93
CA GLU A 44 -4.96 5.65 -7.61
C GLU A 44 -3.79 5.31 -6.68
N PHE A 45 -4.11 4.65 -5.57
CA PHE A 45 -3.10 4.28 -4.58
C PHE A 45 -2.02 3.43 -5.23
N VAL A 46 -2.43 2.46 -6.04
CA VAL A 46 -1.49 1.58 -6.72
C VAL A 46 -0.62 2.35 -7.71
N LEU A 47 -1.09 3.51 -8.12
CA LEU A 47 -0.35 4.34 -9.06
C LEU A 47 0.72 5.16 -8.34
N GLU A 48 0.32 5.87 -7.29
CA GLU A 48 1.25 6.68 -6.51
C GLU A 48 2.39 5.83 -5.97
N LEU A 49 2.05 4.63 -5.50
CA LEU A 49 3.04 3.72 -4.94
C LEU A 49 3.99 3.22 -6.02
N GLU A 50 3.42 2.59 -7.05
CA GLU A 50 4.22 2.06 -8.15
C GLU A 50 5.00 3.17 -8.84
N ASP A 51 4.54 4.40 -8.67
CA ASP A 51 5.20 5.56 -9.27
C ASP A 51 6.33 6.05 -8.39
N GLU A 52 6.00 6.52 -7.19
CA GLU A 52 6.99 7.02 -6.25
C GLU A 52 8.13 6.02 -6.07
N PHE A 53 7.77 4.80 -5.68
CA PHE A 53 8.77 3.75 -5.46
C PHE A 53 9.44 3.37 -6.77
N GLY A 54 8.72 3.55 -7.88
CA GLY A 54 9.27 3.22 -9.18
C GLY A 54 9.35 1.73 -9.42
N THR A 55 8.22 1.04 -9.29
CA THR A 55 8.16 -0.40 -9.49
C THR A 55 6.92 -0.80 -10.28
N GLU A 56 6.94 -2.01 -10.83
CA GLU A 56 5.81 -2.51 -11.61
C GLU A 56 4.91 -3.39 -10.75
N ILE A 57 3.65 -2.97 -10.61
CA ILE A 57 2.68 -3.73 -9.82
C ILE A 57 1.66 -4.42 -10.71
N SER A 58 1.61 -5.75 -10.63
CA SER A 58 0.68 -6.54 -11.43
C SER A 58 -0.75 -6.06 -11.23
N ASP A 59 -1.63 -6.44 -12.14
CA ASP A 59 -3.04 -6.05 -12.06
C ASP A 59 -3.80 -6.95 -11.09
N GLU A 60 -3.32 -8.19 -10.94
CA GLU A 60 -3.95 -9.15 -10.04
C GLU A 60 -3.50 -8.93 -8.61
N ASP A 61 -2.20 -9.09 -8.37
CA ASP A 61 -1.64 -8.91 -7.03
C ASP A 61 -2.03 -7.55 -6.45
N ALA A 62 -2.20 -6.57 -7.33
CA ALA A 62 -2.57 -5.23 -6.90
C ALA A 62 -3.88 -5.24 -6.13
N GLU A 63 -4.64 -6.33 -6.27
CA GLU A 63 -5.91 -6.46 -5.58
C GLU A 63 -5.72 -7.05 -4.19
N LYS A 64 -4.60 -7.74 -3.99
CA LYS A 64 -4.29 -8.35 -2.71
C LYS A 64 -3.36 -7.46 -1.89
N ILE A 65 -2.34 -6.92 -2.55
CA ILE A 65 -1.38 -6.05 -1.89
C ILE A 65 -1.98 -4.68 -1.60
N GLU A 66 -3.02 -4.66 -0.78
CA GLU A 66 -3.70 -3.42 -0.42
C GLU A 66 -3.63 -3.18 1.08
N THR A 67 -2.71 -3.87 1.75
CA THR A 67 -2.55 -3.74 3.19
C THR A 67 -1.18 -3.14 3.53
N VAL A 68 -1.05 -2.63 4.75
CA VAL A 68 0.20 -2.04 5.20
C VAL A 68 1.38 -2.95 4.90
N GLY A 69 1.26 -4.21 5.28
CA GLY A 69 2.32 -5.17 5.04
C GLY A 69 2.31 -5.73 3.64
N ALA A 70 1.11 -6.04 3.14
CA ALA A 70 0.96 -6.59 1.79
C ALA A 70 1.49 -5.61 0.75
N ALA A 71 1.64 -4.36 1.15
CA ALA A 71 2.15 -3.32 0.25
C ALA A 71 3.67 -3.28 0.26
N VAL A 72 4.24 -2.89 1.39
CA VAL A 72 5.69 -2.81 1.53
C VAL A 72 6.35 -4.14 1.19
N ASP A 73 5.73 -5.23 1.63
CA ASP A 73 6.27 -6.56 1.36
C ASP A 73 6.35 -6.83 -0.13
N TYR A 74 5.51 -6.13 -0.89
CA TYR A 74 5.47 -6.31 -2.35
C TYR A 74 6.46 -5.36 -3.02
N ILE A 75 6.33 -4.08 -2.72
CA ILE A 75 7.21 -3.06 -3.30
C ILE A 75 8.68 -3.37 -3.00
N VAL A 76 8.95 -3.75 -1.75
CA VAL A 76 10.31 -4.06 -1.33
C VAL A 76 10.80 -5.34 -1.99
N SER A 77 10.11 -6.45 -1.73
CA SER A 77 10.47 -7.74 -2.30
C SER A 77 10.63 -7.63 -3.81
N ASN A 78 9.89 -6.72 -4.42
CA ASN A 78 9.95 -6.53 -5.86
C ASN A 78 11.14 -5.65 -6.25
N SER A 79 11.40 -4.64 -5.44
CA SER A 79 12.51 -3.72 -5.69
C SER A 79 13.63 -3.95 -4.70
N MET A 1 11.90 3.50 -1.83
CA MET A 1 13.04 2.70 -2.29
C MET A 1 13.19 1.43 -1.46
N THR A 2 13.58 1.60 -0.20
CA THR A 2 13.77 0.47 0.69
C THR A 2 12.48 0.13 1.42
N ARG A 3 12.48 -0.98 2.16
CA ARG A 3 11.30 -1.41 2.90
C ARG A 3 10.87 -0.34 3.89
N GLU A 4 11.84 0.37 4.46
CA GLU A 4 11.56 1.43 5.42
C GLU A 4 10.79 2.57 4.77
N GLU A 5 11.43 3.22 3.79
CA GLU A 5 10.81 4.33 3.09
C GLU A 5 9.42 3.95 2.59
N VAL A 6 9.30 2.76 2.03
CA VAL A 6 8.02 2.28 1.51
C VAL A 6 6.98 2.16 2.63
N LEU A 7 7.34 1.44 3.68
CA LEU A 7 6.45 1.25 4.82
C LEU A 7 5.97 2.59 5.37
N GLN A 8 6.91 3.53 5.52
CA GLN A 8 6.59 4.85 6.04
C GLN A 8 5.57 5.55 5.14
N LYS A 9 5.95 5.77 3.88
CA LYS A 9 5.09 6.43 2.91
C LYS A 9 3.68 5.85 2.96
N VAL A 10 3.58 4.55 2.69
CA VAL A 10 2.29 3.86 2.71
C VAL A 10 1.52 4.16 4.00
N ALA A 11 2.22 4.07 5.12
CA ALA A 11 1.62 4.33 6.42
C ALA A 11 1.11 5.77 6.52
N LYS A 12 1.88 6.70 5.95
CA LYS A 12 1.51 8.11 5.97
C LYS A 12 0.34 8.38 5.03
N ILE A 13 0.55 8.11 3.74
CA ILE A 13 -0.49 8.33 2.74
C ILE A 13 -1.81 7.68 3.17
N ILE A 14 -1.71 6.52 3.79
CA ILE A 14 -2.90 5.79 4.25
C ILE A 14 -3.47 6.43 5.51
N SER A 15 -2.58 6.85 6.41
CA SER A 15 -3.00 7.47 7.66
C SER A 15 -3.62 8.84 7.40
N ASN A 16 -3.28 9.43 6.26
CA ASN A 16 -3.81 10.74 5.89
C ASN A 16 -5.08 10.61 5.06
N HIS A 17 -5.05 9.71 4.08
CA HIS A 17 -6.20 9.48 3.22
C HIS A 17 -7.35 8.85 3.99
N PHE A 18 -7.02 7.81 4.77
CA PHE A 18 -8.03 7.12 5.56
C PHE A 18 -8.08 7.67 6.98
N ASP A 19 -8.97 7.11 7.79
CA ASP A 19 -9.12 7.55 9.18
C ASP A 19 -8.37 6.61 10.13
N ILE A 20 -7.44 5.84 9.57
CA ILE A 20 -6.66 4.90 10.37
C ILE A 20 -5.49 5.60 11.06
N GLU A 21 -4.97 4.99 12.10
CA GLU A 21 -3.84 5.55 12.84
C GLU A 21 -2.51 5.09 12.26
N ALA A 22 -1.63 6.05 11.98
CA ALA A 22 -0.32 5.74 11.41
C ALA A 22 0.46 4.80 12.33
N ASP A 23 0.05 4.72 13.58
CA ASP A 23 0.71 3.87 14.55
C ASP A 23 0.00 2.51 14.66
N GLN A 24 -1.30 2.51 14.37
CA GLN A 24 -2.09 1.29 14.43
C GLN A 24 -1.92 0.46 13.16
N VAL A 25 -1.73 1.15 12.03
CA VAL A 25 -1.56 0.49 10.75
C VAL A 25 -0.54 -0.65 10.85
N THR A 26 -1.03 -1.88 10.86
CA THR A 26 -0.17 -3.05 10.95
C THR A 26 -0.52 -4.08 9.89
N ASP A 27 0.37 -5.04 9.67
CA ASP A 27 0.15 -6.08 8.68
C ASP A 27 -1.05 -6.95 9.07
N GLN A 28 -1.47 -6.85 10.32
CA GLN A 28 -2.60 -7.62 10.82
C GLN A 28 -3.88 -6.80 10.77
N LEU A 29 -3.83 -5.67 10.08
CA LEU A 29 -5.00 -4.79 9.96
C LEU A 29 -5.17 -4.32 8.52
N ASN A 30 -5.66 -5.20 7.66
CA ASN A 30 -5.89 -4.86 6.26
C ASN A 30 -6.74 -3.61 6.12
N ILE A 31 -6.18 -2.59 5.47
CA ILE A 31 -6.89 -1.34 5.26
C ILE A 31 -8.07 -1.51 4.31
N LYS A 32 -7.86 -2.27 3.24
CA LYS A 32 -8.91 -2.53 2.27
C LYS A 32 -10.20 -2.94 2.95
N ASP A 33 -10.09 -3.85 3.93
CA ASP A 33 -11.25 -4.32 4.67
C ASP A 33 -11.56 -3.41 5.85
N ASP A 34 -10.57 -3.22 6.71
CA ASP A 34 -10.74 -2.37 7.88
C ASP A 34 -11.40 -1.05 7.51
N LEU A 35 -10.78 -0.32 6.59
CA LEU A 35 -11.31 0.96 6.14
C LEU A 35 -12.42 0.77 5.11
N ASN A 36 -12.46 -0.42 4.51
CA ASN A 36 -13.47 -0.74 3.50
C ASN A 36 -13.25 0.09 2.24
N ALA A 37 -11.99 0.42 1.96
CA ALA A 37 -11.66 1.21 0.78
C ALA A 37 -12.36 0.68 -0.45
N ASP A 38 -12.92 1.58 -1.25
CA ASP A 38 -13.62 1.20 -2.47
C ASP A 38 -12.67 0.49 -3.44
N SER A 39 -13.21 0.10 -4.59
CA SER A 39 -12.42 -0.60 -5.60
C SER A 39 -11.65 0.39 -6.47
N ILE A 40 -12.35 1.38 -7.00
CA ILE A 40 -11.73 2.39 -7.84
C ILE A 40 -10.49 2.99 -7.16
N SER A 41 -10.64 3.32 -5.88
CA SER A 41 -9.53 3.91 -5.12
C SER A 41 -8.27 3.06 -5.26
N VAL A 42 -8.45 1.75 -5.36
CA VAL A 42 -7.32 0.84 -5.49
C VAL A 42 -6.48 1.19 -6.71
N MET A 43 -7.14 1.57 -7.80
CA MET A 43 -6.45 1.94 -9.02
C MET A 43 -5.54 3.14 -8.81
N GLU A 44 -5.87 3.95 -7.80
CA GLU A 44 -5.07 5.13 -7.49
C GLU A 44 -3.92 4.77 -6.55
N PHE A 45 -4.25 4.12 -5.44
CA PHE A 45 -3.25 3.73 -4.46
C PHE A 45 -2.17 2.86 -5.10
N VAL A 46 -2.60 1.91 -5.93
CA VAL A 46 -1.68 1.02 -6.61
C VAL A 46 -0.78 1.78 -7.57
N LEU A 47 -1.23 2.95 -7.98
CA LEU A 47 -0.46 3.79 -8.91
C LEU A 47 0.62 4.58 -8.17
N GLU A 48 0.21 5.30 -7.12
CA GLU A 48 1.14 6.09 -6.33
C GLU A 48 2.26 5.22 -5.78
N LEU A 49 1.91 4.01 -5.34
CA LEU A 49 2.89 3.09 -4.78
C LEU A 49 3.84 2.60 -5.86
N GLU A 50 3.29 1.97 -6.90
CA GLU A 50 4.10 1.45 -7.99
C GLU A 50 4.89 2.56 -8.66
N ASP A 51 4.43 3.80 -8.48
CA ASP A 51 5.09 4.96 -9.07
C ASP A 51 6.23 5.45 -8.17
N GLU A 52 5.86 5.90 -6.96
CA GLU A 52 6.85 6.39 -6.01
C GLU A 52 7.99 5.39 -5.83
N PHE A 53 7.63 4.17 -5.44
CA PHE A 53 8.63 3.11 -5.24
C PHE A 53 9.30 2.75 -6.56
N GLY A 54 8.60 2.93 -7.66
CA GLY A 54 9.15 2.62 -8.96
C GLY A 54 9.23 1.12 -9.20
N THR A 55 8.10 0.44 -9.09
CA THR A 55 8.05 -1.01 -9.29
C THR A 55 6.82 -1.41 -10.09
N GLU A 56 6.83 -2.63 -10.62
CA GLU A 56 5.72 -3.13 -11.41
C GLU A 56 4.82 -4.01 -10.56
N ILE A 57 3.55 -3.62 -10.45
CA ILE A 57 2.59 -4.38 -9.66
C ILE A 57 1.57 -5.07 -10.56
N SER A 58 1.49 -6.40 -10.47
CA SER A 58 0.57 -7.18 -11.28
C SER A 58 -0.86 -6.68 -11.11
N ASP A 59 -1.76 -7.18 -11.93
CA ASP A 59 -3.17 -6.79 -11.87
C ASP A 59 -3.90 -7.54 -10.76
N GLU A 60 -3.74 -8.86 -10.75
CA GLU A 60 -4.38 -9.70 -9.74
C GLU A 60 -3.77 -9.46 -8.37
N ASP A 61 -2.45 -9.47 -8.31
CA ASP A 61 -1.73 -9.26 -7.06
C ASP A 61 -2.13 -7.94 -6.42
N ALA A 62 -2.18 -6.89 -7.22
CA ALA A 62 -2.55 -5.56 -6.73
C ALA A 62 -3.95 -5.59 -6.10
N GLU A 63 -4.71 -6.63 -6.41
CA GLU A 63 -6.05 -6.78 -5.87
C GLU A 63 -6.04 -7.43 -4.50
N LYS A 64 -4.91 -8.06 -4.16
CA LYS A 64 -4.76 -8.72 -2.87
C LYS A 64 -3.82 -7.93 -1.97
N ILE A 65 -2.68 -7.51 -2.51
CA ILE A 65 -1.71 -6.75 -1.75
C ILE A 65 -2.21 -5.34 -1.45
N GLU A 66 -3.19 -5.24 -0.55
CA GLU A 66 -3.75 -3.95 -0.18
C GLU A 66 -3.54 -3.67 1.30
N THR A 67 -3.08 -4.68 2.03
CA THR A 67 -2.83 -4.54 3.46
C THR A 67 -1.44 -3.98 3.73
N VAL A 68 -1.25 -3.39 4.91
CA VAL A 68 0.03 -2.83 5.29
C VAL A 68 1.17 -3.81 5.03
N GLY A 69 0.95 -5.07 5.42
CA GLY A 69 1.96 -6.10 5.23
C GLY A 69 1.97 -6.63 3.82
N ALA A 70 0.80 -6.94 3.28
CA ALA A 70 0.69 -7.46 1.93
C ALA A 70 1.25 -6.48 0.91
N ALA A 71 1.40 -5.23 1.33
CA ALA A 71 1.94 -4.19 0.45
C ALA A 71 3.46 -4.15 0.50
N VAL A 72 4.00 -3.77 1.66
CA VAL A 72 5.44 -3.70 1.85
C VAL A 72 6.11 -5.02 1.50
N ASP A 73 5.46 -6.12 1.87
CA ASP A 73 5.99 -7.45 1.60
C ASP A 73 6.06 -7.71 0.10
N TYR A 74 5.22 -7.03 -0.66
CA TYR A 74 5.19 -7.19 -2.11
C TYR A 74 6.16 -6.21 -2.78
N ILE A 75 6.03 -4.93 -2.45
CA ILE A 75 6.90 -3.91 -3.02
C ILE A 75 8.37 -4.21 -2.73
N VAL A 76 8.65 -4.65 -1.51
CA VAL A 76 10.02 -4.98 -1.12
C VAL A 76 10.49 -6.25 -1.80
N SER A 77 9.79 -7.35 -1.55
CA SER A 77 10.15 -8.64 -2.12
C SER A 77 10.30 -8.52 -3.64
N ASN A 78 9.55 -7.61 -4.24
CA ASN A 78 9.61 -7.39 -5.68
C ASN A 78 10.73 -6.43 -6.05
N SER A 79 10.99 -5.47 -5.16
CA SER A 79 12.04 -4.49 -5.41
C SER A 79 11.74 -3.65 -6.64
N MET A 1 12.30 3.60 -1.40
CA MET A 1 13.32 2.79 -2.06
C MET A 1 13.37 1.40 -1.45
N THR A 2 13.74 1.32 -0.17
CA THR A 2 13.83 0.04 0.52
C THR A 2 12.50 -0.34 1.14
N ARG A 3 12.44 -1.55 1.71
CA ARG A 3 11.22 -2.04 2.33
C ARG A 3 10.77 -1.11 3.46
N GLU A 4 11.74 -0.59 4.21
CA GLU A 4 11.44 0.32 5.32
C GLU A 4 10.77 1.59 4.82
N GLU A 5 11.48 2.35 3.99
CA GLU A 5 10.95 3.59 3.45
C GLU A 5 9.57 3.37 2.84
N VAL A 6 9.44 2.32 2.03
CA VAL A 6 8.17 2.00 1.39
C VAL A 6 7.09 1.69 2.43
N LEU A 7 7.38 0.74 3.31
CA LEU A 7 6.43 0.35 4.35
C LEU A 7 5.96 1.57 5.14
N GLN A 8 6.90 2.42 5.52
CA GLN A 8 6.59 3.63 6.28
C GLN A 8 5.63 4.53 5.49
N LYS A 9 6.08 4.97 4.32
CA LYS A 9 5.27 5.84 3.48
C LYS A 9 3.85 5.30 3.35
N VAL A 10 3.72 4.08 2.82
CA VAL A 10 2.43 3.45 2.65
C VAL A 10 1.60 3.52 3.93
N ALA A 11 2.24 3.18 5.05
CA ALA A 11 1.57 3.21 6.35
C ALA A 11 1.13 4.62 6.71
N LYS A 12 1.93 5.60 6.34
CA LYS A 12 1.62 6.99 6.62
C LYS A 12 0.49 7.50 5.71
N ILE A 13 0.74 7.48 4.41
CA ILE A 13 -0.25 7.93 3.44
C ILE A 13 -1.60 7.25 3.68
N ILE A 14 -1.55 5.98 4.05
CA ILE A 14 -2.77 5.21 4.30
C ILE A 14 -3.41 5.63 5.62
N SER A 15 -2.59 5.71 6.67
CA SER A 15 -3.08 6.08 7.99
C SER A 15 -3.56 7.52 8.00
N ASN A 16 -3.15 8.28 6.99
CA ASN A 16 -3.54 9.68 6.87
C ASN A 16 -4.75 9.84 5.96
N HIS A 17 -4.71 9.17 4.81
CA HIS A 17 -5.81 9.23 3.84
C HIS A 17 -7.05 8.54 4.40
N PHE A 18 -6.87 7.35 4.94
CA PHE A 18 -7.98 6.59 5.50
C PHE A 18 -8.10 6.81 7.00
N ASP A 19 -9.08 6.16 7.62
CA ASP A 19 -9.29 6.30 9.06
C ASP A 19 -8.70 5.11 9.82
N ILE A 20 -7.76 4.42 9.17
CA ILE A 20 -7.11 3.26 9.78
C ILE A 20 -5.98 3.69 10.71
N GLU A 21 -5.59 2.80 11.61
CA GLU A 21 -4.53 3.08 12.57
C GLU A 21 -3.17 2.73 11.99
N ALA A 22 -2.26 3.70 11.98
CA ALA A 22 -0.92 3.49 11.45
C ALA A 22 -0.22 2.34 12.17
N ASP A 23 -0.71 2.00 13.35
CA ASP A 23 -0.13 0.91 14.13
C ASP A 23 -0.88 -0.39 13.89
N GLN A 24 -2.17 -0.27 13.59
CA GLN A 24 -3.01 -1.44 13.34
C GLN A 24 -2.80 -1.96 11.93
N VAL A 25 -2.50 -1.06 11.00
CA VAL A 25 -2.28 -1.43 9.61
C VAL A 25 -1.35 -2.63 9.50
N THR A 26 -1.92 -3.79 9.18
CA THR A 26 -1.13 -5.02 9.06
C THR A 26 -1.42 -5.70 7.73
N ASP A 27 -0.54 -6.62 7.35
CA ASP A 27 -0.69 -7.37 6.10
C ASP A 27 -1.97 -8.21 6.13
N GLN A 28 -2.51 -8.43 7.32
CA GLN A 28 -3.73 -9.21 7.49
C GLN A 28 -4.96 -8.31 7.54
N LEU A 29 -4.78 -7.06 7.13
CA LEU A 29 -5.88 -6.10 7.13
C LEU A 29 -5.89 -5.29 5.84
N ASN A 30 -6.35 -5.91 4.76
CA ASN A 30 -6.42 -5.25 3.47
C ASN A 30 -7.25 -3.97 3.55
N ILE A 31 -6.61 -2.84 3.27
CA ILE A 31 -7.29 -1.54 3.32
C ILE A 31 -8.45 -1.50 2.32
N LYS A 32 -8.24 -2.13 1.17
CA LYS A 32 -9.28 -2.16 0.13
C LYS A 32 -10.63 -2.52 0.72
N ASP A 33 -10.69 -3.63 1.44
CA ASP A 33 -11.93 -4.09 2.05
C ASP A 33 -12.10 -3.46 3.44
N ASP A 34 -11.06 -3.57 4.26
CA ASP A 34 -11.10 -3.02 5.61
C ASP A 34 -11.65 -1.60 5.60
N LEU A 35 -11.02 -0.73 4.82
CA LEU A 35 -11.45 0.67 4.72
C LEU A 35 -12.53 0.83 3.67
N ASN A 36 -12.67 -0.18 2.80
CA ASN A 36 -13.67 -0.15 1.75
C ASN A 36 -13.34 0.93 0.73
N ALA A 37 -12.06 1.22 0.57
CA ALA A 37 -11.61 2.24 -0.38
C ALA A 37 -12.28 2.05 -1.74
N ASP A 38 -12.68 3.16 -2.35
CA ASP A 38 -13.33 3.11 -3.65
C ASP A 38 -12.44 2.43 -4.69
N SER A 39 -13.01 2.09 -5.83
CA SER A 39 -12.28 1.42 -6.90
C SER A 39 -11.34 2.40 -7.60
N ILE A 40 -11.91 3.47 -8.15
CA ILE A 40 -11.13 4.48 -8.84
C ILE A 40 -9.96 4.96 -8.00
N SER A 41 -10.14 4.93 -6.68
CA SER A 41 -9.11 5.37 -5.76
C SER A 41 -7.81 4.62 -6.01
N VAL A 42 -7.94 3.32 -6.27
CA VAL A 42 -6.76 2.48 -6.52
C VAL A 42 -5.90 3.06 -7.64
N MET A 43 -6.53 3.79 -8.55
CA MET A 43 -5.82 4.40 -9.66
C MET A 43 -4.87 5.49 -9.17
N GLU A 44 -5.23 6.13 -8.06
CA GLU A 44 -4.40 7.18 -7.49
C GLU A 44 -3.34 6.60 -6.56
N PHE A 45 -3.76 5.72 -5.67
CA PHE A 45 -2.85 5.09 -4.72
C PHE A 45 -1.76 4.32 -5.45
N VAL A 46 -2.13 3.65 -6.54
CA VAL A 46 -1.18 2.88 -7.33
C VAL A 46 -0.20 3.79 -8.06
N LEU A 47 -0.59 5.05 -8.24
CA LEU A 47 0.26 6.02 -8.91
C LEU A 47 1.30 6.60 -7.96
N GLU A 48 0.84 7.04 -6.79
CA GLU A 48 1.74 7.61 -5.78
C GLU A 48 2.81 6.60 -5.38
N LEU A 49 2.41 5.34 -5.22
CA LEU A 49 3.33 4.29 -4.84
C LEU A 49 4.32 3.99 -5.96
N GLU A 50 3.79 3.68 -7.14
CA GLU A 50 4.64 3.38 -8.29
C GLU A 50 5.51 4.56 -8.65
N ASP A 51 5.09 5.75 -8.24
CA ASP A 51 5.84 6.98 -8.52
C ASP A 51 6.93 7.19 -7.46
N GLU A 52 6.51 7.37 -6.22
CA GLU A 52 7.45 7.59 -5.12
C GLU A 52 8.54 6.52 -5.12
N PHE A 53 8.14 5.27 -5.02
CA PHE A 53 9.08 4.16 -5.01
C PHE A 53 9.81 4.05 -6.35
N GLY A 54 9.16 4.51 -7.41
CA GLY A 54 9.76 4.45 -8.73
C GLY A 54 9.80 3.05 -9.29
N THR A 55 8.64 2.41 -9.37
CA THR A 55 8.54 1.05 -9.89
C THR A 55 7.33 0.89 -10.80
N GLU A 56 7.30 -0.19 -11.57
CA GLU A 56 6.19 -0.45 -12.48
C GLU A 56 5.23 -1.47 -11.88
N ILE A 57 3.97 -1.09 -11.76
CA ILE A 57 2.94 -1.97 -11.21
C ILE A 57 1.98 -2.45 -12.29
N SER A 58 1.90 -3.77 -12.46
CA SER A 58 1.02 -4.35 -13.46
C SER A 58 -0.42 -3.87 -13.29
N ASP A 59 -1.23 -4.04 -14.32
CA ASP A 59 -2.62 -3.61 -14.28
C ASP A 59 -3.48 -4.65 -13.57
N GLU A 60 -3.03 -5.89 -13.60
CA GLU A 60 -3.76 -6.98 -12.95
C GLU A 60 -3.40 -7.09 -11.48
N ASP A 61 -2.13 -7.35 -11.20
CA ASP A 61 -1.64 -7.47 -9.83
C ASP A 61 -2.04 -6.26 -9.01
N ALA A 62 -2.12 -5.11 -9.67
CA ALA A 62 -2.48 -3.86 -9.00
C ALA A 62 -3.84 -3.98 -8.31
N GLU A 63 -4.61 -4.97 -8.72
CA GLU A 63 -5.94 -5.20 -8.15
C GLU A 63 -5.84 -6.07 -6.90
N LYS A 64 -4.76 -6.82 -6.77
CA LYS A 64 -4.55 -7.70 -5.63
C LYS A 64 -3.64 -7.02 -4.60
N ILE A 65 -2.57 -6.40 -5.08
CA ILE A 65 -1.62 -5.73 -4.19
C ILE A 65 -2.21 -4.42 -3.67
N GLU A 66 -3.31 -4.53 -2.93
CA GLU A 66 -3.96 -3.36 -2.35
C GLU A 66 -4.01 -3.44 -0.83
N THR A 67 -3.06 -4.18 -0.26
CA THR A 67 -2.99 -4.35 1.18
C THR A 67 -1.62 -3.94 1.72
N VAL A 68 -1.55 -3.70 3.02
CA VAL A 68 -0.30 -3.30 3.66
C VAL A 68 0.85 -4.22 3.25
N GLY A 69 0.62 -5.53 3.34
CA GLY A 69 1.64 -6.49 2.97
C GLY A 69 1.69 -6.74 1.48
N ALA A 70 0.52 -6.88 0.86
CA ALA A 70 0.43 -7.13 -0.57
C ALA A 70 1.07 -5.99 -1.36
N ALA A 71 1.25 -4.85 -0.70
CA ALA A 71 1.86 -3.68 -1.35
C ALA A 71 3.38 -3.73 -1.24
N VAL A 72 3.89 -3.61 -0.02
CA VAL A 72 5.32 -3.64 0.22
C VAL A 72 5.95 -4.90 -0.36
N ASP A 73 5.27 -6.02 -0.19
CA ASP A 73 5.76 -7.30 -0.69
C ASP A 73 5.93 -7.26 -2.22
N TYR A 74 5.17 -6.37 -2.86
CA TYR A 74 5.23 -6.23 -4.31
C TYR A 74 6.29 -5.21 -4.72
N ILE A 75 6.19 -4.01 -4.16
CA ILE A 75 7.13 -2.95 -4.46
C ILE A 75 8.57 -3.37 -4.13
N VAL A 76 8.73 -4.02 -2.99
CA VAL A 76 10.05 -4.49 -2.55
C VAL A 76 10.55 -5.63 -3.45
N SER A 77 9.80 -6.73 -3.47
CA SER A 77 10.16 -7.88 -4.27
C SER A 77 10.43 -7.47 -5.72
N ASN A 78 9.76 -6.43 -6.16
CA ASN A 78 9.93 -5.93 -7.53
C ASN A 78 11.15 -5.03 -7.63
N SER A 79 11.36 -4.21 -6.60
CA SER A 79 12.49 -3.29 -6.58
C SER A 79 13.75 -3.98 -6.05
N MET A 1 11.87 3.94 -1.93
CA MET A 1 12.81 3.09 -2.65
C MET A 1 13.03 1.78 -1.90
N THR A 2 13.46 1.87 -0.65
CA THR A 2 13.71 0.69 0.16
C THR A 2 12.46 0.28 0.94
N ARG A 3 12.52 -0.88 1.58
CA ARG A 3 11.38 -1.39 2.35
C ARG A 3 10.97 -0.39 3.43
N GLU A 4 11.96 0.32 3.98
CA GLU A 4 11.70 1.31 5.02
C GLU A 4 10.88 2.48 4.47
N GLU A 5 11.46 3.20 3.51
CA GLU A 5 10.78 4.34 2.90
C GLU A 5 9.37 3.95 2.45
N VAL A 6 9.26 2.78 1.83
CA VAL A 6 7.97 2.30 1.35
C VAL A 6 6.98 2.11 2.50
N LEU A 7 7.41 1.34 3.50
CA LEU A 7 6.57 1.07 4.66
C LEU A 7 6.05 2.38 5.28
N GLN A 8 6.96 3.33 5.46
CA GLN A 8 6.59 4.62 6.04
C GLN A 8 5.55 5.33 5.18
N LYS A 9 5.91 5.61 3.93
CA LYS A 9 5.01 6.29 3.01
C LYS A 9 3.62 5.64 3.03
N VAL A 10 3.57 4.36 2.70
CA VAL A 10 2.31 3.63 2.68
C VAL A 10 1.54 3.83 3.98
N ALA A 11 2.25 3.73 5.10
CA ALA A 11 1.64 3.90 6.42
C ALA A 11 1.09 5.31 6.58
N LYS A 12 1.82 6.29 6.06
CA LYS A 12 1.41 7.68 6.16
C LYS A 12 0.21 7.96 5.24
N ILE A 13 0.42 7.76 3.94
CA ILE A 13 -0.63 7.98 2.96
C ILE A 13 -1.93 7.27 3.37
N ILE A 14 -1.78 6.07 3.90
CA ILE A 14 -2.93 5.28 4.33
C ILE A 14 -3.53 5.84 5.61
N SER A 15 -2.66 6.23 6.54
CA SER A 15 -3.10 6.79 7.82
C SER A 15 -3.70 8.18 7.63
N ASN A 16 -3.43 8.78 6.47
CA ASN A 16 -3.94 10.11 6.18
C ASN A 16 -5.23 10.02 5.35
N HIS A 17 -5.21 9.16 4.34
CA HIS A 17 -6.38 8.99 3.47
C HIS A 17 -7.51 8.33 4.24
N PHE A 18 -7.21 7.26 4.96
CA PHE A 18 -8.20 6.54 5.73
C PHE A 18 -8.23 7.02 7.18
N ASP A 19 -9.12 6.44 7.98
CA ASP A 19 -9.24 6.81 9.39
C ASP A 19 -8.47 5.84 10.27
N ILE A 20 -7.53 5.11 9.68
CA ILE A 20 -6.73 4.15 10.41
C ILE A 20 -5.57 4.83 11.13
N GLU A 21 -5.01 4.15 12.13
CA GLU A 21 -3.90 4.70 12.88
C GLU A 21 -2.57 4.25 12.30
N ALA A 22 -1.67 5.20 12.08
CA ALA A 22 -0.36 4.91 11.51
C ALA A 22 0.41 3.92 12.39
N ASP A 23 -0.03 3.79 13.63
CA ASP A 23 0.62 2.88 14.58
C ASP A 23 -0.10 1.54 14.61
N GLN A 24 -1.41 1.57 14.33
CA GLN A 24 -2.21 0.34 14.34
C GLN A 24 -2.03 -0.43 13.04
N VAL A 25 -1.81 0.30 11.95
CA VAL A 25 -1.62 -0.32 10.64
C VAL A 25 -0.63 -1.47 10.71
N THR A 26 -1.15 -2.70 10.66
CA THR A 26 -0.30 -3.88 10.72
C THR A 26 -0.55 -4.80 9.53
N ASP A 27 0.38 -5.71 9.28
CA ASP A 27 0.26 -6.65 8.18
C ASP A 27 -0.94 -7.57 8.37
N GLN A 28 -1.46 -7.60 9.59
CA GLN A 28 -2.62 -8.43 9.91
C GLN A 28 -3.90 -7.61 9.92
N LEU A 29 -3.84 -6.42 9.33
CA LEU A 29 -4.99 -5.54 9.28
C LEU A 29 -5.16 -4.94 7.89
N ASN A 30 -5.66 -5.75 6.95
CA ASN A 30 -5.86 -5.29 5.58
C ASN A 30 -6.81 -4.09 5.54
N ILE A 31 -6.31 -2.98 5.02
CA ILE A 31 -7.10 -1.76 4.92
C ILE A 31 -8.30 -1.95 4.00
N LYS A 32 -8.10 -2.74 2.94
CA LYS A 32 -9.16 -3.01 1.98
C LYS A 32 -10.45 -3.41 2.69
N ASP A 33 -10.34 -4.40 3.58
CA ASP A 33 -11.49 -4.89 4.33
C ASP A 33 -11.70 -4.06 5.59
N ASP A 34 -10.64 -3.87 6.35
CA ASP A 34 -10.70 -3.10 7.59
C ASP A 34 -11.43 -1.78 7.37
N LEU A 35 -10.94 -1.00 6.42
CA LEU A 35 -11.54 0.29 6.11
C LEU A 35 -12.68 0.13 5.10
N ASN A 36 -12.71 -1.02 4.43
CA ASN A 36 -13.74 -1.30 3.44
C ASN A 36 -13.60 -0.37 2.23
N ALA A 37 -12.37 0.04 1.97
CA ALA A 37 -12.08 0.93 0.83
C ALA A 37 -12.73 0.40 -0.45
N ASP A 38 -13.20 1.32 -1.28
CA ASP A 38 -13.84 0.95 -2.54
C ASP A 38 -12.85 0.26 -3.48
N SER A 39 -13.37 -0.29 -4.56
CA SER A 39 -12.53 -0.98 -5.55
C SER A 39 -11.78 0.01 -6.42
N ILE A 40 -12.52 0.98 -6.96
CA ILE A 40 -11.92 2.00 -7.82
C ILE A 40 -10.69 2.62 -7.16
N SER A 41 -10.82 2.95 -5.88
CA SER A 41 -9.73 3.57 -5.15
C SER A 41 -8.44 2.76 -5.31
N VAL A 42 -8.58 1.44 -5.39
CA VAL A 42 -7.43 0.56 -5.55
C VAL A 42 -6.59 0.98 -6.75
N MET A 43 -7.26 1.36 -7.83
CA MET A 43 -6.57 1.79 -9.04
C MET A 43 -5.69 3.01 -8.78
N GLU A 44 -6.06 3.79 -7.78
CA GLU A 44 -5.31 4.99 -7.42
C GLU A 44 -4.18 4.65 -6.46
N PHE A 45 -4.52 3.97 -5.37
CA PHE A 45 -3.54 3.59 -4.37
C PHE A 45 -2.41 2.78 -5.00
N VAL A 46 -2.74 1.99 -6.01
CA VAL A 46 -1.76 1.17 -6.70
C VAL A 46 -0.93 2.00 -7.67
N LEU A 47 -1.47 3.14 -8.07
CA LEU A 47 -0.78 4.03 -9.00
C LEU A 47 0.23 4.90 -8.26
N GLU A 48 -0.11 5.33 -7.05
CA GLU A 48 0.78 6.16 -6.25
C GLU A 48 1.98 5.36 -5.76
N LEU A 49 1.73 4.10 -5.39
CA LEU A 49 2.80 3.23 -4.90
C LEU A 49 3.73 2.83 -6.04
N GLU A 50 3.15 2.34 -7.13
CA GLU A 50 3.93 1.91 -8.29
C GLU A 50 4.70 3.09 -8.89
N ASP A 51 4.17 4.29 -8.70
CA ASP A 51 4.80 5.50 -9.23
C ASP A 51 5.87 6.01 -8.26
N GLU A 52 5.46 6.32 -7.04
CA GLU A 52 6.39 6.81 -6.02
C GLU A 52 7.61 5.90 -5.91
N PHE A 53 7.37 4.64 -5.58
CA PHE A 53 8.45 3.68 -5.44
C PHE A 53 9.12 3.41 -6.77
N GLY A 54 8.38 3.59 -7.85
CA GLY A 54 8.92 3.36 -9.18
C GLY A 54 9.09 1.89 -9.51
N THR A 55 7.99 1.14 -9.41
CA THR A 55 8.02 -0.29 -9.69
C THR A 55 6.76 -0.73 -10.42
N GLU A 56 6.82 -1.90 -11.04
CA GLU A 56 5.69 -2.44 -11.78
C GLU A 56 4.86 -3.39 -10.91
N ILE A 57 3.56 -3.14 -10.82
CA ILE A 57 2.68 -3.97 -10.02
C ILE A 57 1.73 -4.77 -10.90
N SER A 58 1.83 -6.09 -10.82
CA SER A 58 0.98 -6.97 -11.62
C SER A 58 -0.49 -6.66 -11.39
N ASP A 59 -1.34 -7.23 -12.23
CA ASP A 59 -2.79 -7.01 -12.14
C ASP A 59 -3.40 -7.91 -11.06
N GLU A 60 -3.06 -9.20 -11.12
CA GLU A 60 -3.58 -10.16 -10.16
C GLU A 60 -3.10 -9.84 -8.75
N ASP A 61 -1.80 -9.62 -8.61
CA ASP A 61 -1.21 -9.29 -7.31
C ASP A 61 -1.82 -8.01 -6.74
N ALA A 62 -2.25 -7.12 -7.63
CA ALA A 62 -2.84 -5.85 -7.21
C ALA A 62 -3.97 -6.09 -6.21
N GLU A 63 -4.52 -7.30 -6.22
CA GLU A 63 -5.61 -7.65 -5.31
C GLU A 63 -5.06 -8.17 -3.98
N LYS A 64 -3.91 -8.83 -4.05
CA LYS A 64 -3.28 -9.39 -2.85
C LYS A 64 -2.14 -8.49 -2.39
N ILE A 65 -2.29 -7.19 -2.56
CA ILE A 65 -1.28 -6.24 -2.15
C ILE A 65 -1.91 -4.91 -1.71
N GLU A 66 -3.07 -5.01 -1.06
CA GLU A 66 -3.78 -3.83 -0.59
C GLU A 66 -3.71 -3.73 0.94
N THR A 67 -2.73 -4.40 1.53
CA THR A 67 -2.57 -4.40 2.97
C THR A 67 -1.18 -3.90 3.37
N VAL A 68 -1.04 -3.50 4.63
CA VAL A 68 0.23 -3.00 5.13
C VAL A 68 1.38 -3.93 4.75
N GLY A 69 1.21 -5.22 5.03
CA GLY A 69 2.23 -6.19 4.72
C GLY A 69 2.19 -6.63 3.26
N ALA A 70 0.99 -6.91 2.77
CA ALA A 70 0.81 -7.33 1.39
C ALA A 70 1.36 -6.30 0.41
N ALA A 71 1.56 -5.08 0.90
CA ALA A 71 2.07 -4.00 0.06
C ALA A 71 3.60 -3.99 0.08
N VAL A 72 4.18 -3.70 1.23
CA VAL A 72 5.63 -3.66 1.37
C VAL A 72 6.26 -4.98 0.94
N ASP A 73 5.63 -6.08 1.32
CA ASP A 73 6.13 -7.41 0.98
C ASP A 73 6.16 -7.59 -0.54
N TYR A 74 5.32 -6.84 -1.24
CA TYR A 74 5.25 -6.92 -2.70
C TYR A 74 6.23 -5.95 -3.34
N ILE A 75 6.14 -4.67 -2.96
CA ILE A 75 7.02 -3.65 -3.50
C ILE A 75 8.48 -3.99 -3.24
N VAL A 76 8.78 -4.49 -2.05
CA VAL A 76 10.14 -4.86 -1.69
C VAL A 76 10.58 -6.11 -2.44
N SER A 77 9.87 -7.21 -2.21
CA SER A 77 10.20 -8.47 -2.87
C SER A 77 10.33 -8.30 -4.37
N ASN A 78 9.58 -7.34 -4.91
CA ASN A 78 9.61 -7.06 -6.34
C ASN A 78 10.75 -6.09 -6.69
N SER A 79 11.04 -5.19 -5.76
CA SER A 79 12.10 -4.21 -5.96
C SER A 79 13.41 -4.88 -6.36
N MET A 1 11.72 4.71 -1.82
CA MET A 1 12.86 4.08 -2.48
C MET A 1 13.18 2.72 -1.85
N THR A 2 13.61 2.74 -0.59
CA THR A 2 13.94 1.52 0.12
C THR A 2 12.73 0.98 0.88
N ARG A 3 12.90 -0.21 1.45
CA ARG A 3 11.82 -0.84 2.21
C ARG A 3 11.31 0.09 3.31
N GLU A 4 12.23 0.73 4.00
CA GLU A 4 11.88 1.65 5.08
C GLU A 4 11.01 2.80 4.56
N GLU A 5 11.55 3.56 3.62
CA GLU A 5 10.83 4.69 3.04
C GLU A 5 9.44 4.26 2.58
N VAL A 6 9.35 3.08 1.99
CA VAL A 6 8.08 2.56 1.51
C VAL A 6 7.09 2.39 2.65
N LEU A 7 7.51 1.68 3.69
CA LEU A 7 6.66 1.45 4.85
C LEU A 7 6.15 2.76 5.42
N GLN A 8 7.05 3.73 5.56
CA GLN A 8 6.68 5.04 6.09
C GLN A 8 5.64 5.72 5.21
N LYS A 9 6.01 5.98 3.96
CA LYS A 9 5.09 6.62 3.02
C LYS A 9 3.74 5.94 3.02
N VAL A 10 3.74 4.63 2.79
CA VAL A 10 2.51 3.85 2.76
C VAL A 10 1.64 4.14 3.99
N ALA A 11 2.23 3.96 5.17
CA ALA A 11 1.52 4.20 6.41
C ALA A 11 1.04 5.64 6.50
N LYS A 12 1.89 6.58 6.07
CA LYS A 12 1.55 7.99 6.10
C LYS A 12 0.34 8.27 5.22
N ILE A 13 0.48 8.00 3.93
CA ILE A 13 -0.60 8.23 2.98
C ILE A 13 -1.85 7.48 3.38
N ILE A 14 -1.67 6.36 4.07
CA ILE A 14 -2.79 5.55 4.52
C ILE A 14 -3.49 6.18 5.71
N SER A 15 -2.69 6.66 6.67
CA SER A 15 -3.23 7.29 7.87
C SER A 15 -3.89 8.62 7.53
N ASN A 16 -3.44 9.24 6.44
CA ASN A 16 -4.00 10.52 6.01
C ASN A 16 -5.21 10.32 5.11
N HIS A 17 -5.09 9.38 4.18
CA HIS A 17 -6.18 9.08 3.25
C HIS A 17 -7.35 8.43 3.99
N PHE A 18 -7.05 7.43 4.81
CA PHE A 18 -8.08 6.72 5.56
C PHE A 18 -8.17 7.26 6.99
N ASP A 19 -9.05 6.66 7.79
CA ASP A 19 -9.23 7.09 9.17
C ASP A 19 -8.44 6.19 10.12
N ILE A 20 -7.50 5.43 9.56
CA ILE A 20 -6.67 4.53 10.35
C ILE A 20 -5.51 5.27 11.00
N GLU A 21 -4.96 4.70 12.06
CA GLU A 21 -3.84 5.31 12.76
C GLU A 21 -2.51 4.97 12.08
N ALA A 22 -1.73 6.00 11.78
CA ALA A 22 -0.44 5.82 11.13
C ALA A 22 0.42 4.82 11.90
N ASP A 23 0.14 4.66 13.18
CA ASP A 23 0.88 3.75 14.04
C ASP A 23 0.21 2.37 14.09
N GLN A 24 -1.11 2.36 13.89
CA GLN A 24 -1.87 1.13 13.92
C GLN A 24 -1.73 0.38 12.60
N VAL A 25 -1.60 1.12 11.50
CA VAL A 25 -1.46 0.52 10.18
C VAL A 25 -0.27 -0.43 10.13
N THR A 26 -0.55 -1.70 9.89
CA THR A 26 0.51 -2.71 9.81
C THR A 26 0.14 -3.81 8.83
N ASP A 27 1.07 -4.73 8.59
CA ASP A 27 0.85 -5.84 7.67
C ASP A 27 -0.26 -6.75 8.19
N GLN A 28 -0.50 -6.70 9.49
CA GLN A 28 -1.53 -7.53 10.11
C GLN A 28 -2.89 -6.85 10.03
N LEU A 29 -2.96 -5.74 9.31
CA LEU A 29 -4.20 -4.98 9.16
C LEU A 29 -4.40 -4.54 7.71
N ASN A 30 -4.80 -5.49 6.87
CA ASN A 30 -5.02 -5.20 5.45
C ASN A 30 -6.01 -4.04 5.29
N ILE A 31 -5.51 -2.91 4.79
CA ILE A 31 -6.35 -1.74 4.59
C ILE A 31 -7.59 -2.08 3.78
N LYS A 32 -7.43 -2.97 2.81
CA LYS A 32 -8.54 -3.39 1.97
C LYS A 32 -9.79 -3.68 2.80
N ASP A 33 -9.67 -4.63 3.72
CA ASP A 33 -10.79 -4.98 4.60
C ASP A 33 -10.82 -4.10 5.83
N ASP A 34 -9.67 -3.98 6.49
CA ASP A 34 -9.56 -3.16 7.70
C ASP A 34 -10.26 -1.81 7.50
N LEU A 35 -9.84 -1.08 6.47
CA LEU A 35 -10.43 0.22 6.18
C LEU A 35 -11.62 0.09 5.23
N ASN A 36 -11.77 -1.09 4.65
CA ASN A 36 -12.88 -1.35 3.72
C ASN A 36 -12.73 -0.53 2.45
N ALA A 37 -11.49 -0.21 2.11
CA ALA A 37 -11.20 0.58 0.92
C ALA A 37 -11.95 0.01 -0.29
N ASP A 38 -12.44 0.91 -1.15
CA ASP A 38 -13.18 0.51 -2.34
C ASP A 38 -12.25 -0.22 -3.32
N SER A 39 -12.81 -0.66 -4.44
CA SER A 39 -12.05 -1.37 -5.46
C SER A 39 -11.33 -0.39 -6.37
N ILE A 40 -12.08 0.52 -6.96
CA ILE A 40 -11.51 1.52 -7.86
C ILE A 40 -10.32 2.23 -7.21
N SER A 41 -10.45 2.56 -5.93
CA SER A 41 -9.39 3.24 -5.20
C SER A 41 -8.07 2.52 -5.37
N VAL A 42 -8.12 1.19 -5.42
CA VAL A 42 -6.93 0.37 -5.59
C VAL A 42 -6.12 0.83 -6.80
N MET A 43 -6.82 1.18 -7.87
CA MET A 43 -6.16 1.64 -9.10
C MET A 43 -5.32 2.89 -8.82
N GLU A 44 -5.70 3.65 -7.82
CA GLU A 44 -4.98 4.87 -7.46
C GLU A 44 -3.82 4.56 -6.52
N PHE A 45 -4.13 3.90 -5.41
CA PHE A 45 -3.12 3.54 -4.42
C PHE A 45 -1.98 2.76 -5.07
N VAL A 46 -2.33 1.87 -5.99
CA VAL A 46 -1.34 1.06 -6.70
C VAL A 46 -0.48 1.92 -7.61
N LEU A 47 -0.99 3.09 -7.97
CA LEU A 47 -0.26 4.00 -8.85
C LEU A 47 0.74 4.83 -8.05
N GLU A 48 0.27 5.47 -6.99
CA GLU A 48 1.12 6.30 -6.15
C GLU A 48 2.30 5.48 -5.62
N LEU A 49 2.05 4.22 -5.29
CA LEU A 49 3.09 3.34 -4.77
C LEU A 49 4.11 2.99 -5.85
N GLU A 50 3.62 2.37 -6.93
CA GLU A 50 4.49 1.98 -8.04
C GLU A 50 5.19 3.20 -8.63
N ASP A 51 4.60 4.37 -8.42
CA ASP A 51 5.17 5.61 -8.93
C ASP A 51 6.22 6.16 -7.97
N GLU A 52 5.78 6.53 -6.77
CA GLU A 52 6.68 7.06 -5.76
C GLU A 52 7.91 6.17 -5.59
N PHE A 53 7.66 4.89 -5.33
CA PHE A 53 8.75 3.93 -5.14
C PHE A 53 9.55 3.76 -6.42
N GLY A 54 8.92 4.06 -7.56
CA GLY A 54 9.60 3.93 -8.84
C GLY A 54 9.76 2.48 -9.27
N THR A 55 8.65 1.77 -9.34
CA THR A 55 8.66 0.36 -9.74
C THR A 55 7.39 -0.01 -10.50
N GLU A 56 7.40 -1.20 -11.10
CA GLU A 56 6.25 -1.68 -11.85
C GLU A 56 5.48 -2.73 -11.06
N ILE A 57 4.16 -2.64 -11.09
CA ILE A 57 3.30 -3.59 -10.38
C ILE A 57 2.36 -4.30 -11.33
N SER A 58 2.48 -5.63 -11.39
CA SER A 58 1.64 -6.43 -12.28
C SER A 58 0.16 -6.17 -12.00
N ASP A 59 -0.69 -6.62 -12.91
CA ASP A 59 -2.13 -6.44 -12.78
C ASP A 59 -2.73 -7.49 -11.85
N GLU A 60 -2.05 -8.63 -11.73
CA GLU A 60 -2.51 -9.71 -10.88
C GLU A 60 -2.16 -9.45 -9.42
N ASP A 61 -0.88 -9.34 -9.13
CA ASP A 61 -0.42 -9.08 -7.77
C ASP A 61 -1.04 -7.81 -7.22
N ALA A 62 -1.46 -6.92 -8.12
CA ALA A 62 -2.06 -5.66 -7.72
C ALA A 62 -3.19 -5.88 -6.71
N GLU A 63 -3.75 -7.09 -6.71
CA GLU A 63 -4.83 -7.43 -5.80
C GLU A 63 -4.28 -7.96 -4.48
N LYS A 64 -3.14 -8.63 -4.55
CA LYS A 64 -2.50 -9.19 -3.36
C LYS A 64 -1.36 -8.30 -2.88
N ILE A 65 -1.52 -6.99 -3.05
CA ILE A 65 -0.51 -6.04 -2.63
C ILE A 65 -1.15 -4.73 -2.16
N GLU A 66 -2.30 -4.84 -1.53
CA GLU A 66 -3.01 -3.68 -1.02
C GLU A 66 -2.79 -3.51 0.48
N THR A 67 -2.20 -4.53 1.10
CA THR A 67 -1.93 -4.50 2.54
C THR A 67 -0.54 -3.95 2.82
N VAL A 68 -0.35 -3.44 4.04
CA VAL A 68 0.94 -2.88 4.44
C VAL A 68 2.08 -3.84 4.11
N GLY A 69 1.90 -5.11 4.45
CA GLY A 69 2.93 -6.11 4.18
C GLY A 69 2.93 -6.56 2.73
N ALA A 70 1.75 -6.89 2.22
CA ALA A 70 1.62 -7.35 0.84
C ALA A 70 2.12 -6.28 -0.14
N ALA A 71 2.23 -5.05 0.35
CA ALA A 71 2.71 -3.95 -0.49
C ALA A 71 4.22 -3.84 -0.44
N VAL A 72 4.77 -3.50 0.72
CA VAL A 72 6.20 -3.37 0.89
C VAL A 72 6.93 -4.64 0.47
N ASP A 73 6.36 -5.78 0.83
CA ASP A 73 6.95 -7.07 0.49
C ASP A 73 7.02 -7.26 -1.02
N TYR A 74 6.14 -6.56 -1.73
CA TYR A 74 6.10 -6.65 -3.18
C TYR A 74 7.03 -5.62 -3.83
N ILE A 75 6.85 -4.36 -3.43
CA ILE A 75 7.68 -3.27 -3.97
C ILE A 75 9.15 -3.52 -3.69
N VAL A 76 9.46 -3.96 -2.48
CA VAL A 76 10.83 -4.24 -2.09
C VAL A 76 11.38 -5.46 -2.83
N SER A 77 10.74 -6.60 -2.62
CA SER A 77 11.16 -7.85 -3.26
C SER A 77 11.30 -7.65 -4.78
N ASN A 78 10.51 -6.75 -5.33
CA ASN A 78 10.54 -6.46 -6.76
C ASN A 78 11.66 -5.47 -7.09
N SER A 79 11.87 -4.50 -6.19
CA SER A 79 12.90 -3.49 -6.39
C SER A 79 13.30 -2.86 -5.06
N MET A 1 12.31 3.87 -1.30
CA MET A 1 13.35 3.07 -1.96
C MET A 1 13.46 1.70 -1.33
N THR A 2 13.81 1.67 -0.04
CA THR A 2 13.95 0.42 0.69
C THR A 2 12.63 -0.02 1.30
N ARG A 3 12.62 -1.22 1.88
CA ARG A 3 11.42 -1.75 2.51
C ARG A 3 10.92 -0.83 3.61
N GLU A 4 11.86 -0.26 4.36
CA GLU A 4 11.52 0.66 5.45
C GLU A 4 10.79 1.88 4.93
N GLU A 5 11.46 2.66 4.10
CA GLU A 5 10.88 3.87 3.53
C GLU A 5 9.52 3.58 2.92
N VAL A 6 9.44 2.51 2.14
CA VAL A 6 8.19 2.12 1.49
C VAL A 6 7.12 1.78 2.52
N LEU A 7 7.45 0.88 3.45
CA LEU A 7 6.51 0.47 4.48
C LEU A 7 6.00 1.69 5.25
N GLN A 8 6.90 2.59 5.61
CA GLN A 8 6.53 3.80 6.33
C GLN A 8 5.54 4.64 5.53
N LYS A 9 5.96 5.08 4.36
CA LYS A 9 5.12 5.90 3.50
C LYS A 9 3.72 5.30 3.37
N VAL A 10 3.65 4.07 2.87
CA VAL A 10 2.38 3.37 2.71
C VAL A 10 1.56 3.42 4.00
N ALA A 11 2.21 3.14 5.12
CA ALA A 11 1.55 3.16 6.41
C ALA A 11 1.04 4.55 6.76
N LYS A 12 1.79 5.57 6.36
CA LYS A 12 1.41 6.95 6.61
C LYS A 12 0.27 7.39 5.69
N ILE A 13 0.52 7.36 4.39
CA ILE A 13 -0.49 7.74 3.41
C ILE A 13 -1.81 7.00 3.66
N ILE A 14 -1.71 5.76 4.07
CA ILE A 14 -2.89 4.94 4.34
C ILE A 14 -3.55 5.35 5.66
N SER A 15 -2.72 5.49 6.70
CA SER A 15 -3.22 5.87 8.02
C SER A 15 -3.80 7.28 7.99
N ASN A 16 -3.41 8.05 6.97
CA ASN A 16 -3.89 9.42 6.83
C ASN A 16 -5.11 9.48 5.92
N HIS A 17 -5.03 8.78 4.79
CA HIS A 17 -6.12 8.75 3.83
C HIS A 17 -7.33 8.01 4.41
N PHE A 18 -7.07 6.84 4.99
CA PHE A 18 -8.14 6.03 5.58
C PHE A 18 -8.25 6.30 7.08
N ASP A 19 -9.17 5.57 7.72
CA ASP A 19 -9.38 5.73 9.16
C ASP A 19 -8.70 4.59 9.93
N ILE A 20 -7.74 3.94 9.30
CA ILE A 20 -7.01 2.84 9.93
C ILE A 20 -5.91 3.36 10.84
N GLU A 21 -5.45 2.51 11.75
CA GLU A 21 -4.39 2.88 12.68
C GLU A 21 -3.02 2.55 12.10
N ALA A 22 -2.15 3.55 12.06
CA ALA A 22 -0.80 3.35 11.54
C ALA A 22 -0.06 2.24 12.29
N ASP A 23 -0.55 1.93 13.49
CA ASP A 23 0.06 0.89 14.31
C ASP A 23 -0.66 -0.45 14.11
N GLN A 24 -1.94 -0.37 13.79
CA GLN A 24 -2.75 -1.57 13.58
C GLN A 24 -2.52 -2.15 12.19
N VAL A 25 -2.24 -1.27 11.23
CA VAL A 25 -2.01 -1.69 9.85
C VAL A 25 -1.04 -2.87 9.80
N THR A 26 -1.57 -4.06 9.53
CA THR A 26 -0.76 -5.26 9.46
C THR A 26 -0.98 -5.99 8.14
N ASP A 27 -0.05 -6.88 7.80
CA ASP A 27 -0.15 -7.66 6.56
C ASP A 27 -1.38 -8.55 6.58
N GLN A 28 -1.94 -8.76 7.77
CA GLN A 28 -3.12 -9.60 7.91
C GLN A 28 -4.39 -8.76 7.97
N LEU A 29 -4.27 -7.50 7.57
CA LEU A 29 -5.41 -6.58 7.57
C LEU A 29 -5.47 -5.78 6.27
N ASN A 30 -5.91 -6.43 5.20
CA ASN A 30 -6.01 -5.77 3.90
C ASN A 30 -6.88 -4.51 3.99
N ILE A 31 -6.33 -3.39 3.55
CA ILE A 31 -7.06 -2.13 3.57
C ILE A 31 -8.23 -2.14 2.60
N LYS A 32 -7.99 -2.66 1.41
CA LYS A 32 -9.04 -2.73 0.39
C LYS A 32 -10.33 -3.29 0.97
N ASP A 33 -10.20 -4.35 1.77
CA ASP A 33 -11.36 -4.98 2.39
C ASP A 33 -11.69 -4.31 3.72
N ASP A 34 -10.72 -4.30 4.63
CA ASP A 34 -10.91 -3.70 5.95
C ASP A 34 -11.58 -2.33 5.82
N LEU A 35 -10.95 -1.44 5.07
CA LEU A 35 -11.48 -0.09 4.86
C LEU A 35 -12.58 -0.09 3.80
N ASN A 36 -12.60 -1.15 2.99
CA ASN A 36 -13.61 -1.26 1.94
C ASN A 36 -13.41 -0.19 0.87
N ALA A 37 -12.17 0.26 0.71
CA ALA A 37 -11.84 1.28 -0.27
C ALA A 37 -12.46 0.95 -1.62
N ASP A 38 -12.88 1.99 -2.35
CA ASP A 38 -13.49 1.82 -3.65
C ASP A 38 -12.49 1.24 -4.64
N SER A 39 -12.96 1.00 -5.87
CA SER A 39 -12.10 0.44 -6.91
C SER A 39 -11.26 1.53 -7.57
N ILE A 40 -11.93 2.60 -8.02
CA ILE A 40 -11.24 3.70 -8.67
C ILE A 40 -10.06 4.18 -7.84
N SER A 41 -10.28 4.33 -6.53
CA SER A 41 -9.23 4.78 -5.63
C SER A 41 -7.95 3.97 -5.82
N VAL A 42 -8.12 2.67 -6.10
CA VAL A 42 -6.97 1.80 -6.31
C VAL A 42 -6.06 2.34 -7.40
N MET A 43 -6.65 2.90 -8.45
CA MET A 43 -5.89 3.46 -9.55
C MET A 43 -5.01 4.61 -9.08
N GLU A 44 -5.41 5.24 -7.97
CA GLU A 44 -4.65 6.36 -7.42
C GLU A 44 -3.55 5.87 -6.49
N PHE A 45 -3.91 5.01 -5.54
CA PHE A 45 -2.95 4.47 -4.59
C PHE A 45 -1.82 3.74 -5.31
N VAL A 46 -2.19 2.95 -6.33
CA VAL A 46 -1.22 2.20 -7.11
C VAL A 46 -0.30 3.12 -7.88
N LEU A 47 -0.76 4.35 -8.10
CA LEU A 47 0.03 5.34 -8.84
C LEU A 47 1.06 6.00 -7.93
N GLU A 48 0.60 6.51 -6.79
CA GLU A 48 1.47 7.17 -5.84
C GLU A 48 2.60 6.24 -5.40
N LEU A 49 2.25 4.97 -5.18
CA LEU A 49 3.23 3.97 -4.75
C LEU A 49 4.24 3.69 -5.86
N GLU A 50 3.73 3.26 -7.02
CA GLU A 50 4.59 2.95 -8.16
C GLU A 50 5.39 4.18 -8.58
N ASP A 51 4.90 5.35 -8.21
CA ASP A 51 5.56 6.61 -8.56
C ASP A 51 6.65 6.93 -7.55
N GLU A 52 6.24 7.16 -6.31
CA GLU A 52 7.19 7.49 -5.24
C GLU A 52 8.33 6.49 -5.20
N PHE A 53 7.99 5.22 -5.04
CA PHE A 53 8.99 4.16 -4.99
C PHE A 53 9.71 4.02 -6.31
N GLY A 54 9.04 4.40 -7.40
CA GLY A 54 9.65 4.31 -8.72
C GLY A 54 9.76 2.89 -9.21
N THR A 55 8.64 2.19 -9.25
CA THR A 55 8.61 0.80 -9.71
C THR A 55 7.42 0.54 -10.63
N GLU A 56 7.49 -0.56 -11.37
CA GLU A 56 6.42 -0.93 -12.30
C GLU A 56 5.49 -1.96 -11.66
N ILE A 57 4.23 -1.59 -11.51
CA ILE A 57 3.23 -2.49 -10.92
C ILE A 57 2.26 -3.00 -11.97
N SER A 58 2.23 -4.32 -12.13
CA SER A 58 1.34 -4.95 -13.11
C SER A 58 -0.11 -4.51 -12.90
N ASP A 59 -0.97 -4.86 -13.85
CA ASP A 59 -2.38 -4.50 -13.76
C ASP A 59 -3.13 -5.46 -12.85
N GLU A 60 -2.95 -6.76 -13.09
CA GLU A 60 -3.61 -7.79 -12.30
C GLU A 60 -3.06 -7.80 -10.87
N ASP A 61 -1.74 -7.79 -10.75
CA ASP A 61 -1.09 -7.79 -9.44
C ASP A 61 -1.55 -6.61 -8.60
N ALA A 62 -1.62 -5.44 -9.22
CA ALA A 62 -2.05 -4.23 -8.53
C ALA A 62 -3.45 -4.41 -7.93
N GLU A 63 -4.17 -5.41 -8.41
CA GLU A 63 -5.52 -5.68 -7.92
C GLU A 63 -5.48 -6.56 -6.68
N LYS A 64 -4.36 -7.25 -6.48
CA LYS A 64 -4.20 -8.13 -5.34
C LYS A 64 -3.33 -7.49 -4.27
N ILE A 65 -2.23 -6.88 -4.69
CA ILE A 65 -1.32 -6.22 -3.77
C ILE A 65 -1.91 -4.92 -3.24
N GLU A 66 -2.98 -5.03 -2.46
CA GLU A 66 -3.64 -3.87 -1.89
C GLU A 66 -3.63 -3.92 -0.37
N THR A 67 -2.75 -4.75 0.19
CA THR A 67 -2.63 -4.89 1.63
C THR A 67 -1.29 -4.39 2.14
N VAL A 68 -1.21 -4.11 3.43
CA VAL A 68 0.02 -3.62 4.04
C VAL A 68 1.20 -4.49 3.63
N GLY A 69 1.03 -5.81 3.75
CA GLY A 69 2.10 -6.73 3.39
C GLY A 69 2.16 -6.99 1.89
N ALA A 70 0.99 -7.20 1.29
CA ALA A 70 0.92 -7.47 -0.14
C ALA A 70 1.51 -6.31 -0.95
N ALA A 71 1.64 -5.15 -0.31
CA ALA A 71 2.19 -3.98 -0.96
C ALA A 71 3.71 -3.95 -0.87
N VAL A 72 4.22 -3.80 0.35
CA VAL A 72 5.66 -3.76 0.58
C VAL A 72 6.34 -5.00 0.03
N ASP A 73 5.70 -6.15 0.19
CA ASP A 73 6.25 -7.41 -0.29
C ASP A 73 6.39 -7.38 -1.81
N TYR A 74 5.59 -6.56 -2.47
CA TYR A 74 5.63 -6.43 -3.92
C TYR A 74 6.63 -5.36 -4.35
N ILE A 75 6.47 -4.17 -3.80
CA ILE A 75 7.36 -3.06 -4.13
C ILE A 75 8.81 -3.40 -3.81
N VAL A 76 9.03 -4.05 -2.67
CA VAL A 76 10.37 -4.44 -2.26
C VAL A 76 10.91 -5.57 -3.13
N SER A 77 10.21 -6.70 -3.12
CA SER A 77 10.62 -7.86 -3.91
C SER A 77 10.86 -7.46 -5.37
N ASN A 78 10.12 -6.45 -5.83
CA ASN A 78 10.25 -5.97 -7.20
C ASN A 78 11.40 -4.96 -7.33
N SER A 79 11.61 -4.19 -6.26
CA SER A 79 12.66 -3.19 -6.25
C SER A 79 12.43 -2.15 -7.34
N MET A 1 12.48 4.15 -1.60
CA MET A 1 13.52 3.33 -2.22
C MET A 1 13.60 1.95 -1.57
N THR A 2 13.92 1.93 -0.29
CA THR A 2 14.03 0.67 0.45
C THR A 2 12.69 0.28 1.07
N ARG A 3 12.64 -0.91 1.66
CA ARG A 3 11.42 -1.40 2.28
C ARG A 3 10.97 -0.45 3.39
N GLU A 4 11.93 0.11 4.12
CA GLU A 4 11.62 1.02 5.21
C GLU A 4 10.92 2.28 4.69
N GLU A 5 11.62 3.04 3.85
CA GLU A 5 11.07 4.26 3.28
C GLU A 5 9.69 4.00 2.67
N VAL A 6 9.58 2.92 1.91
CA VAL A 6 8.32 2.56 1.26
C VAL A 6 7.25 2.26 2.31
N LEU A 7 7.55 1.34 3.21
CA LEU A 7 6.61 0.95 4.26
C LEU A 7 6.13 2.18 5.03
N GLN A 8 7.07 3.05 5.42
CA GLN A 8 6.74 4.26 6.16
C GLN A 8 5.81 5.15 5.35
N LYS A 9 6.28 5.59 4.18
CA LYS A 9 5.49 6.45 3.31
C LYS A 9 4.07 5.92 3.18
N VAL A 10 3.93 4.71 2.67
CA VAL A 10 2.63 4.08 2.48
C VAL A 10 1.80 4.16 3.77
N ALA A 11 2.42 3.83 4.88
CA ALA A 11 1.75 3.86 6.17
C ALA A 11 1.28 5.27 6.52
N LYS A 12 2.09 6.26 6.15
CA LYS A 12 1.76 7.65 6.42
C LYS A 12 0.66 8.14 5.48
N ILE A 13 0.94 8.11 4.18
CA ILE A 13 -0.02 8.54 3.17
C ILE A 13 -1.39 7.90 3.41
N ILE A 14 -1.38 6.64 3.84
CA ILE A 14 -2.62 5.91 4.10
C ILE A 14 -3.23 6.35 5.43
N SER A 15 -2.39 6.48 6.44
CA SER A 15 -2.84 6.87 7.77
C SER A 15 -3.40 8.30 7.74
N ASN A 16 -2.96 9.07 6.76
CA ASN A 16 -3.40 10.47 6.63
C ASN A 16 -4.63 10.55 5.71
N HIS A 17 -4.58 9.81 4.61
CA HIS A 17 -5.68 9.81 3.65
C HIS A 17 -6.92 9.15 4.25
N PHE A 18 -6.73 7.99 4.87
CA PHE A 18 -7.83 7.26 5.48
C PHE A 18 -7.93 7.57 6.98
N ASP A 19 -8.83 6.88 7.66
CA ASP A 19 -9.02 7.08 9.09
C ASP A 19 -8.32 5.98 9.89
N ILE A 20 -7.37 5.31 9.26
CA ILE A 20 -6.63 4.23 9.91
C ILE A 20 -5.51 4.78 10.78
N GLU A 21 -5.03 3.97 11.71
CA GLU A 21 -3.94 4.38 12.59
C GLU A 21 -2.59 3.98 12.02
N ALA A 22 -1.69 4.95 11.91
CA ALA A 22 -0.36 4.70 11.37
C ALA A 22 0.37 3.63 12.19
N ASP A 23 -0.11 3.40 13.41
CA ASP A 23 0.49 2.40 14.28
C ASP A 23 -0.25 1.08 14.19
N GLN A 24 -1.55 1.15 13.89
CA GLN A 24 -2.38 -0.05 13.78
C GLN A 24 -2.18 -0.71 12.42
N VAL A 25 -1.93 0.10 11.40
CA VAL A 25 -1.73 -0.40 10.05
C VAL A 25 -0.82 -1.62 10.05
N THR A 26 -1.38 -2.78 9.72
CA THR A 26 -0.61 -4.01 9.68
C THR A 26 -0.90 -4.81 8.41
N ASP A 27 -0.01 -5.75 8.09
CA ASP A 27 -0.18 -6.57 6.89
C ASP A 27 -1.45 -7.41 6.99
N GLN A 28 -1.97 -7.57 8.20
CA GLN A 28 -3.18 -8.35 8.42
C GLN A 28 -4.41 -7.44 8.51
N LEU A 29 -4.25 -6.21 8.05
CA LEU A 29 -5.35 -5.25 8.07
C LEU A 29 -5.44 -4.49 6.74
N ASN A 30 -5.95 -5.16 5.72
CA ASN A 30 -6.09 -4.55 4.40
C ASN A 30 -6.91 -3.27 4.47
N ILE A 31 -6.34 -2.18 3.96
CA ILE A 31 -7.02 -0.89 3.98
C ILE A 31 -8.19 -0.88 3.00
N LYS A 32 -7.95 -1.36 1.78
CA LYS A 32 -8.98 -1.41 0.76
C LYS A 32 -10.27 -2.02 1.31
N ASP A 33 -10.12 -3.06 2.13
CA ASP A 33 -11.27 -3.73 2.73
C ASP A 33 -11.68 -3.05 4.03
N ASP A 34 -10.75 -2.99 4.98
CA ASP A 34 -11.01 -2.38 6.27
C ASP A 34 -11.68 -1.01 6.09
N LEU A 35 -11.01 -0.13 5.36
CA LEU A 35 -11.54 1.21 5.10
C LEU A 35 -12.59 1.18 4.00
N ASN A 36 -12.61 0.10 3.23
CA ASN A 36 -13.57 -0.04 2.14
C ASN A 36 -13.29 0.96 1.03
N ALA A 37 -12.01 1.30 0.86
CA ALA A 37 -11.60 2.24 -0.17
C ALA A 37 -12.24 1.89 -1.52
N ASP A 38 -12.66 2.93 -2.25
CA ASP A 38 -13.28 2.73 -3.55
C ASP A 38 -12.29 2.10 -4.53
N SER A 39 -12.79 1.74 -5.72
CA SER A 39 -11.96 1.13 -6.73
C SER A 39 -11.15 2.19 -7.48
N ILE A 40 -11.82 3.24 -7.92
CA ILE A 40 -11.16 4.32 -8.64
C ILE A 40 -9.94 4.83 -7.88
N SER A 41 -10.10 5.00 -6.57
CA SER A 41 -9.01 5.48 -5.73
C SER A 41 -7.75 4.65 -5.95
N VAL A 42 -7.93 3.36 -6.18
CA VAL A 42 -6.81 2.45 -6.40
C VAL A 42 -5.92 2.96 -7.53
N MET A 43 -6.55 3.49 -8.57
CA MET A 43 -5.81 4.02 -9.72
C MET A 43 -4.89 5.15 -9.31
N GLU A 44 -5.25 5.84 -8.24
CA GLU A 44 -4.45 6.96 -7.74
C GLU A 44 -3.36 6.47 -6.79
N PHE A 45 -3.77 5.68 -5.80
CA PHE A 45 -2.83 5.14 -4.83
C PHE A 45 -1.74 4.32 -5.51
N VAL A 46 -2.13 3.58 -6.54
CA VAL A 46 -1.18 2.75 -7.29
C VAL A 46 -0.21 3.61 -8.09
N LEU A 47 -0.61 4.86 -8.36
CA LEU A 47 0.23 5.77 -9.12
C LEU A 47 1.26 6.43 -8.22
N GLU A 48 0.81 7.03 -7.13
CA GLU A 48 1.70 7.68 -6.18
C GLU A 48 2.83 6.76 -5.77
N LEU A 49 2.49 5.51 -5.50
CA LEU A 49 3.47 4.51 -5.09
C LEU A 49 4.42 4.18 -6.23
N GLU A 50 3.89 4.14 -7.44
CA GLU A 50 4.70 3.84 -8.62
C GLU A 50 5.64 4.99 -8.95
N ASP A 51 5.20 6.21 -8.67
CA ASP A 51 6.00 7.39 -8.93
C ASP A 51 7.00 7.64 -7.81
N GLU A 52 6.50 7.75 -6.58
CA GLU A 52 7.35 7.98 -5.42
C GLU A 52 8.49 6.97 -5.37
N PHE A 53 8.14 5.69 -5.30
CA PHE A 53 9.14 4.63 -5.25
C PHE A 53 9.80 4.44 -6.61
N GLY A 54 9.07 4.77 -7.66
CA GLY A 54 9.61 4.63 -9.01
C GLY A 54 9.66 3.18 -9.47
N THR A 55 8.51 2.52 -9.45
CA THR A 55 8.42 1.12 -9.86
C THR A 55 7.14 0.86 -10.64
N GLU A 56 7.20 -0.14 -11.52
CA GLU A 56 6.03 -0.49 -12.34
C GLU A 56 5.13 -1.48 -11.59
N ILE A 57 3.85 -1.14 -11.52
CA ILE A 57 2.88 -1.99 -10.84
C ILE A 57 1.93 -2.65 -11.83
N SER A 58 2.01 -3.97 -11.93
CA SER A 58 1.15 -4.72 -12.84
C SER A 58 -0.32 -4.41 -12.60
N ASP A 59 -1.16 -4.76 -13.56
CA ASP A 59 -2.60 -4.53 -13.45
C ASP A 59 -3.26 -5.62 -12.61
N GLU A 60 -2.66 -6.80 -12.61
CA GLU A 60 -3.20 -7.93 -11.87
C GLU A 60 -2.87 -7.80 -10.38
N ASP A 61 -1.58 -7.80 -10.07
CA ASP A 61 -1.13 -7.69 -8.68
C ASP A 61 -1.67 -6.41 -8.05
N ALA A 62 -2.00 -5.43 -8.88
CA ALA A 62 -2.52 -4.16 -8.40
C ALA A 62 -3.69 -4.37 -7.44
N GLU A 63 -4.34 -5.53 -7.55
CA GLU A 63 -5.47 -5.85 -6.69
C GLU A 63 -5.00 -6.52 -5.40
N LYS A 64 -3.90 -7.26 -5.50
CA LYS A 64 -3.35 -7.95 -4.33
C LYS A 64 -2.16 -7.19 -3.76
N ILE A 65 -2.22 -5.86 -3.83
CA ILE A 65 -1.16 -5.01 -3.32
C ILE A 65 -1.71 -3.70 -2.78
N GLU A 66 -2.89 -3.76 -2.18
CA GLU A 66 -3.53 -2.57 -1.62
C GLU A 66 -3.44 -2.58 -0.09
N THR A 67 -2.87 -3.65 0.46
CA THR A 67 -2.73 -3.78 1.90
C THR A 67 -1.34 -3.35 2.36
N VAL A 68 -1.22 -3.05 3.64
CA VAL A 68 0.06 -2.62 4.21
C VAL A 68 1.19 -3.56 3.80
N GLY A 69 0.95 -4.86 3.96
CA GLY A 69 1.95 -5.85 3.60
C GLY A 69 1.96 -6.15 2.11
N ALA A 70 0.78 -6.32 1.53
CA ALA A 70 0.66 -6.61 0.12
C ALA A 70 1.27 -5.50 -0.73
N ALA A 71 1.47 -4.34 -0.12
CA ALA A 71 2.05 -3.20 -0.81
C ALA A 71 3.58 -3.24 -0.76
N VAL A 72 4.12 -3.09 0.44
CA VAL A 72 5.57 -3.11 0.63
C VAL A 72 6.18 -4.40 0.08
N ASP A 73 5.49 -5.51 0.30
CA ASP A 73 5.96 -6.81 -0.18
C ASP A 73 6.05 -6.83 -1.70
N TYR A 74 5.27 -5.96 -2.35
CA TYR A 74 5.26 -5.88 -3.81
C TYR A 74 6.31 -4.90 -4.31
N ILE A 75 6.26 -3.67 -3.79
CA ILE A 75 7.21 -2.64 -4.18
C ILE A 75 8.64 -3.09 -3.92
N VAL A 76 8.88 -3.68 -2.76
CA VAL A 76 10.20 -4.16 -2.39
C VAL A 76 10.62 -5.34 -3.26
N SER A 77 9.85 -6.42 -3.20
CA SER A 77 10.15 -7.61 -3.97
C SER A 77 10.35 -7.27 -5.44
N ASN A 78 9.66 -6.22 -5.90
CA ASN A 78 9.76 -5.78 -7.29
C ASN A 78 11.01 -4.92 -7.50
N SER A 79 11.34 -4.13 -6.49
CA SER A 79 12.50 -3.25 -6.57
C SER A 79 13.49 -3.55 -5.44
N MET A 1 12.39 3.98 -1.31
CA MET A 1 13.58 3.28 -1.78
C MET A 1 13.67 1.90 -1.13
N THR A 2 14.00 1.87 0.15
CA THR A 2 14.13 0.61 0.87
C THR A 2 12.79 0.16 1.44
N ARG A 3 12.77 -1.04 2.02
CA ARG A 3 11.55 -1.58 2.60
C ARG A 3 11.00 -0.66 3.68
N GLU A 4 11.90 -0.09 4.47
CA GLU A 4 11.50 0.82 5.55
C GLU A 4 10.78 2.04 4.99
N GLU A 5 11.48 2.83 4.18
CA GLU A 5 10.90 4.03 3.59
C GLU A 5 9.56 3.72 2.93
N VAL A 6 9.53 2.65 2.14
CA VAL A 6 8.32 2.24 1.45
C VAL A 6 7.21 1.91 2.44
N LEU A 7 7.47 0.95 3.32
CA LEU A 7 6.49 0.54 4.32
C LEU A 7 5.96 1.75 5.09
N GLN A 8 6.87 2.62 5.52
CA GLN A 8 6.50 3.81 6.26
C GLN A 8 5.56 4.69 5.44
N LYS A 9 6.04 5.14 4.29
CA LYS A 9 5.25 6.00 3.41
C LYS A 9 3.84 5.45 3.24
N VAL A 10 3.74 4.23 2.72
CA VAL A 10 2.45 3.59 2.52
C VAL A 10 1.60 3.63 3.79
N ALA A 11 2.23 3.30 4.92
CA ALA A 11 1.53 3.31 6.19
C ALA A 11 1.01 4.70 6.54
N LYS A 12 1.82 5.72 6.25
CA LYS A 12 1.44 7.10 6.51
C LYS A 12 0.34 7.56 5.56
N ILE A 13 0.65 7.55 4.26
CA ILE A 13 -0.30 7.96 3.25
C ILE A 13 -1.65 7.30 3.46
N ILE A 14 -1.63 6.04 3.87
CA ILE A 14 -2.86 5.30 4.12
C ILE A 14 -3.47 5.68 5.46
N SER A 15 -2.63 5.90 6.46
CA SER A 15 -3.09 6.28 7.79
C SER A 15 -3.70 7.68 7.77
N ASN A 16 -3.31 8.48 6.79
CA ASN A 16 -3.82 9.84 6.67
C ASN A 16 -5.04 9.89 5.75
N HIS A 17 -4.95 9.17 4.64
CA HIS A 17 -6.04 9.12 3.67
C HIS A 17 -7.26 8.39 4.25
N PHE A 18 -7.01 7.23 4.85
CA PHE A 18 -8.07 6.43 5.45
C PHE A 18 -8.19 6.71 6.94
N ASP A 19 -9.08 5.99 7.60
CA ASP A 19 -9.29 6.14 9.04
C ASP A 19 -8.58 5.05 9.82
N ILE A 20 -7.60 4.41 9.19
CA ILE A 20 -6.85 3.35 9.83
C ILE A 20 -5.73 3.91 10.70
N GLU A 21 -5.23 3.10 11.63
CA GLU A 21 -4.17 3.52 12.52
C GLU A 21 -2.80 3.22 11.92
N ALA A 22 -1.96 4.25 11.83
CA ALA A 22 -0.62 4.10 11.27
C ALA A 22 0.17 3.04 12.03
N ASP A 23 -0.26 2.74 13.24
CA ASP A 23 0.41 1.73 14.07
C ASP A 23 -0.27 0.38 13.93
N GLN A 24 -1.57 0.39 13.65
CA GLN A 24 -2.33 -0.84 13.49
C GLN A 24 -2.12 -1.44 12.11
N VAL A 25 -1.91 -0.57 11.12
CA VAL A 25 -1.69 -1.02 9.75
C VAL A 25 -0.68 -2.16 9.68
N THR A 26 -1.18 -3.37 9.46
CA THR A 26 -0.32 -4.54 9.39
C THR A 26 -0.59 -5.34 8.10
N ASP A 27 0.33 -6.22 7.76
CA ASP A 27 0.19 -7.05 6.57
C ASP A 27 -1.01 -7.98 6.69
N GLN A 28 -1.50 -8.15 7.91
CA GLN A 28 -2.66 -9.01 8.15
C GLN A 28 -3.94 -8.20 8.20
N LEU A 29 -3.87 -6.95 7.75
CA LEU A 29 -5.03 -6.06 7.73
C LEU A 29 -5.13 -5.32 6.41
N ASN A 30 -5.57 -6.01 5.37
CA ASN A 30 -5.71 -5.41 4.05
C ASN A 30 -6.56 -4.15 4.11
N ILE A 31 -5.98 -3.03 3.70
CA ILE A 31 -6.70 -1.75 3.71
C ILE A 31 -7.83 -1.75 2.68
N LYS A 32 -7.54 -2.28 1.49
CA LYS A 32 -8.53 -2.34 0.44
C LYS A 32 -9.85 -2.89 0.95
N ASP A 33 -9.78 -3.96 1.72
CA ASP A 33 -10.98 -4.58 2.29
C ASP A 33 -11.36 -3.93 3.61
N ASP A 34 -10.43 -3.92 4.56
CA ASP A 34 -10.67 -3.33 5.87
C ASP A 34 -11.33 -1.97 5.73
N LEU A 35 -10.68 -1.06 4.99
CA LEU A 35 -11.21 0.28 4.79
C LEU A 35 -12.24 0.30 3.67
N ASN A 36 -12.24 -0.76 2.85
CA ASN A 36 -13.18 -0.87 1.75
C ASN A 36 -12.91 0.19 0.69
N ALA A 37 -11.64 0.53 0.52
CA ALA A 37 -11.23 1.54 -0.46
C ALA A 37 -11.92 1.28 -1.81
N ASP A 38 -12.49 2.35 -2.38
CA ASP A 38 -13.17 2.25 -3.67
C ASP A 38 -12.24 1.69 -4.73
N SER A 39 -12.76 1.55 -5.95
CA SER A 39 -11.97 1.02 -7.06
C SER A 39 -11.14 2.12 -7.71
N ILE A 40 -11.80 3.22 -8.07
CA ILE A 40 -11.13 4.35 -8.69
C ILE A 40 -9.90 4.77 -7.90
N SER A 41 -10.06 4.88 -6.58
CA SER A 41 -8.97 5.29 -5.71
C SER A 41 -7.72 4.44 -5.98
N VAL A 42 -7.94 3.17 -6.32
CA VAL A 42 -6.84 2.25 -6.60
C VAL A 42 -5.93 2.82 -7.69
N MET A 43 -6.53 3.42 -8.71
CA MET A 43 -5.77 4.00 -9.81
C MET A 43 -4.85 5.10 -9.31
N GLU A 44 -5.23 5.72 -8.20
CA GLU A 44 -4.43 6.80 -7.62
C GLU A 44 -3.35 6.25 -6.70
N PHE A 45 -3.75 5.36 -5.79
CA PHE A 45 -2.83 4.76 -4.84
C PHE A 45 -1.73 3.98 -5.58
N VAL A 46 -2.13 3.24 -6.60
CA VAL A 46 -1.19 2.45 -7.38
C VAL A 46 -0.22 3.34 -8.15
N LEU A 47 -0.62 4.59 -8.36
CA LEU A 47 0.20 5.56 -9.08
C LEU A 47 1.25 6.16 -8.16
N GLU A 48 0.79 6.76 -7.07
CA GLU A 48 1.70 7.39 -6.10
C GLU A 48 2.83 6.42 -5.72
N LEU A 49 2.46 5.19 -5.37
CA LEU A 49 3.42 4.18 -4.98
C LEU A 49 4.42 3.92 -6.11
N GLU A 50 3.93 3.85 -7.33
CA GLU A 50 4.77 3.61 -8.50
C GLU A 50 5.68 4.81 -8.77
N ASP A 51 5.19 6.00 -8.42
CA ASP A 51 5.96 7.22 -8.62
C ASP A 51 7.00 7.40 -7.53
N GLU A 52 6.53 7.55 -6.30
CA GLU A 52 7.43 7.73 -5.16
C GLU A 52 8.53 6.67 -5.16
N PHE A 53 8.12 5.41 -5.08
CA PHE A 53 9.08 4.31 -5.08
C PHE A 53 9.77 4.16 -6.43
N GLY A 54 9.08 4.60 -7.48
CA GLY A 54 9.65 4.52 -8.82
C GLY A 54 9.72 3.09 -9.33
N THR A 55 8.58 2.41 -9.35
CA THR A 55 8.52 1.03 -9.82
C THR A 55 7.26 0.78 -10.64
N GLU A 56 7.34 -0.16 -11.57
CA GLU A 56 6.20 -0.50 -12.41
C GLU A 56 5.33 -1.57 -11.77
N ILE A 57 4.04 -1.29 -11.63
CA ILE A 57 3.11 -2.23 -11.02
C ILE A 57 2.14 -2.78 -12.06
N SER A 58 2.11 -4.11 -12.19
CA SER A 58 1.22 -4.77 -13.14
C SER A 58 -0.23 -4.33 -12.93
N ASP A 59 -1.09 -4.70 -13.87
CA ASP A 59 -2.51 -4.35 -13.78
C ASP A 59 -3.24 -5.31 -12.85
N GLU A 60 -3.05 -6.61 -13.07
CA GLU A 60 -3.71 -7.62 -12.26
C GLU A 60 -3.15 -7.62 -10.84
N ASP A 61 -1.83 -7.61 -10.74
CA ASP A 61 -1.16 -7.61 -9.44
C ASP A 61 -1.58 -6.38 -8.62
N ALA A 62 -1.72 -5.25 -9.29
CA ALA A 62 -2.11 -4.01 -8.63
C ALA A 62 -3.45 -4.17 -7.91
N GLU A 63 -4.19 -5.21 -8.27
CA GLU A 63 -5.49 -5.47 -7.67
C GLU A 63 -5.34 -6.29 -6.39
N LYS A 64 -4.20 -6.96 -6.25
CA LYS A 64 -3.92 -7.78 -5.09
C LYS A 64 -2.99 -7.06 -4.12
N ILE A 65 -1.94 -6.46 -4.66
CA ILE A 65 -0.96 -5.73 -3.86
C ILE A 65 -1.55 -4.41 -3.35
N GLU A 66 -2.56 -4.50 -2.50
CA GLU A 66 -3.21 -3.31 -1.94
C GLU A 66 -3.09 -3.30 -0.43
N THR A 67 -2.63 -4.41 0.14
CA THR A 67 -2.48 -4.52 1.59
C THR A 67 -1.12 -4.00 2.04
N VAL A 68 -1.02 -3.67 3.32
CA VAL A 68 0.24 -3.16 3.87
C VAL A 68 1.41 -4.06 3.49
N GLY A 69 1.23 -5.36 3.63
CA GLY A 69 2.27 -6.31 3.28
C GLY A 69 2.35 -6.59 1.79
N ALA A 70 1.18 -6.80 1.19
CA ALA A 70 1.11 -7.08 -0.24
C ALA A 70 1.68 -5.93 -1.06
N ALA A 71 1.81 -4.77 -0.43
CA ALA A 71 2.36 -3.59 -1.09
C ALA A 71 3.88 -3.56 -1.00
N VAL A 72 4.39 -3.39 0.21
CA VAL A 72 5.83 -3.35 0.44
C VAL A 72 6.51 -4.59 -0.11
N ASP A 73 5.89 -5.75 0.09
CA ASP A 73 6.44 -7.00 -0.39
C ASP A 73 6.60 -6.98 -1.91
N TYR A 74 5.80 -6.15 -2.57
CA TYR A 74 5.85 -6.03 -4.02
C TYR A 74 6.86 -4.97 -4.46
N ILE A 75 6.71 -3.76 -3.92
CA ILE A 75 7.60 -2.67 -4.25
C ILE A 75 9.06 -3.03 -3.92
N VAL A 76 9.25 -3.70 -2.80
CA VAL A 76 10.58 -4.10 -2.37
C VAL A 76 11.11 -5.24 -3.25
N SER A 77 10.41 -6.37 -3.22
CA SER A 77 10.81 -7.53 -4.01
C SER A 77 11.05 -7.15 -5.46
N ASN A 78 10.34 -6.12 -5.93
CA ASN A 78 10.48 -5.66 -7.30
C ASN A 78 11.60 -4.64 -7.43
N SER A 79 11.80 -3.87 -6.36
CA SER A 79 12.85 -2.85 -6.35
C SER A 79 12.95 -2.19 -4.98
N MET A 1 12.07 4.13 -1.55
CA MET A 1 13.25 3.47 -2.08
C MET A 1 13.43 2.10 -1.46
N THR A 2 13.77 2.08 -0.17
CA THR A 2 13.97 0.83 0.56
C THR A 2 12.67 0.34 1.19
N ARG A 3 12.71 -0.86 1.75
CA ARG A 3 11.53 -1.45 2.39
C ARG A 3 11.02 -0.54 3.51
N GLU A 4 11.95 0.09 4.23
CA GLU A 4 11.58 0.97 5.32
C GLU A 4 10.80 2.17 4.81
N GLU A 5 11.44 2.98 3.97
CA GLU A 5 10.80 4.17 3.41
C GLU A 5 9.43 3.83 2.82
N VAL A 6 9.38 2.72 2.07
CA VAL A 6 8.14 2.28 1.45
C VAL A 6 7.08 1.95 2.50
N LEU A 7 7.46 1.10 3.44
CA LEU A 7 6.55 0.70 4.51
C LEU A 7 6.00 1.91 5.25
N GLN A 8 6.88 2.85 5.58
CA GLN A 8 6.49 4.06 6.29
C GLN A 8 5.47 4.85 5.47
N LYS A 9 5.88 5.28 4.28
CA LYS A 9 5.00 6.05 3.40
C LYS A 9 3.63 5.40 3.31
N VAL A 10 3.59 4.16 2.83
CA VAL A 10 2.33 3.44 2.68
C VAL A 10 1.52 3.49 3.97
N ALA A 11 2.19 3.27 5.10
CA ALA A 11 1.53 3.30 6.40
C ALA A 11 0.95 4.69 6.70
N LYS A 12 1.70 5.72 6.31
CA LYS A 12 1.26 7.09 6.53
C LYS A 12 0.11 7.47 5.59
N ILE A 13 0.37 7.41 4.29
CA ILE A 13 -0.63 7.74 3.29
C ILE A 13 -1.93 6.99 3.56
N ILE A 14 -1.81 5.73 3.99
CA ILE A 14 -2.97 4.91 4.28
C ILE A 14 -3.62 5.33 5.60
N SER A 15 -2.80 5.58 6.61
CA SER A 15 -3.29 5.98 7.93
C SER A 15 -3.95 7.35 7.85
N ASN A 16 -3.59 8.13 6.83
CA ASN A 16 -4.15 9.46 6.65
C ASN A 16 -5.39 9.42 5.77
N HIS A 17 -5.29 8.70 4.65
CA HIS A 17 -6.41 8.57 3.72
C HIS A 17 -7.55 7.77 4.34
N PHE A 18 -7.20 6.63 4.94
CA PHE A 18 -8.20 5.78 5.57
C PHE A 18 -8.32 6.07 7.07
N ASP A 19 -9.23 5.39 7.73
CA ASP A 19 -9.44 5.59 9.16
C ASP A 19 -8.71 4.52 9.98
N ILE A 20 -7.72 3.90 9.35
CA ILE A 20 -6.94 2.86 10.02
C ILE A 20 -5.85 3.47 10.89
N GLU A 21 -5.34 2.68 11.84
CA GLU A 21 -4.29 3.15 12.74
C GLU A 21 -2.91 2.90 12.13
N ALA A 22 -2.12 3.97 12.02
CA ALA A 22 -0.77 3.87 11.47
C ALA A 22 0.06 2.85 12.23
N ASP A 23 -0.36 2.55 13.46
CA ASP A 23 0.36 1.58 14.28
C ASP A 23 -0.27 0.19 14.16
N GLN A 24 -1.56 0.15 13.86
CA GLN A 24 -2.27 -1.11 13.72
C GLN A 24 -2.04 -1.71 12.33
N VAL A 25 -1.87 -0.84 11.34
CA VAL A 25 -1.65 -1.28 9.97
C VAL A 25 -0.58 -2.38 9.91
N THR A 26 -1.02 -3.61 9.70
CA THR A 26 -0.11 -4.75 9.62
C THR A 26 -0.40 -5.60 8.39
N ASP A 27 0.55 -6.47 8.05
CA ASP A 27 0.39 -7.35 6.90
C ASP A 27 -0.78 -8.31 7.09
N GLN A 28 -1.23 -8.43 8.34
CA GLN A 28 -2.34 -9.31 8.66
C GLN A 28 -3.66 -8.54 8.68
N LEU A 29 -3.64 -7.32 8.17
CA LEU A 29 -4.83 -6.48 8.13
C LEU A 29 -4.97 -5.81 6.78
N ASN A 30 -5.41 -6.56 5.78
CA ASN A 30 -5.59 -6.04 4.43
C ASN A 30 -6.49 -4.81 4.44
N ILE A 31 -5.96 -3.68 3.98
CA ILE A 31 -6.73 -2.44 3.94
C ILE A 31 -7.86 -2.53 2.93
N LYS A 32 -7.57 -3.10 1.77
CA LYS A 32 -8.57 -3.25 0.72
C LYS A 32 -9.88 -3.81 1.28
N ASP A 33 -9.76 -4.84 2.12
CA ASP A 33 -10.93 -5.47 2.73
C ASP A 33 -11.31 -4.76 4.02
N ASP A 34 -10.36 -4.69 4.95
CA ASP A 34 -10.59 -4.03 6.24
C ASP A 34 -11.29 -2.70 6.05
N LEU A 35 -10.69 -1.81 5.26
CA LEU A 35 -11.25 -0.50 5.01
C LEU A 35 -12.32 -0.57 3.91
N ASN A 36 -12.28 -1.64 3.14
CA ASN A 36 -13.25 -1.84 2.06
C ASN A 36 -13.06 -0.79 0.97
N ALA A 37 -11.83 -0.34 0.79
CA ALA A 37 -11.50 0.67 -0.21
C ALA A 37 -12.15 0.32 -1.55
N ASP A 38 -12.70 1.33 -2.22
CA ASP A 38 -13.34 1.14 -3.51
C ASP A 38 -12.36 0.57 -4.53
N SER A 39 -12.88 0.22 -5.70
CA SER A 39 -12.04 -0.34 -6.76
C SER A 39 -11.18 0.74 -7.40
N ILE A 40 -11.82 1.78 -7.92
CA ILE A 40 -11.11 2.87 -8.55
C ILE A 40 -10.00 3.41 -7.65
N SER A 41 -10.27 3.41 -6.35
CA SER A 41 -9.30 3.91 -5.37
C SER A 41 -7.93 3.25 -5.59
N VAL A 42 -7.95 1.96 -5.90
CA VAL A 42 -6.72 1.21 -6.13
C VAL A 42 -5.93 1.79 -7.30
N MET A 43 -6.65 2.29 -8.29
CA MET A 43 -6.03 2.90 -9.47
C MET A 43 -5.15 4.08 -9.08
N GLU A 44 -5.54 4.76 -7.99
CA GLU A 44 -4.79 5.92 -7.52
C GLU A 44 -3.66 5.49 -6.60
N PHE A 45 -4.00 4.68 -5.59
CA PHE A 45 -3.01 4.21 -4.63
C PHE A 45 -1.86 3.49 -5.34
N VAL A 46 -2.20 2.72 -6.37
CA VAL A 46 -1.21 1.97 -7.13
C VAL A 46 -0.30 2.92 -7.92
N LEU A 47 -0.80 4.12 -8.17
CA LEU A 47 -0.04 5.12 -8.92
C LEU A 47 0.96 5.83 -8.02
N GLU A 48 0.46 6.35 -6.89
CA GLU A 48 1.32 7.06 -5.95
C GLU A 48 2.47 6.18 -5.49
N LEU A 49 2.17 4.90 -5.25
CA LEU A 49 3.19 3.95 -4.81
C LEU A 49 4.21 3.69 -5.91
N GLU A 50 3.74 3.21 -7.05
CA GLU A 50 4.63 2.92 -8.18
C GLU A 50 5.36 4.18 -8.62
N ASP A 51 4.83 5.33 -8.26
CA ASP A 51 5.44 6.61 -8.62
C ASP A 51 6.51 7.00 -7.61
N GLU A 52 6.09 7.21 -6.37
CA GLU A 52 7.01 7.60 -5.31
C GLU A 52 8.21 6.64 -5.25
N PHE A 53 7.91 5.36 -5.10
CA PHE A 53 8.95 4.33 -5.03
C PHE A 53 9.71 4.24 -6.35
N GLY A 54 9.04 4.60 -7.45
CA GLY A 54 9.67 4.55 -8.75
C GLY A 54 9.85 3.12 -9.25
N THR A 55 8.75 2.38 -9.32
CA THR A 55 8.79 1.00 -9.79
C THR A 55 7.58 0.68 -10.66
N GLU A 56 7.65 -0.45 -11.36
CA GLU A 56 6.56 -0.87 -12.23
C GLU A 56 5.71 -1.94 -11.56
N ILE A 57 4.41 -1.68 -11.44
CA ILE A 57 3.50 -2.62 -10.83
C ILE A 57 2.54 -3.22 -11.85
N SER A 58 2.57 -4.55 -11.96
CA SER A 58 1.71 -5.25 -12.92
C SER A 58 0.24 -4.87 -12.70
N ASP A 59 -0.58 -5.13 -13.71
CA ASP A 59 -2.01 -4.82 -13.64
C ASP A 59 -2.76 -5.91 -12.87
N GLU A 60 -2.21 -7.12 -12.88
CA GLU A 60 -2.83 -8.25 -12.19
C GLU A 60 -2.46 -8.26 -10.71
N ASP A 61 -1.16 -8.36 -10.44
CA ASP A 61 -0.67 -8.38 -9.07
C ASP A 61 -1.19 -7.17 -8.29
N ALA A 62 -1.26 -6.03 -8.96
CA ALA A 62 -1.73 -4.80 -8.32
C ALA A 62 -3.14 -4.98 -7.78
N GLU A 63 -3.81 -6.04 -8.22
CA GLU A 63 -5.17 -6.32 -7.78
C GLU A 63 -5.16 -7.12 -6.47
N LYS A 64 -4.04 -7.76 -6.18
CA LYS A 64 -3.90 -8.56 -4.97
C LYS A 64 -3.02 -7.84 -3.95
N ILE A 65 -1.89 -7.31 -4.42
CA ILE A 65 -0.97 -6.60 -3.55
C ILE A 65 -1.54 -5.26 -3.11
N GLU A 66 -2.53 -5.31 -2.22
CA GLU A 66 -3.17 -4.10 -1.71
C GLU A 66 -3.04 -4.01 -0.19
N THR A 67 -2.57 -5.09 0.41
CA THR A 67 -2.40 -5.14 1.87
C THR A 67 -1.04 -4.58 2.27
N VAL A 68 -0.93 -4.18 3.54
CA VAL A 68 0.32 -3.63 4.06
C VAL A 68 1.49 -4.53 3.72
N GLY A 69 1.32 -5.83 3.89
CA GLY A 69 2.37 -6.78 3.60
C GLY A 69 2.46 -7.11 2.12
N ALA A 70 1.31 -7.40 1.52
CA ALA A 70 1.26 -7.74 0.10
C ALA A 70 1.80 -6.60 -0.76
N ALA A 71 1.87 -5.40 -0.17
CA ALA A 71 2.38 -4.24 -0.88
C ALA A 71 3.90 -4.14 -0.78
N VAL A 72 4.39 -3.91 0.44
CA VAL A 72 5.82 -3.79 0.67
C VAL A 72 6.56 -5.03 0.16
N ASP A 73 5.96 -6.20 0.35
CA ASP A 73 6.55 -7.45 -0.09
C ASP A 73 6.72 -7.47 -1.60
N TYR A 74 5.86 -6.72 -2.29
CA TYR A 74 5.90 -6.66 -3.75
C TYR A 74 6.83 -5.55 -4.22
N ILE A 75 6.62 -4.35 -3.69
CA ILE A 75 7.43 -3.20 -4.04
C ILE A 75 8.91 -3.45 -3.75
N VAL A 76 9.18 -4.08 -2.61
CA VAL A 76 10.54 -4.39 -2.20
C VAL A 76 11.12 -5.52 -3.04
N SER A 77 10.48 -6.68 -2.98
CA SER A 77 10.93 -7.84 -3.74
C SER A 77 11.15 -7.48 -5.21
N ASN A 78 10.36 -6.53 -5.69
CA ASN A 78 10.47 -6.10 -7.09
C ASN A 78 11.54 -5.02 -7.25
N SER A 79 11.65 -4.17 -6.24
CA SER A 79 12.65 -3.09 -6.27
C SER A 79 12.41 -2.17 -7.46
N MET A 1 12.37 4.04 -1.90
CA MET A 1 13.42 3.17 -2.41
C MET A 1 13.58 1.94 -1.51
N THR A 2 14.00 2.17 -0.28
CA THR A 2 14.19 1.08 0.68
C THR A 2 12.90 0.75 1.42
N ARG A 3 12.93 -0.30 2.22
CA ARG A 3 11.75 -0.72 2.97
C ARG A 3 11.28 0.41 3.89
N GLU A 4 12.22 1.10 4.51
CA GLU A 4 11.90 2.21 5.42
C GLU A 4 11.14 3.30 4.69
N GLU A 5 11.79 3.91 3.70
CA GLU A 5 11.16 4.98 2.92
C GLU A 5 9.78 4.56 2.43
N VAL A 6 9.70 3.37 1.85
CA VAL A 6 8.43 2.86 1.33
C VAL A 6 7.40 2.72 2.44
N LEU A 7 7.75 1.97 3.48
CA LEU A 7 6.85 1.77 4.61
C LEU A 7 6.35 3.10 5.17
N GLN A 8 7.27 4.06 5.31
CA GLN A 8 6.93 5.37 5.83
C GLN A 8 5.90 6.06 4.93
N LYS A 9 6.27 6.28 3.68
CA LYS A 9 5.38 6.92 2.72
C LYS A 9 3.98 6.32 2.78
N VAL A 10 3.89 5.02 2.51
CA VAL A 10 2.62 4.31 2.54
C VAL A 10 1.86 4.60 3.83
N ALA A 11 2.57 4.54 4.95
CA ALA A 11 1.97 4.80 6.26
C ALA A 11 1.45 6.23 6.34
N LYS A 12 2.20 7.16 5.79
CA LYS A 12 1.82 8.56 5.80
C LYS A 12 0.63 8.82 4.88
N ILE A 13 0.83 8.55 3.58
CA ILE A 13 -0.21 8.74 2.59
C ILE A 13 -1.52 8.09 3.04
N ILE A 14 -1.42 6.91 3.65
CA ILE A 14 -2.58 6.19 4.12
C ILE A 14 -3.15 6.83 5.38
N SER A 15 -2.26 7.27 6.27
CA SER A 15 -2.67 7.91 7.52
C SER A 15 -3.27 9.28 7.26
N ASN A 16 -2.99 9.83 6.08
CA ASN A 16 -3.50 11.14 5.71
C ASN A 16 -4.79 11.02 4.90
N HIS A 17 -4.78 10.11 3.93
CA HIS A 17 -5.95 9.90 3.08
C HIS A 17 -7.09 9.28 3.88
N PHE A 18 -6.77 8.24 4.65
CA PHE A 18 -7.76 7.55 5.46
C PHE A 18 -7.79 8.10 6.88
N ASP A 19 -8.73 7.63 7.68
CA ASP A 19 -8.86 8.08 9.07
C ASP A 19 -8.08 7.18 10.01
N ILE A 20 -7.19 6.37 9.44
CA ILE A 20 -6.37 5.45 10.23
C ILE A 20 -5.16 6.16 10.82
N GLU A 21 -4.59 5.58 11.88
CA GLU A 21 -3.44 6.16 12.54
C GLU A 21 -2.14 5.56 11.99
N ALA A 22 -1.13 6.41 11.81
CA ALA A 22 0.15 5.97 11.29
C ALA A 22 0.86 5.05 12.28
N ASP A 23 0.33 4.99 13.50
CA ASP A 23 0.91 4.16 14.54
C ASP A 23 0.17 2.82 14.63
N GLN A 24 -1.12 2.84 14.34
CA GLN A 24 -1.92 1.62 14.39
C GLN A 24 -1.74 0.80 13.12
N VAL A 25 -1.49 1.47 12.01
CA VAL A 25 -1.29 0.80 10.73
C VAL A 25 -0.32 -0.37 10.87
N THR A 26 -0.86 -1.58 10.86
CA THR A 26 -0.04 -2.78 10.98
C THR A 26 -0.32 -3.76 9.85
N ASP A 27 0.61 -4.69 9.64
CA ASP A 27 0.46 -5.69 8.59
C ASP A 27 -0.74 -6.58 8.84
N GLN A 28 -1.23 -6.56 10.08
CA GLN A 28 -2.38 -7.36 10.46
C GLN A 28 -3.66 -6.54 10.43
N LEU A 29 -3.60 -5.38 9.79
CA LEU A 29 -4.75 -4.49 9.69
C LEU A 29 -4.90 -3.95 8.27
N ASN A 30 -5.40 -4.80 7.37
CA ASN A 30 -5.59 -4.41 5.98
C ASN A 30 -6.49 -3.17 5.88
N ILE A 31 -6.00 -2.15 5.21
CA ILE A 31 -6.76 -0.91 5.04
C ILE A 31 -7.97 -1.13 4.15
N LYS A 32 -7.79 -1.89 3.07
CA LYS A 32 -8.88 -2.17 2.14
C LYS A 32 -10.11 -2.66 2.88
N ASP A 33 -9.91 -3.55 3.85
CA ASP A 33 -11.02 -4.09 4.64
C ASP A 33 -11.30 -3.20 5.84
N ASP A 34 -10.30 -3.02 6.68
CA ASP A 34 -10.45 -2.19 7.88
C ASP A 34 -11.12 -0.87 7.54
N LEU A 35 -10.52 -0.12 6.63
CA LEU A 35 -11.06 1.18 6.22
C LEU A 35 -12.22 0.99 5.24
N ASN A 36 -12.29 -0.19 4.62
CA ASN A 36 -13.34 -0.48 3.67
C ASN A 36 -13.21 0.39 2.41
N ALA A 37 -11.99 0.79 2.12
CA ALA A 37 -11.72 1.63 0.94
C ALA A 37 -12.40 1.06 -0.30
N ASP A 38 -12.89 1.94 -1.15
CA ASP A 38 -13.56 1.52 -2.38
C ASP A 38 -12.59 0.81 -3.32
N SER A 39 -13.10 0.33 -4.44
CA SER A 39 -12.27 -0.38 -5.42
C SER A 39 -11.52 0.61 -6.30
N ILE A 40 -12.25 1.58 -6.85
CA ILE A 40 -11.65 2.58 -7.72
C ILE A 40 -10.43 3.21 -7.06
N SER A 41 -10.55 3.56 -5.79
CA SER A 41 -9.46 4.18 -5.04
C SER A 41 -8.19 3.36 -5.19
N VAL A 42 -8.33 2.04 -5.25
CA VAL A 42 -7.19 1.14 -5.39
C VAL A 42 -6.37 1.49 -6.62
N MET A 43 -7.06 1.86 -7.70
CA MET A 43 -6.40 2.21 -8.94
C MET A 43 -5.50 3.44 -8.76
N GLU A 44 -5.83 4.25 -7.76
CA GLU A 44 -5.06 5.46 -7.47
C GLU A 44 -3.88 5.14 -6.55
N PHE A 45 -4.17 4.49 -5.43
CA PHE A 45 -3.14 4.13 -4.47
C PHE A 45 -2.07 3.27 -5.12
N VAL A 46 -2.50 2.31 -5.93
CA VAL A 46 -1.57 1.41 -6.61
C VAL A 46 -0.71 2.17 -7.61
N LEU A 47 -1.19 3.33 -8.04
CA LEU A 47 -0.46 4.16 -8.99
C LEU A 47 0.62 4.98 -8.30
N GLU A 48 0.23 5.70 -7.25
CA GLU A 48 1.16 6.53 -6.49
C GLU A 48 2.31 5.68 -5.96
N LEU A 49 1.99 4.50 -5.45
CA LEU A 49 3.00 3.59 -4.91
C LEU A 49 3.93 3.09 -6.01
N GLU A 50 3.35 2.44 -7.02
CA GLU A 50 4.13 1.91 -8.13
C GLU A 50 4.90 3.02 -8.83
N ASP A 51 4.43 4.26 -8.67
CA ASP A 51 5.08 5.41 -9.29
C ASP A 51 6.24 5.91 -8.44
N GLU A 52 5.92 6.37 -7.23
CA GLU A 52 6.93 6.89 -6.31
C GLU A 52 8.07 5.89 -6.15
N PHE A 53 7.72 4.67 -5.74
CA PHE A 53 8.72 3.62 -5.55
C PHE A 53 9.37 3.23 -6.87
N GLY A 54 8.63 3.41 -7.96
CA GLY A 54 9.16 3.08 -9.28
C GLY A 54 9.24 1.58 -9.49
N THR A 55 8.11 0.90 -9.35
CA THR A 55 8.06 -0.55 -9.54
C THR A 55 6.81 -0.96 -10.30
N GLU A 56 6.83 -2.17 -10.85
CA GLU A 56 5.69 -2.68 -11.61
C GLU A 56 4.80 -3.56 -10.73
N ILE A 57 3.56 -3.14 -10.55
CA ILE A 57 2.60 -3.89 -9.74
C ILE A 57 1.58 -4.60 -10.60
N SER A 58 1.55 -5.93 -10.51
CA SER A 58 0.61 -6.73 -11.29
C SER A 58 -0.82 -6.27 -11.05
N ASP A 59 -1.72 -6.68 -11.95
CA ASP A 59 -3.12 -6.30 -11.85
C ASP A 59 -3.85 -7.21 -10.86
N GLU A 60 -3.36 -8.44 -10.73
CA GLU A 60 -3.97 -9.41 -9.81
C GLU A 60 -3.48 -9.18 -8.38
N ASP A 61 -2.18 -9.31 -8.18
CA ASP A 61 -1.60 -9.13 -6.85
C ASP A 61 -2.00 -7.77 -6.27
N ALA A 62 -2.19 -6.80 -7.15
CA ALA A 62 -2.59 -5.46 -6.72
C ALA A 62 -3.88 -5.48 -5.91
N GLU A 63 -4.61 -6.58 -6.03
CA GLU A 63 -5.87 -6.74 -5.31
C GLU A 63 -5.64 -7.31 -3.91
N LYS A 64 -4.50 -7.98 -3.74
CA LYS A 64 -4.15 -8.58 -2.47
C LYS A 64 -3.22 -7.68 -1.67
N ILE A 65 -2.23 -7.11 -2.35
CA ILE A 65 -1.26 -6.22 -1.72
C ILE A 65 -1.89 -4.86 -1.42
N GLU A 66 -2.92 -4.86 -0.58
CA GLU A 66 -3.60 -3.62 -0.22
C GLU A 66 -3.51 -3.38 1.28
N THR A 67 -2.57 -4.07 1.94
CA THR A 67 -2.38 -3.92 3.37
C THR A 67 -1.02 -3.31 3.69
N VAL A 68 -0.88 -2.79 4.90
CA VAL A 68 0.37 -2.17 5.33
C VAL A 68 1.57 -3.07 5.01
N GLY A 69 1.46 -4.33 5.40
CA GLY A 69 2.54 -5.27 5.15
C GLY A 69 2.50 -5.83 3.74
N ALA A 70 1.31 -6.17 3.27
CA ALA A 70 1.14 -6.72 1.93
C ALA A 70 1.64 -5.73 0.86
N ALA A 71 1.78 -4.47 1.26
CA ALA A 71 2.25 -3.45 0.34
C ALA A 71 3.78 -3.37 0.32
N VAL A 72 4.36 -2.98 1.45
CA VAL A 72 5.81 -2.88 1.56
C VAL A 72 6.49 -4.19 1.20
N ASP A 73 5.90 -5.29 1.67
CA ASP A 73 6.44 -6.61 1.41
C ASP A 73 6.50 -6.89 -0.10
N TYR A 74 5.64 -6.21 -0.84
CA TYR A 74 5.58 -6.38 -2.29
C TYR A 74 6.54 -5.42 -3.00
N ILE A 75 6.41 -4.13 -2.70
CA ILE A 75 7.27 -3.12 -3.30
C ILE A 75 8.74 -3.40 -3.01
N VAL A 76 9.04 -3.77 -1.77
CA VAL A 76 10.40 -4.08 -1.37
C VAL A 76 10.90 -5.35 -2.04
N SER A 77 10.22 -6.45 -1.76
CA SER A 77 10.59 -7.74 -2.33
C SER A 77 10.73 -7.65 -3.85
N ASN A 78 9.96 -6.75 -4.45
CA ASN A 78 9.99 -6.56 -5.89
C ASN A 78 11.15 -5.63 -6.29
N SER A 79 11.42 -4.65 -5.45
CA SER A 79 12.50 -3.70 -5.71
C SER A 79 12.21 -2.90 -6.98
N MET A 1 12.49 4.71 -1.45
CA MET A 1 13.37 3.83 -2.21
C MET A 1 13.53 2.48 -1.52
N THR A 2 13.99 2.51 -0.27
CA THR A 2 14.19 1.29 0.50
C THR A 2 12.88 0.84 1.16
N ARG A 3 12.92 -0.35 1.76
CA ARG A 3 11.74 -0.89 2.43
C ARG A 3 11.24 0.06 3.51
N GLU A 4 12.18 0.71 4.19
CA GLU A 4 11.83 1.65 5.25
C GLU A 4 11.05 2.84 4.70
N GLU A 5 11.69 3.59 3.83
CA GLU A 5 11.06 4.76 3.22
C GLU A 5 9.69 4.41 2.65
N VAL A 6 9.61 3.27 1.97
CA VAL A 6 8.36 2.82 1.37
C VAL A 6 7.31 2.56 2.45
N LEU A 7 7.64 1.73 3.42
CA LEU A 7 6.73 1.39 4.50
C LEU A 7 6.22 2.66 5.18
N GLN A 8 7.14 3.57 5.48
CA GLN A 8 6.78 4.83 6.13
C GLN A 8 5.80 5.63 5.28
N LYS A 9 6.22 5.98 4.08
CA LYS A 9 5.38 6.75 3.16
C LYS A 9 3.96 6.16 3.11
N VAL A 10 3.87 4.90 2.70
CA VAL A 10 2.57 4.23 2.61
C VAL A 10 1.79 4.38 3.91
N ALA A 11 2.46 4.17 5.03
CA ALA A 11 1.82 4.27 6.34
C ALA A 11 1.28 5.69 6.56
N LYS A 12 2.04 6.68 6.14
CA LYS A 12 1.64 8.08 6.29
C LYS A 12 0.51 8.42 5.33
N ILE A 13 0.78 8.30 4.04
CA ILE A 13 -0.21 8.60 3.01
C ILE A 13 -1.55 7.94 3.34
N ILE A 14 -1.49 6.73 3.88
CA ILE A 14 -2.70 6.00 4.23
C ILE A 14 -3.27 6.49 5.56
N SER A 15 -2.40 6.81 6.50
CA SER A 15 -2.82 7.30 7.80
C SER A 15 -3.46 8.67 7.68
N ASN A 16 -3.10 9.41 6.63
CA ASN A 16 -3.65 10.74 6.41
C ASN A 16 -4.89 10.67 5.51
N HIS A 17 -4.82 9.84 4.47
CA HIS A 17 -5.93 9.68 3.54
C HIS A 17 -7.11 9.00 4.22
N PHE A 18 -6.84 7.92 4.94
CA PHE A 18 -7.87 7.18 5.63
C PHE A 18 -7.95 7.59 7.10
N ASP A 19 -8.83 6.93 7.85
CA ASP A 19 -9.00 7.23 9.26
C ASP A 19 -8.25 6.22 10.13
N ILE A 20 -7.31 5.51 9.53
CA ILE A 20 -6.52 4.51 10.24
C ILE A 20 -5.38 5.15 11.02
N GLU A 21 -4.86 4.43 12.00
CA GLU A 21 -3.77 4.93 12.82
C GLU A 21 -2.41 4.59 12.19
N ALA A 22 -1.59 5.62 11.98
CA ALA A 22 -0.28 5.43 11.38
C ALA A 22 0.56 4.45 12.19
N ASP A 23 0.18 4.26 13.44
CA ASP A 23 0.90 3.34 14.33
C ASP A 23 0.24 1.96 14.34
N GLN A 24 -1.07 1.93 14.10
CA GLN A 24 -1.81 0.68 14.08
C GLN A 24 -1.64 -0.03 12.75
N VAL A 25 -1.47 0.74 11.68
CA VAL A 25 -1.30 0.18 10.35
C VAL A 25 -0.25 -0.93 10.36
N THR A 26 -0.72 -2.18 10.28
CA THR A 26 0.17 -3.33 10.28
C THR A 26 -0.12 -4.25 9.10
N ASP A 27 0.79 -5.18 8.84
CA ASP A 27 0.64 -6.12 7.74
C ASP A 27 -0.55 -7.03 7.98
N GLN A 28 -1.04 -7.06 9.22
CA GLN A 28 -2.17 -7.90 9.59
C GLN A 28 -3.47 -7.08 9.59
N LEU A 29 -3.41 -5.89 9.02
CA LEU A 29 -4.57 -5.01 8.97
C LEU A 29 -4.72 -4.38 7.59
N ASN A 30 -5.20 -5.18 6.63
CA ASN A 30 -5.39 -4.70 5.27
C ASN A 30 -6.26 -3.46 5.24
N ILE A 31 -5.72 -2.38 4.69
CA ILE A 31 -6.44 -1.12 4.60
C ILE A 31 -7.61 -1.22 3.63
N LYS A 32 -7.36 -1.83 2.47
CA LYS A 32 -8.38 -2.01 1.46
C LYS A 32 -9.67 -2.54 2.06
N ASP A 33 -9.54 -3.53 2.95
CA ASP A 33 -10.69 -4.14 3.61
C ASP A 33 -11.06 -3.36 4.87
N ASP A 34 -10.11 -3.25 5.78
CA ASP A 34 -10.34 -2.53 7.04
C ASP A 34 -11.03 -1.19 6.78
N LEU A 35 -10.40 -0.36 5.96
CA LEU A 35 -10.95 0.95 5.64
C LEU A 35 -12.03 0.83 4.56
N ASN A 36 -12.03 -0.29 3.86
CA ASN A 36 -13.01 -0.52 2.80
C ASN A 36 -12.79 0.43 1.64
N ALA A 37 -11.53 0.78 1.39
CA ALA A 37 -11.18 1.69 0.31
C ALA A 37 -11.90 1.30 -0.99
N ASP A 38 -12.48 2.29 -1.65
CA ASP A 38 -13.20 2.05 -2.90
C ASP A 38 -12.34 1.27 -3.88
N SER A 39 -12.98 0.64 -4.85
CA SER A 39 -12.27 -0.15 -5.85
C SER A 39 -11.38 0.74 -6.71
N ILE A 40 -11.99 1.72 -7.38
CA ILE A 40 -11.25 2.64 -8.23
C ILE A 40 -10.11 3.30 -7.47
N SER A 41 -10.28 3.44 -6.16
CA SER A 41 -9.26 4.06 -5.31
C SER A 41 -7.91 3.38 -5.51
N VAL A 42 -7.93 2.06 -5.67
CA VAL A 42 -6.71 1.30 -5.87
C VAL A 42 -5.96 1.77 -7.11
N MET A 43 -6.70 2.31 -8.08
CA MET A 43 -6.10 2.81 -9.31
C MET A 43 -5.21 4.02 -9.03
N GLU A 44 -5.56 4.79 -8.01
CA GLU A 44 -4.80 5.97 -7.63
C GLU A 44 -3.66 5.61 -6.69
N PHE A 45 -3.99 4.86 -5.64
CA PHE A 45 -2.98 4.45 -4.66
C PHE A 45 -1.87 3.64 -5.32
N VAL A 46 -2.25 2.81 -6.30
CA VAL A 46 -1.28 2.00 -7.01
C VAL A 46 -0.37 2.85 -7.88
N LEU A 47 -0.84 4.04 -8.24
CA LEU A 47 -0.06 4.96 -9.07
C LEU A 47 0.95 5.72 -8.23
N GLU A 48 0.47 6.38 -7.17
CA GLU A 48 1.34 7.15 -6.29
C GLU A 48 2.53 6.32 -5.83
N LEU A 49 2.26 5.07 -5.46
CA LEU A 49 3.31 4.17 -5.00
C LEU A 49 4.28 3.84 -6.13
N GLU A 50 3.74 3.64 -7.33
CA GLU A 50 4.56 3.31 -8.49
C GLU A 50 5.43 4.51 -8.89
N ASP A 51 4.90 5.71 -8.68
CA ASP A 51 5.63 6.93 -9.02
C ASP A 51 6.64 7.28 -7.94
N GLU A 52 6.16 7.44 -6.71
CA GLU A 52 7.02 7.78 -5.58
C GLU A 52 8.21 6.82 -5.51
N PHE A 53 7.92 5.54 -5.36
CA PHE A 53 8.96 4.52 -5.26
C PHE A 53 9.63 4.31 -6.62
N GLY A 54 8.89 4.57 -7.69
CA GLY A 54 9.43 4.40 -9.02
C GLY A 54 9.57 2.95 -9.41
N THR A 55 8.46 2.21 -9.36
CA THR A 55 8.46 0.79 -9.70
C THR A 55 7.19 0.40 -10.44
N GLU A 56 7.28 -0.64 -11.26
CA GLU A 56 6.13 -1.11 -12.02
C GLU A 56 5.32 -2.13 -11.22
N ILE A 57 4.04 -1.85 -11.07
CA ILE A 57 3.15 -2.74 -10.32
C ILE A 57 2.22 -3.50 -11.25
N SER A 58 2.37 -4.82 -11.25
CA SER A 58 1.55 -5.68 -12.11
C SER A 58 0.06 -5.43 -11.85
N ASP A 59 -0.77 -5.87 -12.79
CA ASP A 59 -2.21 -5.69 -12.67
C ASP A 59 -2.82 -6.76 -11.78
N GLU A 60 -2.20 -7.95 -11.76
CA GLU A 60 -2.68 -9.06 -10.96
C GLU A 60 -2.34 -8.85 -9.48
N ASP A 61 -1.05 -8.77 -9.19
CA ASP A 61 -0.59 -8.56 -7.82
C ASP A 61 -1.17 -7.28 -7.24
N ALA A 62 -1.56 -6.37 -8.11
CA ALA A 62 -2.14 -5.09 -7.68
C ALA A 62 -3.28 -5.32 -6.70
N GLU A 63 -3.87 -6.50 -6.74
CA GLU A 63 -4.97 -6.84 -5.84
C GLU A 63 -4.45 -7.40 -4.52
N LYS A 64 -3.32 -8.09 -4.58
CA LYS A 64 -2.72 -8.68 -3.39
C LYS A 64 -1.55 -7.83 -2.89
N ILE A 65 -1.69 -6.52 -3.04
CA ILE A 65 -0.65 -5.59 -2.61
C ILE A 65 -1.25 -4.26 -2.15
N GLU A 66 -2.40 -4.33 -1.49
CA GLU A 66 -3.08 -3.13 -1.01
C GLU A 66 -2.91 -2.98 0.50
N THR A 67 -2.46 -4.05 1.15
CA THR A 67 -2.25 -4.03 2.59
C THR A 67 -0.87 -3.50 2.95
N VAL A 68 -0.71 -3.06 4.18
CA VAL A 68 0.56 -2.51 4.65
C VAL A 68 1.71 -3.45 4.31
N GLY A 69 1.53 -4.74 4.60
CA GLY A 69 2.56 -5.71 4.30
C GLY A 69 2.57 -6.14 2.85
N ALA A 70 1.39 -6.42 2.31
CA ALA A 70 1.27 -6.83 0.92
C ALA A 70 1.81 -5.75 -0.02
N ALA A 71 1.95 -4.54 0.49
CA ALA A 71 2.45 -3.42 -0.30
C ALA A 71 3.98 -3.37 -0.26
N VAL A 72 4.53 -3.10 0.91
CA VAL A 72 5.97 -3.02 1.08
C VAL A 72 6.65 -4.31 0.62
N ASP A 73 6.02 -5.44 0.91
CA ASP A 73 6.56 -6.73 0.53
C ASP A 73 6.65 -6.86 -0.99
N TYR A 74 5.81 -6.09 -1.69
CA TYR A 74 5.79 -6.12 -3.15
C TYR A 74 6.76 -5.10 -3.72
N ILE A 75 6.65 -3.87 -3.27
CA ILE A 75 7.52 -2.79 -3.73
C ILE A 75 8.98 -3.12 -3.48
N VAL A 76 9.26 -3.72 -2.32
CA VAL A 76 10.62 -4.08 -1.96
C VAL A 76 11.09 -5.30 -2.75
N SER A 77 10.38 -6.41 -2.59
CA SER A 77 10.72 -7.64 -3.30
C SER A 77 10.87 -7.39 -4.79
N ASN A 78 10.14 -6.41 -5.30
CA ASN A 78 10.20 -6.07 -6.72
C ASN A 78 11.32 -5.07 -6.99
N SER A 79 11.56 -4.19 -6.04
CA SER A 79 12.60 -3.17 -6.17
C SER A 79 12.32 -2.28 -7.39
N MET A 1 13.00 2.83 -3.76
CA MET A 1 13.09 3.02 -2.31
C MET A 1 13.26 1.67 -1.61
N THR A 2 13.60 1.72 -0.32
CA THR A 2 13.79 0.51 0.47
C THR A 2 12.49 0.08 1.14
N ARG A 3 12.52 -1.09 1.77
CA ARG A 3 11.34 -1.61 2.45
C ARG A 3 10.85 -0.63 3.52
N GLU A 4 11.80 -0.03 4.23
CA GLU A 4 11.46 0.93 5.28
C GLU A 4 10.70 2.12 4.71
N GLU A 5 11.34 2.86 3.83
CA GLU A 5 10.73 4.03 3.21
C GLU A 5 9.34 3.68 2.65
N VAL A 6 9.26 2.55 1.95
CA VAL A 6 8.01 2.11 1.37
C VAL A 6 6.96 1.84 2.45
N LEU A 7 7.32 1.02 3.42
CA LEU A 7 6.41 0.68 4.51
C LEU A 7 5.90 1.94 5.21
N GLN A 8 6.82 2.87 5.49
CA GLN A 8 6.46 4.12 6.14
C GLN A 8 5.45 4.91 5.32
N LYS A 9 5.85 5.26 4.09
CA LYS A 9 4.99 6.02 3.20
C LYS A 9 3.59 5.41 3.15
N VAL A 10 3.51 4.16 2.73
CA VAL A 10 2.22 3.46 2.64
C VAL A 10 1.44 3.60 3.94
N ALA A 11 2.12 3.40 5.07
CA ALA A 11 1.49 3.51 6.38
C ALA A 11 0.94 4.92 6.61
N LYS A 12 1.71 5.92 6.19
CA LYS A 12 1.31 7.31 6.36
C LYS A 12 0.17 7.66 5.42
N ILE A 13 0.41 7.54 4.11
CA ILE A 13 -0.60 7.85 3.11
C ILE A 13 -1.92 7.15 3.43
N ILE A 14 -1.83 5.92 3.94
CA ILE A 14 -3.01 5.15 4.29
C ILE A 14 -3.60 5.63 5.61
N SER A 15 -2.73 5.99 6.56
CA SER A 15 -3.18 6.47 7.86
C SER A 15 -3.82 7.84 7.75
N ASN A 16 -3.48 8.56 6.69
CA ASN A 16 -4.02 9.90 6.47
C ASN A 16 -5.27 9.84 5.59
N HIS A 17 -5.20 9.04 4.52
CA HIS A 17 -6.33 8.90 3.60
C HIS A 17 -7.49 8.17 4.28
N PHE A 18 -7.17 7.07 4.96
CA PHE A 18 -8.20 6.29 5.65
C PHE A 18 -8.29 6.69 7.11
N ASP A 19 -9.18 6.03 7.84
CA ASP A 19 -9.38 6.32 9.27
C ASP A 19 -8.63 5.30 10.13
N ILE A 20 -7.66 4.62 9.53
CA ILE A 20 -6.88 3.62 10.24
C ILE A 20 -5.75 4.27 11.03
N GLU A 21 -5.23 3.54 12.01
CA GLU A 21 -4.15 4.05 12.84
C GLU A 21 -2.79 3.73 12.22
N ALA A 22 -1.98 4.77 12.02
CA ALA A 22 -0.66 4.60 11.43
C ALA A 22 0.19 3.61 12.23
N ASP A 23 -0.20 3.40 13.49
CA ASP A 23 0.51 2.48 14.37
C ASP A 23 -0.15 1.10 14.36
N GLN A 24 -1.44 1.08 14.09
CA GLN A 24 -2.20 -0.18 14.05
C GLN A 24 -2.02 -0.88 12.71
N VAL A 25 -1.86 -0.09 11.65
CA VAL A 25 -1.68 -0.63 10.31
C VAL A 25 -0.65 -1.76 10.30
N THR A 26 -1.13 -2.99 10.20
CA THR A 26 -0.26 -4.16 10.18
C THR A 26 -0.58 -5.07 9.01
N ASP A 27 0.35 -5.97 8.70
CA ASP A 27 0.16 -6.91 7.59
C ASP A 27 -1.02 -7.84 7.87
N GLN A 28 -1.44 -7.90 9.12
CA GLN A 28 -2.55 -8.75 9.52
C GLN A 28 -3.86 -7.96 9.54
N LEU A 29 -3.83 -6.76 8.96
CA LEU A 29 -5.02 -5.92 8.90
C LEU A 29 -5.18 -5.30 7.52
N ASN A 30 -5.64 -6.11 6.57
CA ASN A 30 -5.85 -5.65 5.20
C ASN A 30 -6.73 -4.41 5.17
N ILE A 31 -6.19 -3.31 4.63
CA ILE A 31 -6.92 -2.06 4.54
C ILE A 31 -8.09 -2.17 3.56
N LYS A 32 -7.83 -2.81 2.42
CA LYS A 32 -8.86 -2.98 1.40
C LYS A 32 -10.16 -3.50 2.01
N ASP A 33 -10.04 -4.49 2.89
CA ASP A 33 -11.20 -5.06 3.56
C ASP A 33 -11.56 -4.28 4.82
N ASP A 34 -10.59 -4.15 5.72
CA ASP A 34 -10.81 -3.42 6.96
C ASP A 34 -11.48 -2.08 6.71
N LEU A 35 -10.86 -1.26 5.87
CA LEU A 35 -11.42 0.05 5.54
C LEU A 35 -12.49 -0.06 4.46
N ASN A 36 -12.50 -1.19 3.76
CA ASN A 36 -13.48 -1.43 2.70
C ASN A 36 -13.25 -0.47 1.53
N ALA A 37 -12.00 -0.10 1.32
CA ALA A 37 -11.65 0.82 0.24
C ALA A 37 -12.31 0.38 -1.08
N ASP A 38 -12.89 1.34 -1.78
CA ASP A 38 -13.56 1.07 -3.04
C ASP A 38 -12.58 0.47 -4.06
N SER A 39 -13.08 0.18 -5.25
CA SER A 39 -12.25 -0.39 -6.31
C SER A 39 -11.49 0.70 -7.05
N ILE A 40 -12.22 1.72 -7.48
CA ILE A 40 -11.61 2.84 -8.20
C ILE A 40 -10.39 3.39 -7.46
N SER A 41 -10.55 3.59 -6.15
CA SER A 41 -9.47 4.11 -5.33
C SER A 41 -8.19 3.31 -5.54
N VAL A 42 -8.35 2.00 -5.77
CA VAL A 42 -7.21 1.12 -5.98
C VAL A 42 -6.35 1.61 -7.16
N MET A 43 -7.01 2.09 -8.20
CA MET A 43 -6.33 2.58 -9.39
C MET A 43 -5.43 3.77 -9.04
N GLU A 44 -5.79 4.49 -7.97
CA GLU A 44 -5.01 5.65 -7.53
C GLU A 44 -3.89 5.22 -6.60
N PHE A 45 -4.23 4.45 -5.56
CA PHE A 45 -3.24 3.97 -4.60
C PHE A 45 -2.13 3.19 -5.30
N VAL A 46 -2.52 2.36 -6.25
CA VAL A 46 -1.56 1.55 -7.00
C VAL A 46 -0.65 2.42 -7.86
N LEU A 47 -1.12 3.63 -8.16
CA LEU A 47 -0.35 4.57 -8.97
C LEU A 47 0.70 5.29 -8.13
N GLU A 48 0.25 5.88 -7.03
CA GLU A 48 1.14 6.61 -6.13
C GLU A 48 2.28 5.72 -5.65
N LEU A 49 1.95 4.47 -5.34
CA LEU A 49 2.95 3.51 -4.88
C LEU A 49 3.94 3.16 -5.98
N GLU A 50 3.42 2.64 -7.09
CA GLU A 50 4.26 2.26 -8.22
C GLU A 50 5.03 3.47 -8.74
N ASP A 51 4.53 4.66 -8.45
CA ASP A 51 5.17 5.90 -8.88
C ASP A 51 6.28 6.31 -7.91
N GLU A 52 5.88 6.62 -6.68
CA GLU A 52 6.83 7.03 -5.65
C GLU A 52 8.00 6.05 -5.57
N PHE A 53 7.69 4.78 -5.33
CA PHE A 53 8.71 3.75 -5.22
C PHE A 53 9.42 3.54 -6.56
N GLY A 54 8.71 3.84 -7.65
CA GLY A 54 9.29 3.67 -8.97
C GLY A 54 9.44 2.22 -9.37
N THR A 55 8.32 1.50 -9.35
CA THR A 55 8.32 0.08 -9.72
C THR A 55 7.11 -0.27 -10.57
N GLU A 56 7.15 -1.43 -11.21
CA GLU A 56 6.05 -1.88 -12.05
C GLU A 56 5.19 -2.92 -11.32
N ILE A 57 3.90 -2.66 -11.24
CA ILE A 57 2.98 -3.57 -10.57
C ILE A 57 1.98 -4.17 -11.56
N SER A 58 1.91 -5.50 -11.59
CA SER A 58 1.01 -6.20 -12.49
C SER A 58 -0.43 -5.72 -12.29
N ASP A 59 -1.32 -6.17 -13.16
CA ASP A 59 -2.72 -5.79 -13.08
C ASP A 59 -3.46 -6.63 -12.03
N GLU A 60 -3.29 -7.94 -12.11
CA GLU A 60 -3.93 -8.85 -11.16
C GLU A 60 -3.33 -8.70 -9.77
N ASP A 61 -2.00 -8.69 -9.70
CA ASP A 61 -1.30 -8.56 -8.44
C ASP A 61 -1.79 -7.34 -7.66
N ALA A 62 -1.81 -6.19 -8.33
CA ALA A 62 -2.27 -4.96 -7.70
C ALA A 62 -3.70 -5.10 -7.18
N GLU A 63 -4.40 -6.12 -7.67
CA GLU A 63 -5.78 -6.37 -7.25
C GLU A 63 -5.82 -7.15 -5.95
N LYS A 64 -4.69 -7.75 -5.58
CA LYS A 64 -4.59 -8.53 -4.36
C LYS A 64 -3.71 -7.83 -3.33
N ILE A 65 -2.54 -7.38 -3.77
CA ILE A 65 -1.60 -6.70 -2.88
C ILE A 65 -2.14 -5.32 -2.48
N GLU A 66 -3.07 -5.31 -1.54
CA GLU A 66 -3.66 -4.08 -1.07
C GLU A 66 -3.48 -3.93 0.45
N THR A 67 -2.96 -4.97 1.08
CA THR A 67 -2.75 -4.97 2.52
C THR A 67 -1.36 -4.42 2.86
N VAL A 68 -1.22 -3.94 4.09
CA VAL A 68 0.06 -3.39 4.55
C VAL A 68 1.21 -4.34 4.24
N GLY A 69 0.99 -5.63 4.48
CA GLY A 69 2.02 -6.63 4.22
C GLY A 69 2.08 -7.02 2.76
N ALA A 70 0.92 -7.33 2.18
CA ALA A 70 0.85 -7.73 0.79
C ALA A 70 1.40 -6.64 -0.13
N ALA A 71 1.50 -5.43 0.40
CA ALA A 71 2.01 -4.30 -0.37
C ALA A 71 3.54 -4.23 -0.28
N VAL A 72 4.05 -3.94 0.91
CA VAL A 72 5.48 -3.84 1.13
C VAL A 72 6.20 -5.12 0.69
N ASP A 73 5.57 -6.26 0.96
CA ASP A 73 6.14 -7.55 0.60
C ASP A 73 6.23 -7.69 -0.93
N TYR A 74 5.38 -6.96 -1.63
CA TYR A 74 5.35 -7.01 -3.09
C TYR A 74 6.31 -5.97 -3.68
N ILE A 75 6.16 -4.73 -3.24
CA ILE A 75 7.00 -3.65 -3.74
C ILE A 75 8.48 -3.94 -3.49
N VAL A 76 8.77 -4.48 -2.30
CA VAL A 76 10.14 -4.81 -1.94
C VAL A 76 10.64 -6.02 -2.72
N SER A 77 9.95 -7.14 -2.55
CA SER A 77 10.32 -8.38 -3.23
C SER A 77 10.48 -8.14 -4.74
N ASN A 78 9.73 -7.18 -5.26
CA ASN A 78 9.79 -6.85 -6.69
C ASN A 78 10.91 -5.86 -6.96
N SER A 79 11.13 -4.94 -6.03
CA SER A 79 12.17 -3.93 -6.18
C SER A 79 13.53 -4.59 -6.43
N MET A 1 12.42 4.37 -1.70
CA MET A 1 13.56 3.65 -2.26
C MET A 1 13.70 2.26 -1.64
N THR A 2 14.05 2.22 -0.36
CA THR A 2 14.21 0.95 0.35
C THR A 2 12.90 0.51 0.98
N ARG A 3 12.89 -0.70 1.53
CA ARG A 3 11.70 -1.24 2.16
C ARG A 3 11.23 -0.34 3.30
N GLU A 4 12.18 0.24 4.02
CA GLU A 4 11.86 1.13 5.14
C GLU A 4 11.12 2.36 4.65
N GLU A 5 11.78 3.16 3.83
CA GLU A 5 11.17 4.38 3.30
C GLU A 5 9.79 4.09 2.69
N VAL A 6 9.72 3.02 1.91
CA VAL A 6 8.46 2.63 1.27
C VAL A 6 7.41 2.28 2.31
N LEU A 7 7.76 1.37 3.23
CA LEU A 7 6.84 0.95 4.27
C LEU A 7 6.31 2.15 5.06
N GLN A 8 7.21 3.06 5.41
CA GLN A 8 6.83 4.25 6.17
C GLN A 8 5.83 5.09 5.37
N LYS A 9 6.26 5.56 4.19
CA LYS A 9 5.41 6.37 3.34
C LYS A 9 4.03 5.76 3.20
N VAL A 10 3.98 4.54 2.67
CA VAL A 10 2.71 3.83 2.48
C VAL A 10 1.87 3.86 3.76
N ALA A 11 2.52 3.57 4.89
CA ALA A 11 1.84 3.57 6.18
C ALA A 11 1.31 4.95 6.53
N LYS A 12 2.07 5.98 6.17
CA LYS A 12 1.68 7.36 6.44
C LYS A 12 0.54 7.79 5.52
N ILE A 13 0.80 7.78 4.22
CA ILE A 13 -0.20 8.16 3.24
C ILE A 13 -1.51 7.43 3.47
N ILE A 14 -1.42 6.15 3.82
CA ILE A 14 -2.59 5.34 4.08
C ILE A 14 -3.26 5.72 5.39
N SER A 15 -2.45 5.89 6.44
CA SER A 15 -2.96 6.26 7.75
C SER A 15 -3.50 7.68 7.74
N ASN A 16 -3.15 8.44 6.71
CA ASN A 16 -3.60 9.82 6.57
C ASN A 16 -4.83 9.91 5.69
N HIS A 17 -4.79 9.21 4.56
CA HIS A 17 -5.91 9.20 3.62
C HIS A 17 -7.12 8.50 4.22
N PHE A 18 -6.89 7.33 4.81
CA PHE A 18 -7.97 6.56 5.42
C PHE A 18 -8.06 6.86 6.91
N ASP A 19 -8.97 6.15 7.59
CA ASP A 19 -9.16 6.33 9.02
C ASP A 19 -8.45 5.24 9.82
N ILE A 20 -7.47 4.59 9.19
CA ILE A 20 -6.72 3.53 9.82
C ILE A 20 -5.62 4.10 10.72
N GLU A 21 -5.13 3.27 11.64
CA GLU A 21 -4.07 3.69 12.55
C GLU A 21 -2.70 3.36 11.97
N ALA A 22 -1.84 4.37 11.89
CA ALA A 22 -0.49 4.19 11.35
C ALA A 22 0.27 3.13 12.15
N ASP A 23 -0.21 2.86 13.36
CA ASP A 23 0.44 1.87 14.23
C ASP A 23 -0.25 0.51 14.10
N GLN A 24 -1.56 0.54 13.81
CA GLN A 24 -2.33 -0.69 13.66
C GLN A 24 -2.11 -1.31 12.29
N VAL A 25 -1.89 -0.46 11.29
CA VAL A 25 -1.66 -0.94 9.93
C VAL A 25 -0.69 -2.11 9.90
N THR A 26 -1.21 -3.29 9.56
CA THR A 26 -0.40 -4.49 9.50
C THR A 26 -0.62 -5.24 8.20
N ASP A 27 0.31 -6.13 7.87
CA ASP A 27 0.20 -6.92 6.64
C ASP A 27 -1.02 -7.81 6.67
N GLN A 28 -1.58 -8.00 7.86
CA GLN A 28 -2.76 -8.85 8.03
C GLN A 28 -4.03 -7.99 8.08
N LEU A 29 -3.93 -6.75 7.64
CA LEU A 29 -5.06 -5.83 7.65
C LEU A 29 -5.16 -5.07 6.32
N ASN A 30 -5.62 -5.76 5.28
CA ASN A 30 -5.77 -5.15 3.97
C ASN A 30 -6.71 -3.95 4.02
N ILE A 31 -6.18 -2.78 3.67
CA ILE A 31 -6.95 -1.55 3.68
C ILE A 31 -8.11 -1.63 2.68
N LYS A 32 -7.87 -2.28 1.55
CA LYS A 32 -8.89 -2.43 0.52
C LYS A 32 -10.21 -2.89 1.13
N ASP A 33 -10.16 -3.98 1.89
CA ASP A 33 -11.35 -4.52 2.53
C ASP A 33 -11.59 -3.86 3.88
N ASP A 34 -10.56 -3.81 4.71
CA ASP A 34 -10.66 -3.20 6.03
C ASP A 34 -11.35 -1.85 5.95
N LEU A 35 -10.82 -0.96 5.13
CA LEU A 35 -11.37 0.38 4.96
C LEU A 35 -12.46 0.37 3.89
N ASN A 36 -12.50 -0.69 3.08
CA ASN A 36 -13.49 -0.80 2.02
C ASN A 36 -13.26 0.24 0.94
N ALA A 37 -12.01 0.67 0.79
CA ALA A 37 -11.65 1.67 -0.21
C ALA A 37 -12.25 1.32 -1.57
N ASP A 38 -12.69 2.34 -2.30
CA ASP A 38 -13.29 2.14 -3.61
C ASP A 38 -12.26 1.56 -4.58
N SER A 39 -12.72 1.21 -5.78
CA SER A 39 -11.85 0.65 -6.81
C SER A 39 -11.05 1.74 -7.52
N ILE A 40 -11.75 2.78 -7.94
CA ILE A 40 -11.12 3.89 -8.64
C ILE A 40 -9.92 4.41 -7.85
N SER A 41 -10.11 4.58 -6.55
CA SER A 41 -9.03 5.07 -5.68
C SER A 41 -7.75 4.28 -5.90
N VAL A 42 -7.90 2.98 -6.14
CA VAL A 42 -6.76 2.10 -6.36
C VAL A 42 -5.86 2.64 -7.47
N MET A 43 -6.49 3.17 -8.52
CA MET A 43 -5.74 3.73 -9.65
C MET A 43 -4.88 4.90 -9.21
N GLU A 44 -5.27 5.55 -8.12
CA GLU A 44 -4.53 6.70 -7.61
C GLU A 44 -3.41 6.23 -6.67
N PHE A 45 -3.77 5.40 -5.70
CA PHE A 45 -2.80 4.89 -4.74
C PHE A 45 -1.66 4.14 -5.45
N VAL A 46 -2.02 3.38 -6.48
CA VAL A 46 -1.03 2.63 -7.24
C VAL A 46 -0.13 3.56 -8.05
N LEU A 47 -0.61 4.77 -8.29
CA LEU A 47 0.16 5.76 -9.05
C LEU A 47 1.18 6.46 -8.15
N GLU A 48 0.70 6.95 -7.01
CA GLU A 48 1.58 7.64 -6.07
C GLU A 48 2.74 6.75 -5.64
N LEU A 49 2.44 5.48 -5.38
CA LEU A 49 3.45 4.52 -4.96
C LEU A 49 4.43 4.24 -6.10
N GLU A 50 3.90 3.80 -7.23
CA GLU A 50 4.73 3.49 -8.40
C GLU A 50 5.51 4.73 -8.85
N ASP A 51 5.01 5.90 -8.49
CA ASP A 51 5.65 7.16 -8.86
C ASP A 51 6.75 7.52 -7.86
N GLU A 52 6.36 7.76 -6.62
CA GLU A 52 7.31 8.11 -5.58
C GLU A 52 8.47 7.11 -5.53
N PHE A 53 8.13 5.83 -5.36
CA PHE A 53 9.15 4.78 -5.30
C PHE A 53 9.87 4.64 -6.64
N GLY A 54 9.18 5.01 -7.71
CA GLY A 54 9.78 4.92 -9.03
C GLY A 54 9.90 3.48 -9.51
N THR A 55 8.78 2.77 -9.55
CA THR A 55 8.76 1.38 -10.00
C THR A 55 7.53 1.09 -10.86
N GLU A 56 7.58 -0.02 -11.58
CA GLU A 56 6.47 -0.42 -12.44
C GLU A 56 5.57 -1.42 -11.74
N ILE A 57 4.30 -1.06 -11.60
CA ILE A 57 3.32 -1.93 -10.95
C ILE A 57 2.42 -2.62 -11.97
N SER A 58 2.52 -3.94 -12.04
CA SER A 58 1.71 -4.72 -12.98
C SER A 58 0.23 -4.43 -12.79
N ASP A 59 -0.58 -4.90 -13.73
CA ASP A 59 -2.03 -4.68 -13.67
C ASP A 59 -2.68 -5.70 -12.74
N GLU A 60 -2.35 -6.97 -12.93
CA GLU A 60 -2.90 -8.04 -12.10
C GLU A 60 -2.46 -7.89 -10.65
N ASP A 61 -1.16 -7.71 -10.45
CA ASP A 61 -0.61 -7.55 -9.11
C ASP A 61 -1.23 -6.34 -8.40
N ALA A 62 -1.59 -5.34 -9.19
CA ALA A 62 -2.19 -4.12 -8.64
C ALA A 62 -3.37 -4.45 -7.72
N GLU A 63 -3.94 -5.64 -7.90
CA GLU A 63 -5.07 -6.08 -7.09
C GLU A 63 -4.58 -6.78 -5.83
N LYS A 64 -3.44 -7.46 -5.93
CA LYS A 64 -2.88 -8.17 -4.80
C LYS A 64 -1.74 -7.37 -4.16
N ILE A 65 -1.86 -6.05 -4.18
CA ILE A 65 -0.86 -5.18 -3.61
C ILE A 65 -1.48 -3.91 -3.02
N GLU A 66 -2.67 -4.06 -2.45
CA GLU A 66 -3.38 -2.93 -1.85
C GLU A 66 -3.38 -3.03 -0.32
N THR A 67 -2.44 -3.81 0.21
CA THR A 67 -2.34 -4.00 1.65
C THR A 67 -0.97 -3.57 2.16
N VAL A 68 -0.86 -3.35 3.47
CA VAL A 68 0.40 -2.95 4.08
C VAL A 68 1.54 -3.84 3.64
N GLY A 69 1.32 -5.15 3.74
CA GLY A 69 2.35 -6.11 3.34
C GLY A 69 2.37 -6.35 1.85
N ALA A 70 1.19 -6.54 1.26
CA ALA A 70 1.08 -6.79 -0.17
C ALA A 70 1.68 -5.64 -0.96
N ALA A 71 1.85 -4.49 -0.31
CA ALA A 71 2.41 -3.32 -0.97
C ALA A 71 3.93 -3.32 -0.89
N VAL A 72 4.47 -3.18 0.33
CA VAL A 72 5.90 -3.18 0.54
C VAL A 72 6.56 -4.43 -0.04
N ASP A 73 5.90 -5.57 0.15
CA ASP A 73 6.41 -6.84 -0.35
C ASP A 73 6.50 -6.83 -1.87
N TYR A 74 5.68 -5.99 -2.50
CA TYR A 74 5.67 -5.88 -3.95
C TYR A 74 6.67 -4.83 -4.43
N ILE A 75 6.56 -3.63 -3.88
CA ILE A 75 7.46 -2.53 -4.25
C ILE A 75 8.92 -2.92 -4.00
N VAL A 76 9.17 -3.56 -2.87
CA VAL A 76 10.52 -3.98 -2.52
C VAL A 76 10.99 -5.13 -3.42
N SER A 77 10.26 -6.24 -3.38
CA SER A 77 10.61 -7.41 -4.18
C SER A 77 10.80 -7.02 -5.64
N ASN A 78 10.07 -5.98 -6.07
CA ASN A 78 10.16 -5.52 -7.45
C ASN A 78 11.34 -4.55 -7.63
N SER A 79 11.57 -3.73 -6.62
CA SER A 79 12.66 -2.75 -6.66
C SER A 79 13.04 -2.30 -5.25
N MET A 1 11.96 4.17 -2.40
CA MET A 1 13.04 3.33 -2.92
C MET A 1 13.25 2.12 -2.03
N THR A 2 13.75 2.35 -0.81
CA THR A 2 14.00 1.28 0.13
C THR A 2 12.76 0.96 0.95
N ARG A 3 12.83 -0.09 1.76
CA ARG A 3 11.71 -0.49 2.59
C ARG A 3 11.30 0.64 3.53
N GLU A 4 12.28 1.37 4.04
CA GLU A 4 12.02 2.48 4.95
C GLU A 4 11.20 3.57 4.26
N GLU A 5 11.77 4.16 3.22
CA GLU A 5 11.10 5.22 2.48
C GLU A 5 9.69 4.79 2.08
N VAL A 6 9.58 3.57 1.56
CA VAL A 6 8.29 3.03 1.15
C VAL A 6 7.33 2.91 2.32
N LEU A 7 7.77 2.22 3.37
CA LEU A 7 6.95 2.03 4.56
C LEU A 7 6.43 3.37 5.09
N GLN A 8 7.32 4.35 5.19
CA GLN A 8 6.95 5.67 5.68
C GLN A 8 5.90 6.31 4.76
N LYS A 9 6.27 6.50 3.50
CA LYS A 9 5.36 7.10 2.53
C LYS A 9 3.97 6.46 2.61
N VAL A 10 3.91 5.16 2.38
CA VAL A 10 2.66 4.42 2.42
C VAL A 10 1.90 4.72 3.72
N ALA A 11 2.62 4.68 4.84
CA ALA A 11 2.01 4.94 6.14
C ALA A 11 1.46 6.36 6.21
N LYS A 12 2.16 7.30 5.57
CA LYS A 12 1.74 8.70 5.56
C LYS A 12 0.56 8.90 4.63
N ILE A 13 0.75 8.61 3.35
CA ILE A 13 -0.31 8.76 2.36
C ILE A 13 -1.59 8.08 2.82
N ILE A 14 -1.44 6.94 3.48
CA ILE A 14 -2.60 6.20 3.98
C ILE A 14 -3.19 6.87 5.21
N SER A 15 -2.32 7.21 6.16
CA SER A 15 -2.76 7.87 7.40
C SER A 15 -3.36 9.23 7.11
N ASN A 16 -3.10 9.76 5.92
CA ASN A 16 -3.61 11.06 5.52
C ASN A 16 -4.91 10.91 4.73
N HIS A 17 -4.93 9.93 3.82
CA HIS A 17 -6.11 9.68 3.00
C HIS A 17 -7.26 9.16 3.84
N PHE A 18 -6.97 8.17 4.68
CA PHE A 18 -7.99 7.57 5.55
C PHE A 18 -7.93 8.17 6.95
N ASP A 19 -8.75 7.65 7.85
CA ASP A 19 -8.79 8.12 9.23
C ASP A 19 -7.99 7.20 10.14
N ILE A 20 -7.04 6.47 9.56
CA ILE A 20 -6.21 5.55 10.33
C ILE A 20 -5.06 6.29 11.00
N GLU A 21 -4.49 5.68 12.03
CA GLU A 21 -3.36 6.28 12.75
C GLU A 21 -2.03 5.85 12.14
N ALA A 22 -1.21 6.82 11.77
CA ALA A 22 0.09 6.54 11.18
C ALA A 22 0.95 5.70 12.11
N ASP A 23 0.59 5.68 13.38
CA ASP A 23 1.32 4.91 14.38
C ASP A 23 0.67 3.55 14.61
N GLN A 24 -0.65 3.50 14.44
CA GLN A 24 -1.39 2.26 14.62
C GLN A 24 -1.27 1.36 13.39
N VAL A 25 -1.16 1.97 12.22
CA VAL A 25 -1.03 1.24 10.97
C VAL A 25 -0.05 0.08 11.11
N THR A 26 -0.57 -1.14 11.17
CA THR A 26 0.25 -2.32 11.30
C THR A 26 -0.07 -3.34 10.22
N ASP A 27 0.80 -4.34 10.07
CA ASP A 27 0.62 -5.38 9.07
C ASP A 27 -0.62 -6.22 9.38
N GLN A 28 -1.11 -6.09 10.61
CA GLN A 28 -2.30 -6.83 11.04
C GLN A 28 -3.55 -5.98 10.93
N LEU A 29 -3.43 -4.84 10.27
CA LEU A 29 -4.55 -3.93 10.10
C LEU A 29 -4.71 -3.52 8.63
N ASN A 30 -5.26 -4.42 7.83
CA ASN A 30 -5.46 -4.16 6.41
C ASN A 30 -6.44 -3.01 6.21
N ILE A 31 -5.95 -1.93 5.62
CA ILE A 31 -6.79 -0.76 5.37
C ILE A 31 -7.99 -1.11 4.50
N LYS A 32 -7.77 -2.02 3.55
CA LYS A 32 -8.83 -2.45 2.65
C LYS A 32 -10.08 -2.85 3.43
N ASP A 33 -9.91 -3.76 4.39
CA ASP A 33 -11.03 -4.22 5.21
C ASP A 33 -11.24 -3.30 6.41
N ASP A 34 -10.19 -3.16 7.23
CA ASP A 34 -10.26 -2.31 8.41
C ASP A 34 -10.92 -0.98 8.08
N LEU A 35 -10.36 -0.26 7.11
CA LEU A 35 -10.89 1.03 6.71
C LEU A 35 -12.06 0.86 5.75
N ASN A 36 -12.18 -0.33 5.15
CA ASN A 36 -13.26 -0.62 4.23
C ASN A 36 -13.13 0.22 2.95
N ALA A 37 -11.89 0.61 2.64
CA ALA A 37 -11.62 1.40 1.45
C ALA A 37 -12.32 0.81 0.22
N ASP A 38 -12.80 1.68 -0.65
CA ASP A 38 -13.49 1.25 -1.87
C ASP A 38 -12.56 0.42 -2.75
N SER A 39 -13.14 -0.27 -3.72
CA SER A 39 -12.37 -1.12 -4.62
C SER A 39 -11.66 -0.28 -5.68
N ILE A 40 -12.41 0.59 -6.35
CA ILE A 40 -11.85 1.44 -7.37
C ILE A 40 -10.63 2.20 -6.86
N SER A 41 -10.71 2.69 -5.64
CA SER A 41 -9.62 3.44 -5.02
C SER A 41 -8.31 2.66 -5.14
N VAL A 42 -8.41 1.33 -5.03
CA VAL A 42 -7.23 0.47 -5.12
C VAL A 42 -6.44 0.75 -6.41
N MET A 43 -7.17 1.03 -7.48
CA MET A 43 -6.55 1.31 -8.77
C MET A 43 -5.68 2.56 -8.69
N GLU A 44 -6.02 3.46 -7.77
CA GLU A 44 -5.27 4.69 -7.59
C GLU A 44 -4.08 4.48 -6.66
N PHE A 45 -4.36 3.92 -5.49
CA PHE A 45 -3.32 3.65 -4.50
C PHE A 45 -2.22 2.76 -5.08
N VAL A 46 -2.63 1.80 -5.90
CA VAL A 46 -1.69 0.87 -6.52
C VAL A 46 -0.83 1.58 -7.56
N LEU A 47 -1.33 2.71 -8.05
CA LEU A 47 -0.60 3.48 -9.06
C LEU A 47 0.44 4.37 -8.41
N GLU A 48 0.02 5.17 -7.43
CA GLU A 48 0.92 6.07 -6.72
C GLU A 48 2.14 5.32 -6.20
N LEU A 49 1.90 4.13 -5.65
CA LEU A 49 2.97 3.31 -5.11
C LEU A 49 3.87 2.79 -6.22
N GLU A 50 3.27 2.46 -7.36
CA GLU A 50 4.02 1.95 -8.50
C GLU A 50 4.86 3.05 -9.14
N ASP A 51 4.35 4.28 -9.08
CA ASP A 51 5.06 5.43 -9.65
C ASP A 51 6.11 5.95 -8.68
N GLU A 52 5.67 6.30 -7.48
CA GLU A 52 6.59 6.81 -6.46
C GLU A 52 7.80 5.89 -6.29
N PHE A 53 7.53 4.65 -5.92
CA PHE A 53 8.60 3.67 -5.73
C PHE A 53 9.19 3.23 -7.06
N GLY A 54 8.37 3.29 -8.12
CA GLY A 54 8.83 2.90 -9.43
C GLY A 54 8.94 1.39 -9.59
N THR A 55 7.83 0.69 -9.33
CA THR A 55 7.82 -0.76 -9.43
C THR A 55 6.52 -1.25 -10.07
N GLU A 56 6.58 -2.40 -10.73
CA GLU A 56 5.41 -2.97 -11.38
C GLU A 56 4.60 -3.82 -10.40
N ILE A 57 3.32 -3.54 -10.30
CA ILE A 57 2.44 -4.28 -9.40
C ILE A 57 1.47 -5.16 -10.18
N SER A 58 1.62 -6.47 -10.04
CA SER A 58 0.75 -7.42 -10.73
C SER A 58 -0.71 -7.14 -10.43
N ASP A 59 -1.60 -7.72 -11.24
CA ASP A 59 -3.03 -7.53 -11.06
C ASP A 59 -3.57 -8.46 -9.98
N GLU A 60 -2.88 -9.58 -9.76
CA GLU A 60 -3.29 -10.55 -8.76
C GLU A 60 -2.87 -10.10 -7.35
N ASP A 61 -1.56 -9.96 -7.16
CA ASP A 61 -1.03 -9.54 -5.86
C ASP A 61 -1.60 -8.19 -5.46
N ALA A 62 -2.03 -7.42 -6.45
CA ALA A 62 -2.60 -6.10 -6.19
C ALA A 62 -3.69 -6.16 -5.13
N GLU A 63 -4.28 -7.33 -4.97
CA GLU A 63 -5.34 -7.53 -3.98
C GLU A 63 -4.76 -7.90 -2.63
N LYS A 64 -3.63 -8.62 -2.64
CA LYS A 64 -2.97 -9.03 -1.41
C LYS A 64 -1.81 -8.10 -1.08
N ILE A 65 -1.97 -6.82 -1.40
CA ILE A 65 -0.93 -5.84 -1.13
C ILE A 65 -1.54 -4.47 -0.82
N GLU A 66 -2.70 -4.48 -0.18
CA GLU A 66 -3.39 -3.25 0.18
C GLU A 66 -3.31 -2.99 1.69
N THR A 67 -2.34 -3.64 2.34
CA THR A 67 -2.16 -3.49 3.77
C THR A 67 -0.78 -2.93 4.09
N VAL A 68 -0.61 -2.44 5.32
CA VAL A 68 0.67 -1.88 5.75
C VAL A 68 1.82 -2.81 5.41
N GLY A 69 1.70 -4.07 5.83
CA GLY A 69 2.74 -5.04 5.56
C GLY A 69 2.64 -5.63 4.17
N ALA A 70 1.43 -5.95 3.76
CA ALA A 70 1.19 -6.52 2.43
C ALA A 70 1.69 -5.59 1.34
N ALA A 71 1.89 -4.32 1.69
CA ALA A 71 2.37 -3.33 0.74
C ALA A 71 3.90 -3.32 0.67
N VAL A 72 4.53 -2.92 1.76
CA VAL A 72 5.98 -2.85 1.84
C VAL A 72 6.60 -4.21 1.50
N ASP A 73 5.98 -5.28 2.00
CA ASP A 73 6.47 -6.63 1.76
C ASP A 73 6.48 -6.94 0.27
N TYR A 74 5.62 -6.26 -0.48
CA TYR A 74 5.52 -6.47 -1.91
C TYR A 74 6.49 -5.56 -2.67
N ILE A 75 6.39 -4.26 -2.40
CA ILE A 75 7.25 -3.28 -3.04
C ILE A 75 8.72 -3.59 -2.79
N VAL A 76 9.04 -3.96 -1.56
CA VAL A 76 10.42 -4.30 -1.18
C VAL A 76 10.86 -5.60 -1.83
N SER A 77 10.16 -6.69 -1.50
CA SER A 77 10.49 -8.00 -2.06
C SER A 77 10.59 -7.94 -3.57
N ASN A 78 9.82 -7.03 -4.18
CA ASN A 78 9.81 -6.88 -5.63
C ASN A 78 10.96 -5.97 -6.08
N SER A 79 11.29 -4.99 -5.25
CA SER A 79 12.37 -4.05 -5.57
C SER A 79 13.66 -4.80 -5.89
N MET A 1 11.93 4.10 -2.11
CA MET A 1 13.04 3.31 -2.64
C MET A 1 13.24 2.04 -1.83
N THR A 2 13.69 2.20 -0.59
CA THR A 2 13.93 1.06 0.28
C THR A 2 12.67 0.67 1.05
N ARG A 3 12.74 -0.43 1.79
CA ARG A 3 11.61 -0.91 2.56
C ARG A 3 11.17 0.14 3.57
N GLU A 4 12.14 0.86 4.15
CA GLU A 4 11.84 1.89 5.13
C GLU A 4 11.02 3.02 4.51
N GLU A 5 11.61 3.70 3.53
CA GLU A 5 10.94 4.80 2.86
C GLU A 5 9.54 4.38 2.39
N VAL A 6 9.46 3.20 1.78
CA VAL A 6 8.19 2.69 1.29
C VAL A 6 7.20 2.48 2.43
N LEU A 7 7.63 1.73 3.44
CA LEU A 7 6.79 1.45 4.59
C LEU A 7 6.24 2.74 5.20
N GLN A 8 7.12 3.73 5.37
CA GLN A 8 6.72 5.01 5.94
C GLN A 8 5.66 5.69 5.06
N LYS A 9 6.04 5.97 3.81
CA LYS A 9 5.14 6.62 2.87
C LYS A 9 3.77 5.95 2.89
N VAL A 10 3.74 4.66 2.56
CA VAL A 10 2.50 3.90 2.54
C VAL A 10 1.71 4.09 3.84
N ALA A 11 2.42 3.98 4.95
CA ALA A 11 1.79 4.14 6.27
C ALA A 11 1.21 5.53 6.43
N LYS A 12 1.89 6.53 5.88
CA LYS A 12 1.44 7.91 5.96
C LYS A 12 0.26 8.16 5.03
N ILE A 13 0.48 7.97 3.73
CA ILE A 13 -0.57 8.17 2.74
C ILE A 13 -1.84 7.42 3.13
N ILE A 14 -1.69 6.24 3.70
CA ILE A 14 -2.82 5.43 4.14
C ILE A 14 -3.44 5.99 5.41
N SER A 15 -2.60 6.29 6.39
CA SER A 15 -3.06 6.84 7.66
C SER A 15 -3.67 8.22 7.47
N ASN A 16 -3.40 8.83 6.31
CA ASN A 16 -3.92 10.15 6.00
C ASN A 16 -5.20 10.06 5.17
N HIS A 17 -5.20 9.17 4.19
CA HIS A 17 -6.35 8.98 3.33
C HIS A 17 -7.52 8.38 4.11
N PHE A 18 -7.24 7.33 4.88
CA PHE A 18 -8.26 6.66 5.66
C PHE A 18 -8.24 7.15 7.11
N ASP A 19 -9.08 6.56 7.95
CA ASP A 19 -9.16 6.93 9.36
C ASP A 19 -8.36 5.96 10.22
N ILE A 20 -7.41 5.28 9.61
CA ILE A 20 -6.58 4.31 10.32
C ILE A 20 -5.43 5.01 11.05
N GLU A 21 -4.87 4.33 12.04
CA GLU A 21 -3.77 4.89 12.82
C GLU A 21 -2.42 4.48 12.22
N ALA A 22 -1.56 5.47 11.97
CA ALA A 22 -0.25 5.21 11.40
C ALA A 22 0.57 4.29 12.31
N ASP A 23 0.15 4.16 13.56
CA ASP A 23 0.84 3.31 14.52
C ASP A 23 0.19 1.93 14.59
N GLN A 24 -1.11 1.88 14.35
CA GLN A 24 -1.85 0.63 14.39
C GLN A 24 -1.67 -0.15 13.09
N VAL A 25 -1.49 0.58 11.99
CA VAL A 25 -1.30 -0.04 10.68
C VAL A 25 -0.31 -1.20 10.76
N THR A 26 -0.83 -2.42 10.69
CA THR A 26 0.00 -3.62 10.75
C THR A 26 -0.27 -4.54 9.57
N ASP A 27 0.63 -5.49 9.36
CA ASP A 27 0.48 -6.45 8.27
C ASP A 27 -0.75 -7.33 8.47
N GLN A 28 -1.28 -7.32 9.69
CA GLN A 28 -2.46 -8.12 10.02
C GLN A 28 -3.71 -7.28 9.98
N LEU A 29 -3.60 -6.08 9.42
CA LEU A 29 -4.74 -5.17 9.33
C LEU A 29 -4.89 -4.63 7.90
N ASN A 30 -5.41 -5.48 7.02
CA ASN A 30 -5.61 -5.09 5.63
C ASN A 30 -6.59 -3.93 5.52
N ILE A 31 -6.11 -2.80 5.03
CA ILE A 31 -6.95 -1.61 4.87
C ILE A 31 -8.14 -1.90 3.96
N LYS A 32 -7.91 -2.73 2.94
CA LYS A 32 -8.96 -3.09 1.99
C LYS A 32 -10.21 -3.55 2.73
N ASP A 33 -10.05 -4.54 3.61
CA ASP A 33 -11.16 -5.08 4.37
C ASP A 33 -11.39 -4.28 5.65
N ASP A 34 -10.36 -4.20 6.48
CA ASP A 34 -10.44 -3.46 7.74
C ASP A 34 -11.10 -2.11 7.52
N LEU A 35 -10.53 -1.30 6.62
CA LEU A 35 -11.07 0.01 6.33
C LEU A 35 -12.23 -0.07 5.35
N ASN A 36 -12.34 -1.21 4.66
CA ASN A 36 -13.40 -1.42 3.70
C ASN A 36 -13.25 -0.49 2.50
N ALA A 37 -12.02 -0.06 2.24
CA ALA A 37 -11.73 0.84 1.13
C ALA A 37 -12.39 0.34 -0.15
N ASP A 38 -12.89 1.28 -0.95
CA ASP A 38 -13.55 0.94 -2.21
C ASP A 38 -12.59 0.20 -3.14
N SER A 39 -13.13 -0.31 -4.24
CA SER A 39 -12.32 -1.04 -5.22
C SER A 39 -11.61 -0.09 -6.16
N ILE A 40 -12.36 0.85 -6.73
CA ILE A 40 -11.79 1.83 -7.66
C ILE A 40 -10.56 2.51 -7.05
N SER A 41 -10.67 2.89 -5.78
CA SER A 41 -9.56 3.55 -5.09
C SER A 41 -8.27 2.75 -5.24
N VAL A 42 -8.39 1.43 -5.25
CA VAL A 42 -7.24 0.55 -5.39
C VAL A 42 -6.43 0.91 -6.64
N MET A 43 -7.13 1.25 -7.71
CA MET A 43 -6.47 1.63 -8.97
C MET A 43 -5.61 2.87 -8.78
N GLU A 44 -5.96 3.69 -7.80
CA GLU A 44 -5.22 4.91 -7.52
C GLU A 44 -4.04 4.63 -6.59
N PHE A 45 -4.32 3.96 -5.47
CA PHE A 45 -3.29 3.64 -4.50
C PHE A 45 -2.18 2.82 -5.13
N VAL A 46 -2.57 1.89 -6.01
CA VAL A 46 -1.60 1.04 -6.70
C VAL A 46 -0.75 1.84 -7.67
N LEU A 47 -1.26 3.00 -8.08
CA LEU A 47 -0.54 3.86 -9.02
C LEU A 47 0.50 4.71 -8.29
N GLU A 48 0.04 5.44 -7.27
CA GLU A 48 0.94 6.29 -6.50
C GLU A 48 2.16 5.51 -6.03
N LEU A 49 1.92 4.31 -5.50
CA LEU A 49 3.00 3.46 -5.00
C LEU A 49 3.94 3.08 -6.14
N GLU A 50 3.38 2.78 -7.30
CA GLU A 50 4.17 2.39 -8.46
C GLU A 50 4.97 3.57 -8.99
N ASP A 51 4.42 4.77 -8.83
CA ASP A 51 5.09 5.99 -9.30
C ASP A 51 6.16 6.42 -8.31
N GLU A 52 5.75 6.71 -7.07
CA GLU A 52 6.66 7.15 -6.03
C GLU A 52 7.86 6.19 -5.93
N PHE A 53 7.57 4.93 -5.63
CA PHE A 53 8.62 3.92 -5.51
C PHE A 53 9.24 3.61 -6.86
N GLY A 54 8.47 3.80 -7.93
CA GLY A 54 8.97 3.54 -9.27
C GLY A 54 9.12 2.05 -9.54
N THR A 55 8.03 1.31 -9.39
CA THR A 55 8.06 -0.13 -9.62
C THR A 55 6.79 -0.60 -10.31
N GLU A 56 6.90 -1.66 -11.10
CA GLU A 56 5.75 -2.21 -11.81
C GLU A 56 4.98 -3.20 -10.93
N ILE A 57 3.69 -2.93 -10.75
CA ILE A 57 2.84 -3.80 -9.94
C ILE A 57 1.91 -4.62 -10.81
N SER A 58 2.05 -5.94 -10.72
CA SER A 58 1.21 -6.85 -11.51
C SER A 58 -0.27 -6.57 -11.26
N ASP A 59 -1.12 -7.17 -12.09
CA ASP A 59 -2.56 -6.99 -11.97
C ASP A 59 -3.13 -7.88 -10.87
N GLU A 60 -2.77 -9.16 -10.91
CA GLU A 60 -3.25 -10.12 -9.93
C GLU A 60 -2.76 -9.76 -8.53
N ASP A 61 -1.45 -9.50 -8.42
CA ASP A 61 -0.86 -9.15 -7.14
C ASP A 61 -1.49 -7.87 -6.57
N ALA A 62 -1.95 -7.00 -7.47
CA ALA A 62 -2.58 -5.76 -7.06
C ALA A 62 -3.67 -6.00 -6.03
N GLU A 63 -4.19 -7.22 -6.01
CA GLU A 63 -5.25 -7.59 -5.07
C GLU A 63 -4.66 -8.08 -3.75
N LYS A 64 -3.51 -8.73 -3.83
CA LYS A 64 -2.83 -9.25 -2.65
C LYS A 64 -1.71 -8.31 -2.21
N ILE A 65 -1.92 -7.01 -2.38
CA ILE A 65 -0.93 -6.01 -2.00
C ILE A 65 -1.60 -4.71 -1.59
N GLU A 66 -2.75 -4.82 -0.94
CA GLU A 66 -3.49 -3.65 -0.49
C GLU A 66 -3.43 -3.52 1.04
N THR A 67 -2.46 -4.21 1.64
CA THR A 67 -2.30 -4.18 3.08
C THR A 67 -0.92 -3.64 3.47
N VAL A 68 -0.78 -3.22 4.73
CA VAL A 68 0.47 -2.68 5.23
C VAL A 68 1.64 -3.59 4.85
N GLY A 69 1.50 -4.87 5.15
CA GLY A 69 2.56 -5.82 4.84
C GLY A 69 2.51 -6.28 3.40
N ALA A 70 1.31 -6.57 2.90
CA ALA A 70 1.14 -7.03 1.53
C ALA A 70 1.67 -6.00 0.54
N ALA A 71 1.84 -4.76 1.01
CA ALA A 71 2.34 -3.69 0.17
C ALA A 71 3.87 -3.65 0.17
N VAL A 72 4.45 -3.34 1.32
CA VAL A 72 5.90 -3.27 1.46
C VAL A 72 6.55 -4.59 1.03
N ASP A 73 5.94 -5.69 1.42
CA ASP A 73 6.46 -7.01 1.08
C ASP A 73 6.51 -7.20 -0.42
N TYR A 74 5.66 -6.47 -1.14
CA TYR A 74 5.60 -6.56 -2.60
C TYR A 74 6.56 -5.58 -3.24
N ILE A 75 6.45 -4.31 -2.85
CA ILE A 75 7.32 -3.26 -3.39
C ILE A 75 8.79 -3.58 -3.13
N VAL A 76 9.09 -4.05 -1.92
CA VAL A 76 10.45 -4.40 -1.54
C VAL A 76 10.93 -5.64 -2.29
N SER A 77 10.24 -6.75 -2.07
CA SER A 77 10.59 -8.01 -2.72
C SER A 77 10.73 -7.83 -4.23
N ASN A 78 9.96 -6.89 -4.78
CA ASN A 78 10.00 -6.61 -6.21
C ASN A 78 11.14 -5.65 -6.54
N SER A 79 11.44 -4.74 -5.62
CA SER A 79 12.50 -3.76 -5.82
C SER A 79 13.80 -4.45 -6.23
N MET A 1 13.91 5.08 -2.39
CA MET A 1 13.12 3.94 -2.80
C MET A 1 13.42 2.71 -1.95
N THR A 2 13.81 2.96 -0.69
CA THR A 2 14.13 1.87 0.23
C THR A 2 12.90 1.44 1.02
N ARG A 3 13.04 0.37 1.79
CA ARG A 3 11.96 -0.16 2.59
C ARG A 3 11.45 0.90 3.57
N GLU A 4 12.36 1.70 4.09
CA GLU A 4 12.01 2.75 5.04
C GLU A 4 11.11 3.80 4.38
N GLU A 5 11.63 4.47 3.38
CA GLU A 5 10.88 5.50 2.67
C GLU A 5 9.52 4.97 2.23
N VAL A 6 9.52 3.77 1.66
CA VAL A 6 8.28 3.15 1.20
C VAL A 6 7.32 2.91 2.36
N LEU A 7 7.81 2.25 3.40
CA LEU A 7 7.00 1.96 4.58
C LEU A 7 6.39 3.23 5.14
N GLN A 8 7.20 4.27 5.26
CA GLN A 8 6.74 5.54 5.79
C GLN A 8 5.61 6.12 4.94
N LYS A 9 5.92 6.38 3.67
CA LYS A 9 4.94 6.93 2.74
C LYS A 9 3.62 6.17 2.84
N VAL A 10 3.66 4.87 2.55
CA VAL A 10 2.48 4.02 2.62
C VAL A 10 1.72 4.23 3.92
N ALA A 11 2.46 4.23 5.03
CA ALA A 11 1.86 4.42 6.35
C ALA A 11 1.21 5.79 6.47
N LYS A 12 1.83 6.79 5.84
CA LYS A 12 1.31 8.15 5.88
C LYS A 12 0.09 8.29 4.99
N ILE A 13 0.27 8.05 3.69
CA ILE A 13 -0.83 8.15 2.73
C ILE A 13 -2.03 7.35 3.20
N ILE A 14 -1.78 6.19 3.79
CA ILE A 14 -2.85 5.32 4.30
C ILE A 14 -3.47 5.90 5.55
N SER A 15 -2.62 6.29 6.51
CA SER A 15 -3.10 6.86 7.76
C SER A 15 -3.84 8.17 7.53
N ASN A 16 -3.58 8.79 6.37
CA ASN A 16 -4.22 10.05 6.03
C ASN A 16 -5.47 9.81 5.20
N HIS A 17 -5.37 8.93 4.21
CA HIS A 17 -6.50 8.61 3.34
C HIS A 17 -7.58 7.87 4.12
N PHE A 18 -7.18 6.86 4.88
CA PHE A 18 -8.12 6.07 5.67
C PHE A 18 -8.20 6.60 7.10
N ASP A 19 -9.00 5.92 7.93
CA ASP A 19 -9.16 6.33 9.32
C ASP A 19 -8.33 5.45 10.24
N ILE A 20 -7.31 4.80 9.68
CA ILE A 20 -6.44 3.93 10.45
C ILE A 20 -5.36 4.73 11.18
N GLU A 21 -4.78 4.13 12.21
CA GLU A 21 -3.73 4.78 12.99
C GLU A 21 -2.35 4.52 12.39
N ALA A 22 -1.63 5.59 12.10
CA ALA A 22 -0.29 5.48 11.52
C ALA A 22 0.62 4.64 12.42
N ASP A 23 0.24 4.51 13.67
CA ASP A 23 1.02 3.74 14.64
C ASP A 23 0.49 2.31 14.75
N GLN A 24 -0.81 2.15 14.52
CA GLN A 24 -1.45 0.84 14.60
C GLN A 24 -1.21 0.04 13.33
N VAL A 25 -1.12 0.74 12.20
CA VAL A 25 -0.89 0.10 10.91
C VAL A 25 0.20 -0.94 11.00
N THR A 26 -0.16 -2.21 10.85
CA THR A 26 0.81 -3.30 10.92
C THR A 26 0.56 -4.32 9.81
N ASP A 27 1.55 -5.16 9.57
CA ASP A 27 1.45 -6.19 8.52
C ASP A 27 0.35 -7.18 8.86
N GLN A 28 -0.08 -7.19 10.12
CA GLN A 28 -1.13 -8.09 10.57
C GLN A 28 -2.49 -7.40 10.58
N LEU A 29 -2.55 -6.26 9.91
CA LEU A 29 -3.80 -5.48 9.84
C LEU A 29 -4.04 -4.98 8.43
N ASN A 30 -4.47 -5.90 7.55
CA ASN A 30 -4.74 -5.54 6.16
C ASN A 30 -5.72 -4.37 6.08
N ILE A 31 -5.34 -3.33 5.34
CA ILE A 31 -6.18 -2.15 5.18
C ILE A 31 -7.41 -2.46 4.33
N LYS A 32 -7.19 -3.14 3.20
CA LYS A 32 -8.28 -3.49 2.30
C LYS A 32 -9.43 -4.13 3.07
N ASP A 33 -9.11 -4.96 4.06
CA ASP A 33 -10.12 -5.62 4.88
C ASP A 33 -10.50 -4.76 6.07
N ASP A 34 -9.51 -4.43 6.90
CA ASP A 34 -9.75 -3.61 8.08
C ASP A 34 -10.58 -2.37 7.73
N LEU A 35 -10.06 -1.58 6.80
CA LEU A 35 -10.75 -0.36 6.37
C LEU A 35 -11.89 -0.69 5.41
N ASN A 36 -11.83 -1.88 4.82
CA ASN A 36 -12.87 -2.32 3.88
C ASN A 36 -12.83 -1.47 2.62
N ALA A 37 -11.67 -0.95 2.30
CA ALA A 37 -11.50 -0.11 1.10
C ALA A 37 -12.13 -0.79 -0.12
N ASP A 38 -12.71 0.02 -1.00
CA ASP A 38 -13.34 -0.50 -2.21
C ASP A 38 -12.30 -1.11 -3.14
N SER A 39 -12.78 -1.71 -4.23
CA SER A 39 -11.89 -2.34 -5.20
C SER A 39 -11.25 -1.30 -6.12
N ILE A 40 -12.09 -0.43 -6.68
CA ILE A 40 -11.62 0.62 -7.57
C ILE A 40 -10.46 1.39 -6.95
N SER A 41 -10.61 1.75 -5.67
CA SER A 41 -9.59 2.49 -4.96
C SER A 41 -8.23 1.83 -5.12
N VAL A 42 -8.22 0.50 -5.15
CA VAL A 42 -6.99 -0.26 -5.30
C VAL A 42 -6.21 0.18 -6.54
N MET A 43 -6.94 0.47 -7.61
CA MET A 43 -6.32 0.91 -8.86
C MET A 43 -5.57 2.22 -8.66
N GLU A 44 -5.99 2.99 -7.66
CA GLU A 44 -5.36 4.28 -7.37
C GLU A 44 -4.15 4.09 -6.46
N PHE A 45 -4.38 3.40 -5.34
CA PHE A 45 -3.31 3.16 -4.37
C PHE A 45 -2.14 2.43 -5.02
N VAL A 46 -2.46 1.48 -5.90
CA VAL A 46 -1.44 0.71 -6.61
C VAL A 46 -0.66 1.58 -7.59
N LEU A 47 -1.27 2.68 -7.99
CA LEU A 47 -0.65 3.60 -8.93
C LEU A 47 0.32 4.53 -8.22
N GLU A 48 -0.15 5.17 -7.16
CA GLU A 48 0.69 6.09 -6.39
C GLU A 48 1.94 5.38 -5.88
N LEU A 49 1.77 4.15 -5.42
CA LEU A 49 2.88 3.37 -4.90
C LEU A 49 3.87 3.01 -6.02
N GLU A 50 3.38 2.33 -7.03
CA GLU A 50 4.21 1.92 -8.16
C GLU A 50 4.83 3.14 -8.84
N ASP A 51 4.21 4.30 -8.64
CA ASP A 51 4.69 5.54 -9.23
C ASP A 51 5.77 6.17 -8.37
N GLU A 52 5.40 6.55 -7.15
CA GLU A 52 6.34 7.17 -6.23
C GLU A 52 7.61 6.33 -6.10
N PHE A 53 7.44 5.07 -5.72
CA PHE A 53 8.57 4.16 -5.57
C PHE A 53 9.26 3.90 -6.90
N GLY A 54 8.49 4.01 -7.98
CA GLY A 54 9.04 3.79 -9.31
C GLY A 54 9.31 2.32 -9.59
N THR A 55 8.27 1.50 -9.46
CA THR A 55 8.40 0.07 -9.69
C THR A 55 7.18 -0.48 -10.45
N GLU A 56 7.31 -1.69 -10.95
CA GLU A 56 6.22 -2.33 -11.69
C GLU A 56 5.48 -3.33 -10.81
N ILE A 57 4.17 -3.13 -10.67
CA ILE A 57 3.35 -4.02 -9.85
C ILE A 57 2.40 -4.83 -10.73
N SER A 58 2.51 -6.16 -10.65
CA SER A 58 1.66 -7.05 -11.43
C SER A 58 0.19 -6.75 -11.18
N ASP A 59 -0.67 -7.22 -12.07
CA ASP A 59 -2.10 -7.01 -11.95
C ASP A 59 -2.72 -8.01 -10.98
N GLU A 60 -2.09 -9.17 -10.84
CA GLU A 60 -2.58 -10.21 -9.95
C GLU A 60 -2.12 -9.95 -8.52
N ASP A 61 -0.81 -9.92 -8.32
CA ASP A 61 -0.24 -9.67 -7.00
C ASP A 61 -0.81 -8.40 -6.38
N ALA A 62 -1.02 -7.39 -7.21
CA ALA A 62 -1.56 -6.12 -6.76
C ALA A 62 -2.92 -6.31 -6.08
N GLU A 63 -3.52 -7.47 -6.29
CA GLU A 63 -4.82 -7.78 -5.71
C GLU A 63 -4.66 -8.34 -4.30
N LYS A 64 -3.47 -8.85 -4.00
CA LYS A 64 -3.18 -9.41 -2.69
C LYS A 64 -2.32 -8.47 -1.87
N ILE A 65 -1.27 -7.94 -2.49
CA ILE A 65 -0.37 -7.02 -1.82
C ILE A 65 -1.03 -5.67 -1.56
N GLU A 66 -1.97 -5.66 -0.62
CA GLU A 66 -2.69 -4.44 -0.28
C GLU A 66 -2.55 -4.12 1.21
N THR A 67 -1.87 -5.01 1.93
CA THR A 67 -1.67 -4.83 3.36
C THR A 67 -0.34 -4.12 3.64
N VAL A 68 -0.22 -3.56 4.84
CA VAL A 68 0.99 -2.85 5.23
C VAL A 68 2.23 -3.69 4.93
N GLY A 69 2.19 -4.96 5.31
CA GLY A 69 3.31 -5.84 5.08
C GLY A 69 3.33 -6.40 3.66
N ALA A 70 2.17 -6.83 3.19
CA ALA A 70 2.05 -7.39 1.84
C ALA A 70 2.47 -6.38 0.79
N ALA A 71 2.51 -5.10 1.18
CA ALA A 71 2.89 -4.03 0.27
C ALA A 71 4.41 -3.84 0.26
N VAL A 72 4.94 -3.39 1.38
CA VAL A 72 6.38 -3.16 1.51
C VAL A 72 7.17 -4.41 1.14
N ASP A 73 6.67 -5.57 1.58
CA ASP A 73 7.33 -6.84 1.29
C ASP A 73 7.43 -7.07 -0.22
N TYR A 74 6.50 -6.49 -0.97
CA TYR A 74 6.48 -6.64 -2.41
C TYR A 74 7.31 -5.55 -3.09
N ILE A 75 7.03 -4.31 -2.74
CA ILE A 75 7.76 -3.17 -3.31
C ILE A 75 9.25 -3.28 -3.02
N VAL A 76 9.59 -3.69 -1.81
CA VAL A 76 10.99 -3.85 -1.41
C VAL A 76 11.63 -5.05 -2.10
N SER A 77 11.08 -6.23 -1.85
CA SER A 77 11.59 -7.47 -2.44
C SER A 77 11.73 -7.31 -3.96
N ASN A 78 10.86 -6.50 -4.55
CA ASN A 78 10.88 -6.27 -5.99
C ASN A 78 11.89 -5.19 -6.36
N SER A 79 12.00 -4.17 -5.51
CA SER A 79 12.93 -3.08 -5.74
C SER A 79 12.68 -2.44 -7.10
N MET A 1 12.05 4.31 -2.13
CA MET A 1 13.20 3.57 -2.66
C MET A 1 13.46 2.31 -1.85
N THR A 2 13.87 2.49 -0.59
CA THR A 2 14.15 1.36 0.28
C THR A 2 12.89 0.92 1.04
N ARG A 3 13.02 -0.16 1.81
CA ARG A 3 11.90 -0.69 2.57
C ARG A 3 11.40 0.35 3.57
N GLU A 4 12.34 1.06 4.20
CA GLU A 4 11.99 2.08 5.18
C GLU A 4 11.13 3.17 4.55
N GLU A 5 11.70 3.87 3.57
CA GLU A 5 10.98 4.95 2.89
C GLU A 5 9.61 4.47 2.42
N VAL A 6 9.59 3.33 1.74
CA VAL A 6 8.34 2.77 1.24
C VAL A 6 7.36 2.51 2.37
N LEU A 7 7.80 1.77 3.38
CA LEU A 7 6.96 1.45 4.52
C LEU A 7 6.37 2.72 5.15
N GLN A 8 7.23 3.72 5.34
CA GLN A 8 6.80 4.98 5.92
C GLN A 8 5.73 5.64 5.06
N LYS A 9 6.08 5.96 3.82
CA LYS A 9 5.15 6.59 2.90
C LYS A 9 3.79 5.88 2.91
N VAL A 10 3.80 4.60 2.57
CA VAL A 10 2.59 3.80 2.55
C VAL A 10 1.80 3.95 3.85
N ALA A 11 2.52 3.88 4.97
CA ALA A 11 1.89 4.01 6.29
C ALA A 11 1.26 5.39 6.45
N LYS A 12 1.95 6.41 5.95
CA LYS A 12 1.46 7.78 6.05
C LYS A 12 0.26 8.00 5.12
N ILE A 13 0.48 7.82 3.82
CA ILE A 13 -0.57 7.99 2.83
C ILE A 13 -1.83 7.22 3.23
N ILE A 14 -1.63 6.02 3.77
CA ILE A 14 -2.75 5.19 4.20
C ILE A 14 -3.37 5.71 5.50
N SER A 15 -2.52 6.15 6.41
CA SER A 15 -2.98 6.67 7.70
C SER A 15 -3.69 8.01 7.51
N ASN A 16 -3.43 8.66 6.39
CA ASN A 16 -4.04 9.95 6.09
C ASN A 16 -5.32 9.76 5.27
N HIS A 17 -5.25 8.90 4.26
CA HIS A 17 -6.39 8.64 3.40
C HIS A 17 -7.49 7.90 4.17
N PHE A 18 -7.10 6.87 4.90
CA PHE A 18 -8.05 6.08 5.68
C PHE A 18 -8.10 6.58 7.12
N ASP A 19 -8.93 5.92 7.94
CA ASP A 19 -9.07 6.29 9.34
C ASP A 19 -8.22 5.39 10.22
N ILE A 20 -7.25 4.71 9.62
CA ILE A 20 -6.36 3.82 10.35
C ILE A 20 -5.25 4.59 11.04
N GLU A 21 -4.63 3.97 12.05
CA GLU A 21 -3.54 4.60 12.78
C GLU A 21 -2.19 4.22 12.19
N ALA A 22 -1.35 5.22 11.96
CA ALA A 22 -0.03 4.99 11.39
C ALA A 22 0.79 4.06 12.28
N ASP A 23 0.37 3.93 13.54
CA ASP A 23 1.07 3.06 14.48
C ASP A 23 0.43 1.69 14.54
N GLN A 24 -0.88 1.64 14.26
CA GLN A 24 -1.62 0.38 14.29
C GLN A 24 -1.40 -0.40 13.00
N VAL A 25 -1.22 0.31 11.90
CA VAL A 25 -1.00 -0.32 10.61
C VAL A 25 0.05 -1.42 10.70
N THR A 26 -0.40 -2.66 10.67
CA THR A 26 0.49 -3.81 10.74
C THR A 26 0.27 -4.77 9.59
N ASP A 27 1.26 -5.63 9.34
CA ASP A 27 1.16 -6.60 8.26
C ASP A 27 0.02 -7.59 8.49
N GLN A 28 -0.47 -7.62 9.73
CA GLN A 28 -1.57 -8.51 10.09
C GLN A 28 -2.90 -7.76 10.13
N LEU A 29 -2.91 -6.57 9.54
CA LEU A 29 -4.11 -5.75 9.50
C LEU A 29 -4.33 -5.16 8.11
N ASN A 30 -4.79 -5.99 7.19
CA ASN A 30 -5.05 -5.55 5.82
C ASN A 30 -6.02 -4.37 5.80
N ILE A 31 -5.60 -3.29 5.14
CA ILE A 31 -6.44 -2.09 5.05
C ILE A 31 -7.65 -2.33 4.15
N LYS A 32 -7.42 -2.97 3.01
CA LYS A 32 -8.50 -3.27 2.08
C LYS A 32 -9.69 -3.90 2.79
N ASP A 33 -9.40 -4.81 3.71
CA ASP A 33 -10.45 -5.48 4.47
C ASP A 33 -10.82 -4.68 5.71
N ASP A 34 -9.84 -4.43 6.56
CA ASP A 34 -10.06 -3.66 7.79
C ASP A 34 -10.88 -2.40 7.50
N LEU A 35 -10.37 -1.57 6.61
CA LEU A 35 -11.05 -0.33 6.25
C LEU A 35 -12.16 -0.59 5.23
N ASN A 36 -12.11 -1.77 4.60
CA ASN A 36 -13.12 -2.14 3.61
C ASN A 36 -13.03 -1.25 2.37
N ALA A 37 -11.82 -0.77 2.09
CA ALA A 37 -11.59 0.08 0.94
C ALA A 37 -12.21 -0.51 -0.32
N ASP A 38 -12.74 0.35 -1.18
CA ASP A 38 -13.37 -0.10 -2.42
C ASP A 38 -12.34 -0.72 -3.36
N SER A 39 -12.82 -1.35 -4.42
CA SER A 39 -11.94 -1.99 -5.39
C SER A 39 -11.28 -0.95 -6.30
N ILE A 40 -12.09 -0.06 -6.85
CA ILE A 40 -11.59 0.99 -7.73
C ILE A 40 -10.41 1.72 -7.09
N SER A 41 -10.55 2.05 -5.81
CA SER A 41 -9.50 2.76 -5.08
C SER A 41 -8.16 2.06 -5.25
N VAL A 42 -8.19 0.74 -5.32
CA VAL A 42 -6.97 -0.04 -5.49
C VAL A 42 -6.18 0.41 -6.72
N MET A 43 -6.92 0.74 -7.79
CA MET A 43 -6.31 1.18 -9.03
C MET A 43 -5.50 2.46 -8.81
N GLU A 44 -5.89 3.24 -7.81
CA GLU A 44 -5.21 4.49 -7.49
C GLU A 44 -4.04 4.25 -6.56
N PHE A 45 -4.30 3.57 -5.45
CA PHE A 45 -3.26 3.27 -4.47
C PHE A 45 -2.12 2.47 -5.12
N VAL A 46 -2.47 1.59 -6.04
CA VAL A 46 -1.48 0.77 -6.73
C VAL A 46 -0.64 1.60 -7.68
N LEU A 47 -1.18 2.74 -8.08
CA LEU A 47 -0.48 3.64 -9.00
C LEU A 47 0.51 4.52 -8.24
N GLU A 48 0.02 5.19 -7.21
CA GLU A 48 0.87 6.07 -6.41
C GLU A 48 2.12 5.34 -5.93
N LEU A 49 1.94 4.08 -5.52
CA LEU A 49 3.05 3.27 -5.05
C LEU A 49 3.98 2.89 -6.20
N GLU A 50 3.42 2.69 -7.37
CA GLU A 50 4.20 2.33 -8.55
C GLU A 50 4.98 3.53 -9.07
N ASP A 51 4.41 4.72 -8.91
CA ASP A 51 5.05 5.94 -9.35
C ASP A 51 6.04 6.45 -8.32
N GLU A 52 5.57 6.64 -7.10
CA GLU A 52 6.40 7.13 -6.01
C GLU A 52 7.68 6.30 -5.90
N PHE A 53 7.52 5.00 -5.67
CA PHE A 53 8.65 4.09 -5.54
C PHE A 53 9.29 3.81 -6.90
N GLY A 54 8.46 3.90 -7.95
CA GLY A 54 8.97 3.65 -9.29
C GLY A 54 9.17 2.17 -9.56
N THR A 55 8.12 1.38 -9.39
CA THR A 55 8.20 -0.05 -9.63
C THR A 55 6.94 -0.57 -10.32
N GLU A 56 7.10 -1.65 -11.09
CA GLU A 56 5.99 -2.23 -11.82
C GLU A 56 5.22 -3.21 -10.93
N ILE A 57 3.91 -3.00 -10.82
CA ILE A 57 3.06 -3.86 -10.01
C ILE A 57 2.15 -4.72 -10.88
N SER A 58 2.38 -6.03 -10.84
CA SER A 58 1.58 -6.97 -11.63
C SER A 58 0.09 -6.79 -11.34
N ASP A 59 -0.74 -7.33 -12.23
CA ASP A 59 -2.20 -7.23 -12.07
C ASP A 59 -2.71 -8.28 -11.09
N GLU A 60 -1.95 -9.37 -10.95
CA GLU A 60 -2.35 -10.45 -10.05
C GLU A 60 -1.97 -10.11 -8.61
N ASP A 61 -0.68 -9.93 -8.36
CA ASP A 61 -0.21 -9.60 -7.03
C ASP A 61 -0.86 -8.32 -6.51
N ALA A 62 -1.32 -7.49 -7.44
CA ALA A 62 -1.97 -6.23 -7.08
C ALA A 62 -3.06 -6.45 -6.05
N GLU A 63 -3.58 -7.68 -6.00
CA GLU A 63 -4.64 -8.01 -5.04
C GLU A 63 -4.05 -8.47 -3.71
N LYS A 64 -2.88 -9.09 -3.77
CA LYS A 64 -2.20 -9.58 -2.57
C LYS A 64 -1.09 -8.63 -2.15
N ILE A 65 -1.32 -7.33 -2.37
CA ILE A 65 -0.33 -6.32 -2.02
C ILE A 65 -1.00 -5.02 -1.60
N GLU A 66 -2.15 -5.15 -0.94
CA GLU A 66 -2.90 -3.97 -0.49
C GLU A 66 -2.77 -3.80 1.02
N THR A 67 -2.07 -4.74 1.66
CA THR A 67 -1.87 -4.69 3.11
C THR A 67 -0.53 -4.06 3.45
N VAL A 68 -0.40 -3.60 4.70
CA VAL A 68 0.83 -2.98 5.16
C VAL A 68 2.04 -3.84 4.81
N GLY A 69 1.96 -5.13 5.11
CA GLY A 69 3.05 -6.04 4.82
C GLY A 69 3.05 -6.50 3.38
N ALA A 70 1.88 -6.86 2.87
CA ALA A 70 1.75 -7.33 1.49
C ALA A 70 2.21 -6.26 0.51
N ALA A 71 2.30 -5.03 0.98
CA ALA A 71 2.73 -3.91 0.14
C ALA A 71 4.25 -3.78 0.14
N VAL A 72 4.81 -3.44 1.30
CA VAL A 72 6.25 -3.28 1.43
C VAL A 72 6.98 -4.54 1.00
N ASP A 73 6.42 -5.70 1.35
CA ASP A 73 7.02 -6.99 1.00
C ASP A 73 7.06 -7.17 -0.51
N TYR A 74 6.18 -6.46 -1.21
CA TYR A 74 6.12 -6.56 -2.67
C TYR A 74 7.04 -5.52 -3.32
N ILE A 75 6.87 -4.27 -2.94
CA ILE A 75 7.69 -3.19 -3.47
C ILE A 75 9.18 -3.45 -3.23
N VAL A 76 9.50 -3.85 -2.01
CA VAL A 76 10.88 -4.14 -1.64
C VAL A 76 11.41 -5.36 -2.39
N SER A 77 10.77 -6.50 -2.17
CA SER A 77 11.18 -7.74 -2.83
C SER A 77 11.31 -7.55 -4.33
N ASN A 78 10.50 -6.64 -4.87
CA ASN A 78 10.51 -6.36 -6.30
C ASN A 78 11.62 -5.37 -6.65
N SER A 79 11.91 -4.45 -5.73
CA SER A 79 12.94 -3.45 -5.94
C SER A 79 12.62 -2.59 -7.16
#